data_6CZL
#
_entry.id   6CZL
#
_cell.length_a   99.826
_cell.length_b   195.621
_cell.length_c   100.209
_cell.angle_alpha   90.00
_cell.angle_beta   95.85
_cell.angle_gamma   90.00
#
_symmetry.space_group_name_H-M   'P 1 21 1'
#
loop_
_entity.id
_entity.type
_entity.pdbx_description
1 polymer 'ATP phosphoribosyltransferase catalytic subunit'
2 non-polymer 'CHLORIDE ION'
3 non-polymer GLYCEROL
4 water water
#
_entity_poly.entity_id   1
_entity_poly.type   'polypeptide(L)'
_entity_poly.pdbx_seq_one_letter_code
;SNATHHQVLNGNTVSRQEIRLGLPSKGRMSSDTLDLLKDCQLSVKQVNPRQYVAQIPQISNLEVWFQRPKDIVRKLLSGD
LDLGIVGLDVLTEFGQGNEDLIVVHEALEYGDCRLSIAIPQYGIFENVNSLEELAKMPQWTEDKPLRVATGFTYLGPKFM
KDNGIKHVAFSTADGALEAAPAMGIADAILDLVSSGTTLKENNLKEIEGGTVLESQAALVASRRSMIGRKGVLETTHEML
ERLEAHLRAMGQFTVVANMRGSSAEEVAERVLSQPSLAGLQGPTVSPVFCKRDGKVSADYYAIVICVPKKALYKSIQQLR
AIGGSGVLVSPLTYIFDEETPRWRQLLSKLGL
;
_entity_poly.pdbx_strand_id   A,B,C,D,E,F
#
# COMPACT_ATOMS: atom_id res chain seq x y z
N SER A 15 -33.56 -25.25 19.39
CA SER A 15 -34.16 -26.12 18.33
C SER A 15 -33.82 -25.57 16.93
N ARG A 16 -32.59 -25.83 16.52
CA ARG A 16 -32.00 -25.25 15.31
C ARG A 16 -32.27 -26.15 14.08
N GLN A 17 -32.52 -25.52 12.93
CA GLN A 17 -32.95 -26.24 11.71
C GLN A 17 -31.99 -26.22 10.48
N GLU A 18 -31.04 -25.28 10.44
CA GLU A 18 -30.04 -25.23 9.35
C GLU A 18 -28.80 -26.09 9.64
N ILE A 19 -28.09 -26.45 8.57
CA ILE A 19 -26.79 -27.09 8.70
C ILE A 19 -25.79 -25.95 8.88
N ARG A 20 -24.85 -26.11 9.82
CA ARG A 20 -23.93 -25.03 10.20
C ARG A 20 -22.43 -25.38 10.10
N LEU A 21 -21.74 -24.68 9.21
CA LEU A 21 -20.30 -24.80 9.05
C LEU A 21 -19.62 -23.63 9.76
N GLY A 22 -18.67 -23.94 10.63
CA GLY A 22 -17.82 -22.93 11.26
C GLY A 22 -16.60 -22.67 10.42
N LEU A 23 -16.33 -21.40 10.11
CA LEU A 23 -15.15 -21.03 9.33
C LEU A 23 -14.30 -19.98 10.06
N PRO A 24 -12.95 -20.09 9.98
CA PRO A 24 -12.12 -19.12 10.65
C PRO A 24 -12.45 -17.70 10.22
N SER A 25 -12.58 -16.81 11.21
CA SER A 25 -13.02 -15.43 11.02
C SER A 25 -11.91 -14.45 10.78
N LYS A 26 -10.67 -14.83 11.06
CA LYS A 26 -9.55 -13.89 11.13
C LYS A 26 -8.26 -14.49 10.54
N GLY A 27 -7.46 -13.62 9.92
CA GLY A 27 -6.11 -13.95 9.55
C GLY A 27 -5.99 -14.49 8.14
N ARG A 28 -4.82 -15.03 7.85
CA ARG A 28 -4.57 -15.74 6.58
C ARG A 28 -5.32 -17.09 6.56
N MET A 29 -5.44 -17.71 7.73
CA MET A 29 -6.28 -18.90 7.90
C MET A 29 -7.66 -18.65 7.30
N SER A 30 -8.28 -17.53 7.66
CA SER A 30 -9.61 -17.17 7.17
C SER A 30 -9.67 -17.02 5.68
N SER A 31 -8.70 -16.32 5.11
CA SER A 31 -8.72 -15.98 3.69
C SER A 31 -8.29 -17.15 2.80
N ASP A 32 -7.40 -18.01 3.32
CA ASP A 32 -7.03 -19.24 2.59
C ASP A 32 -8.19 -20.21 2.57
N THR A 33 -8.93 -20.28 3.68
CA THR A 33 -10.12 -21.13 3.74
C THR A 33 -11.15 -20.70 2.72
N LEU A 34 -11.41 -19.40 2.61
CA LEU A 34 -12.35 -18.91 1.61
C LEU A 34 -11.87 -19.13 0.18
N ASP A 35 -10.59 -18.94 -0.09
CA ASP A 35 -10.03 -19.21 -1.43
C ASP A 35 -10.17 -20.67 -1.83
N LEU A 36 -9.98 -21.57 -0.87
CA LEU A 36 -10.11 -23.00 -1.13
C LEU A 36 -11.56 -23.33 -1.50
N LEU A 37 -12.51 -22.81 -0.73
CA LEU A 37 -13.93 -23.09 -0.97
C LEU A 37 -14.43 -22.48 -2.25
N LYS A 38 -13.83 -21.35 -2.67
CA LYS A 38 -14.12 -20.78 -4.00
C LYS A 38 -13.63 -21.73 -5.10
N ASP A 39 -12.40 -22.22 -4.97
CA ASP A 39 -11.85 -23.14 -5.95
C ASP A 39 -12.61 -24.47 -6.09
N CYS A 40 -13.44 -24.83 -5.11
CA CYS A 40 -14.25 -26.06 -5.16
C CYS A 40 -15.74 -25.81 -5.42
N GLN A 41 -16.08 -24.66 -6.00
CA GLN A 41 -17.46 -24.25 -6.23
C GLN A 41 -18.31 -24.30 -4.95
N LEU A 42 -17.70 -23.97 -3.82
CA LEU A 42 -18.40 -23.81 -2.54
C LEU A 42 -18.20 -22.37 -2.05
N SER A 43 -18.27 -21.42 -2.97
CA SER A 43 -18.12 -20.00 -2.65
C SER A 43 -19.02 -19.57 -1.51
N VAL A 44 -18.48 -18.72 -0.64
CA VAL A 44 -19.23 -18.15 0.47
C VAL A 44 -19.81 -16.82 -0.02
N LYS A 45 -21.10 -16.62 0.24
CA LYS A 45 -21.80 -15.37 -0.08
C LYS A 45 -22.30 -14.76 1.20
N GLN A 46 -22.22 -13.43 1.28
CA GLN A 46 -22.56 -12.70 2.48
C GLN A 46 -23.25 -11.38 2.12
N VAL A 47 -24.57 -11.35 2.35
CA VAL A 47 -25.37 -10.15 2.08
C VAL A 47 -24.95 -8.97 2.99
N ASN A 48 -24.61 -9.25 4.26
CA ASN A 48 -24.11 -8.23 5.21
C ASN A 48 -22.65 -8.51 5.66
N PRO A 49 -21.66 -8.06 4.87
CA PRO A 49 -20.23 -8.27 5.17
C PRO A 49 -19.77 -7.99 6.60
N ARG A 50 -20.42 -7.04 7.28
CA ARG A 50 -20.14 -6.77 8.69
C ARG A 50 -21.09 -7.50 9.67
N GLN A 51 -21.58 -8.67 9.27
CA GLN A 51 -22.13 -9.67 10.18
C GLN A 51 -21.24 -10.90 10.08
N TYR A 52 -21.48 -11.88 10.95
CA TYR A 52 -20.68 -13.11 11.02
C TYR A 52 -21.35 -14.32 10.36
N VAL A 53 -22.63 -14.19 10.02
CA VAL A 53 -23.39 -15.20 9.31
C VAL A 53 -23.24 -15.04 7.79
N ALA A 54 -23.23 -16.17 7.08
CA ALA A 54 -23.07 -16.19 5.63
C ALA A 54 -23.60 -17.52 5.08
N GLN A 55 -23.57 -17.66 3.75
CA GLN A 55 -24.10 -18.85 3.08
C GLN A 55 -23.15 -19.38 2.01
N ILE A 56 -23.16 -20.68 1.80
CA ILE A 56 -22.63 -21.28 0.58
C ILE A 56 -23.86 -21.63 -0.25
N PRO A 57 -24.05 -20.96 -1.41
CA PRO A 57 -25.23 -21.25 -2.25
C PRO A 57 -25.28 -22.65 -2.85
N GLN A 58 -24.16 -23.16 -3.35
CA GLN A 58 -24.06 -24.49 -3.99
C GLN A 58 -24.76 -25.56 -3.17
N ILE A 59 -24.62 -25.49 -1.85
CA ILE A 59 -25.30 -26.41 -0.94
C ILE A 59 -26.46 -25.70 -0.26
N SER A 60 -27.67 -26.11 -0.65
CA SER A 60 -28.92 -25.72 0.01
C SER A 60 -28.87 -25.99 1.52
N ASN A 61 -29.42 -25.07 2.30
CA ASN A 61 -29.57 -25.23 3.77
C ASN A 61 -28.29 -24.99 4.57
N LEU A 62 -27.16 -24.72 3.90
CA LEU A 62 -25.87 -24.61 4.58
C LEU A 62 -25.61 -23.18 5.00
N GLU A 63 -25.29 -23.02 6.28
CA GLU A 63 -25.18 -21.72 6.93
C GLU A 63 -23.77 -21.57 7.53
N VAL A 64 -22.97 -20.69 6.94
CA VAL A 64 -21.62 -20.40 7.45
C VAL A 64 -21.71 -19.49 8.68
N TRP A 65 -20.82 -19.72 9.65
CA TRP A 65 -20.63 -18.82 10.78
C TRP A 65 -19.14 -18.59 10.93
N PHE A 66 -18.72 -17.34 10.82
CA PHE A 66 -17.31 -16.99 11.02
C PHE A 66 -17.01 -16.89 12.50
N GLN A 67 -16.04 -17.68 12.94
CA GLN A 67 -15.66 -17.77 14.34
C GLN A 67 -14.16 -17.95 14.43
N ARG A 68 -13.62 -17.65 15.60
CA ARG A 68 -12.22 -17.93 15.91
C ARG A 68 -12.06 -19.44 16.06
N PRO A 69 -10.97 -20.02 15.52
CA PRO A 69 -10.82 -21.47 15.52
C PRO A 69 -11.14 -22.20 16.83
N LYS A 70 -10.71 -21.70 17.97
CA LYS A 70 -11.03 -22.39 19.23
C LYS A 70 -12.52 -22.33 19.57
N ASP A 71 -13.18 -21.22 19.22
CA ASP A 71 -14.64 -21.14 19.36
C ASP A 71 -15.38 -22.10 18.43
N ILE A 72 -14.82 -22.37 17.24
CA ILE A 72 -15.37 -23.40 16.33
C ILE A 72 -15.35 -24.76 17.02
N VAL A 73 -14.23 -25.10 17.64
CA VAL A 73 -14.11 -26.38 18.34
C VAL A 73 -15.09 -26.42 19.52
N ARG A 74 -15.14 -25.34 20.30
CA ARG A 74 -16.03 -25.26 21.46
C ARG A 74 -17.49 -25.35 21.05
N LYS A 75 -17.85 -24.77 19.91
CA LYS A 75 -19.22 -24.80 19.42
C LYS A 75 -19.62 -26.12 18.73
N LEU A 76 -18.65 -26.88 18.21
CA LEU A 76 -18.93 -28.25 17.73
C LEU A 76 -19.26 -29.19 18.90
N LEU A 77 -18.58 -29.01 20.02
CA LEU A 77 -18.77 -29.82 21.22
C LEU A 77 -20.09 -29.50 21.92
N SER A 78 -20.33 -28.21 22.16
CA SER A 78 -21.60 -27.75 22.71
C SER A 78 -22.75 -27.98 21.73
N GLY A 79 -22.42 -28.17 20.46
CA GLY A 79 -23.39 -28.60 19.46
C GLY A 79 -24.17 -27.44 18.91
N ASP A 80 -23.49 -26.31 18.74
CA ASP A 80 -24.03 -25.15 18.03
C ASP A 80 -23.51 -25.07 16.58
N LEU A 81 -22.54 -25.94 16.24
CA LEU A 81 -22.07 -26.15 14.86
C LEU A 81 -22.09 -27.63 14.54
N ASP A 82 -22.22 -27.95 13.26
CA ASP A 82 -22.19 -29.33 12.75
C ASP A 82 -20.86 -29.71 12.13
N LEU A 83 -20.31 -28.78 11.36
CA LEU A 83 -19.05 -28.91 10.67
C LEU A 83 -18.16 -27.71 10.97
N GLY A 84 -16.86 -27.87 10.73
CA GLY A 84 -15.92 -26.78 10.89
C GLY A 84 -14.59 -27.03 10.19
N ILE A 85 -13.90 -25.96 9.86
CA ILE A 85 -12.56 -26.02 9.31
C ILE A 85 -11.65 -25.31 10.29
N VAL A 86 -10.72 -26.06 10.88
CA VAL A 86 -9.73 -25.53 11.84
C VAL A 86 -8.42 -26.27 11.67
N GLY A 87 -7.37 -25.74 12.29
CA GLY A 87 -6.08 -26.40 12.29
C GLY A 87 -6.14 -27.55 13.27
N LEU A 88 -5.39 -28.61 12.98
CA LEU A 88 -5.29 -29.75 13.88
C LEU A 88 -4.65 -29.38 15.22
N ASP A 89 -3.83 -28.33 15.23
CA ASP A 89 -3.31 -27.76 16.48
C ASP A 89 -4.43 -27.39 17.45
N VAL A 90 -5.32 -26.50 17.01
CA VAL A 90 -6.40 -26.03 17.86
C VAL A 90 -7.44 -27.14 18.10
N LEU A 91 -7.62 -28.05 17.15
CA LEU A 91 -8.55 -29.16 17.35
C LEU A 91 -8.09 -30.03 18.52
N THR A 92 -6.83 -30.48 18.45
CA THR A 92 -6.29 -31.39 19.47
C THR A 92 -6.21 -30.73 20.86
N GLU A 93 -5.84 -29.46 20.89
CA GLU A 93 -5.74 -28.75 22.16
C GLU A 93 -7.08 -28.63 22.87
N PHE A 94 -8.08 -28.11 22.16
CA PHE A 94 -9.40 -27.81 22.75
C PHE A 94 -10.39 -28.96 22.67
N GLY A 95 -10.20 -29.86 21.70
CA GLY A 95 -11.02 -31.07 21.57
C GLY A 95 -10.68 -32.09 22.64
N GLN A 96 -9.39 -32.30 22.87
CA GLN A 96 -8.90 -33.19 23.93
C GLN A 96 -9.28 -34.64 23.71
N GLY A 97 -9.25 -35.09 22.45
CA GLY A 97 -9.58 -36.47 22.10
C GLY A 97 -11.04 -36.86 22.29
N ASN A 98 -11.92 -35.85 22.24
CA ASN A 98 -13.36 -36.06 22.36
C ASN A 98 -13.86 -36.83 21.13
N GLU A 99 -14.57 -37.93 21.38
CA GLU A 99 -15.00 -38.82 20.32
C GLU A 99 -16.09 -38.27 19.42
N ASP A 100 -16.75 -37.17 19.83
CA ASP A 100 -17.73 -36.50 18.97
C ASP A 100 -17.10 -35.76 17.79
N LEU A 101 -15.81 -35.42 17.91
CA LEU A 101 -15.09 -34.78 16.80
C LEU A 101 -14.43 -35.84 15.94
N ILE A 102 -14.59 -35.68 14.63
CA ILE A 102 -14.05 -36.61 13.63
C ILE A 102 -13.42 -35.78 12.52
N VAL A 103 -12.11 -35.92 12.31
CA VAL A 103 -11.46 -35.28 11.16
C VAL A 103 -11.92 -35.97 9.89
N VAL A 104 -12.71 -35.27 9.08
CA VAL A 104 -13.19 -35.74 7.79
C VAL A 104 -12.09 -35.63 6.74
N HIS A 105 -11.39 -34.50 6.73
CA HIS A 105 -10.20 -34.33 5.92
C HIS A 105 -9.12 -33.68 6.76
N GLU A 106 -7.99 -34.39 6.93
CA GLU A 106 -6.89 -33.99 7.80
C GLU A 106 -5.74 -33.22 7.12
N ALA A 107 -5.98 -32.65 5.94
CA ALA A 107 -4.92 -32.14 5.08
C ALA A 107 -5.43 -31.32 3.90
N LEU A 108 -5.92 -30.10 4.20
CA LEU A 108 -6.36 -29.16 3.17
C LEU A 108 -5.20 -28.35 2.57
N GLU A 109 -3.96 -28.66 2.95
CA GLU A 109 -2.75 -28.10 2.34
C GLU A 109 -2.52 -26.58 2.57
N TYR A 110 -3.13 -26.04 3.62
CA TYR A 110 -2.79 -24.71 4.11
C TYR A 110 -2.81 -24.70 5.64
N GLY A 111 -2.32 -23.60 6.22
CA GLY A 111 -2.13 -23.50 7.65
C GLY A 111 -1.08 -24.46 8.17
N ASP A 112 -0.01 -24.66 7.41
CA ASP A 112 0.97 -25.70 7.76
C ASP A 112 1.85 -25.15 8.85
N CYS A 113 1.98 -25.91 9.93
CA CYS A 113 2.85 -25.57 11.05
C CYS A 113 3.03 -26.80 11.91
N ARG A 114 4.05 -26.78 12.76
CA ARG A 114 4.24 -27.86 13.74
C ARG A 114 4.34 -27.28 15.13
N LEU A 115 3.81 -28.03 16.10
CA LEU A 115 3.89 -27.68 17.52
C LEU A 115 5.08 -28.44 18.07
N SER A 116 6.08 -27.70 18.57
CA SER A 116 7.34 -28.32 18.96
C SER A 116 8.01 -27.64 20.14
N ILE A 117 8.98 -28.35 20.71
CA ILE A 117 9.81 -27.84 21.80
C ILE A 117 10.98 -27.09 21.20
N ALA A 118 11.25 -25.92 21.77
CA ALA A 118 12.45 -25.14 21.48
C ALA A 118 13.20 -24.86 22.77
N ILE A 119 14.52 -25.02 22.72
CA ILE A 119 15.42 -24.75 23.85
C ILE A 119 16.52 -23.78 23.39
N PRO A 120 17.24 -23.15 24.34
CA PRO A 120 18.36 -22.28 23.98
C PRO A 120 19.50 -23.02 23.29
N GLN A 121 20.22 -22.33 22.41
CA GLN A 121 21.47 -22.84 21.85
C GLN A 121 22.60 -22.55 22.86
N TYR A 122 22.71 -21.26 23.20
CA TYR A 122 23.82 -20.71 23.97
C TYR A 122 24.28 -21.50 25.22
N GLY A 123 23.38 -21.73 26.17
CA GLY A 123 23.78 -21.99 27.56
C GLY A 123 24.21 -23.42 27.88
N ILE A 124 23.56 -24.02 28.87
CA ILE A 124 23.84 -25.42 29.26
C ILE A 124 23.30 -26.44 28.25
N PHE A 125 22.89 -25.99 27.06
CA PHE A 125 22.18 -26.81 26.10
C PHE A 125 22.96 -27.11 24.81
N GLU A 126 24.19 -26.56 24.68
CA GLU A 126 24.96 -26.63 23.42
C GLU A 126 25.02 -28.03 22.80
N ASN A 127 25.26 -29.04 23.63
CA ASN A 127 25.33 -30.43 23.19
C ASN A 127 24.05 -31.24 23.55
N VAL A 128 22.90 -30.59 23.40
CA VAL A 128 21.58 -31.20 23.61
C VAL A 128 20.74 -30.99 22.35
N ASN A 129 20.62 -32.04 21.52
CA ASN A 129 19.88 -32.00 20.25
C ASN A 129 18.79 -33.08 20.18
N SER A 130 18.28 -33.50 21.33
CA SER A 130 17.33 -34.61 21.40
C SER A 130 16.48 -34.51 22.66
N LEU A 131 15.24 -34.98 22.57
CA LEU A 131 14.31 -34.94 23.71
C LEU A 131 14.84 -35.71 24.90
N GLU A 132 15.24 -36.96 24.67
CA GLU A 132 15.83 -37.78 25.73
C GLU A 132 17.09 -37.15 26.30
N GLU A 133 17.94 -36.59 25.43
CA GLU A 133 19.15 -35.86 25.86
C GLU A 133 18.87 -34.75 26.88
N LEU A 134 17.81 -33.97 26.65
CA LEU A 134 17.41 -32.92 27.61
C LEU A 134 16.62 -33.50 28.80
N ALA A 135 15.88 -34.59 28.58
CA ALA A 135 15.18 -35.30 29.67
C ALA A 135 16.14 -35.93 30.68
N LYS A 136 17.24 -36.50 30.19
CA LYS A 136 18.26 -37.14 31.05
C LYS A 136 19.04 -36.19 31.98
N MET A 137 19.10 -34.89 31.64
CA MET A 137 19.97 -33.95 32.35
C MET A 137 19.65 -33.87 33.85
N PRO A 138 20.69 -33.79 34.70
CA PRO A 138 20.50 -33.89 36.15
C PRO A 138 19.82 -32.70 36.83
N GLN A 139 19.78 -31.53 36.18
CA GLN A 139 19.30 -30.30 36.82
C GLN A 139 17.88 -30.42 37.37
N TRP A 140 17.02 -31.17 36.69
CA TRP A 140 15.59 -31.10 36.93
C TRP A 140 15.06 -32.18 37.87
N THR A 141 14.36 -31.72 38.90
CA THR A 141 14.01 -32.51 40.07
C THR A 141 12.68 -32.00 40.62
N GLU A 142 12.02 -32.83 41.43
CA GLU A 142 10.74 -32.46 42.10
C GLU A 142 10.71 -31.05 42.71
N ASP A 143 11.83 -30.60 43.26
CA ASP A 143 11.89 -29.32 43.96
C ASP A 143 12.00 -28.17 42.96
N LYS A 144 13.06 -28.18 42.14
CA LYS A 144 13.22 -27.23 41.03
C LYS A 144 13.07 -27.96 39.68
N PRO A 145 11.89 -27.81 39.01
CA PRO A 145 11.60 -28.58 37.80
C PRO A 145 11.98 -27.85 36.51
N LEU A 146 11.82 -28.53 35.38
CA LEU A 146 11.99 -27.93 34.06
C LEU A 146 10.79 -27.01 33.74
N ARG A 147 11.02 -25.70 33.78
CA ARG A 147 9.94 -24.73 33.55
C ARG A 147 9.71 -24.57 32.05
N VAL A 148 8.45 -24.70 31.62
CA VAL A 148 8.09 -24.61 30.19
C VAL A 148 6.96 -23.63 29.93
N ALA A 149 7.24 -22.59 29.15
CA ALA A 149 6.25 -21.59 28.75
C ALA A 149 5.51 -22.05 27.49
N THR A 150 4.17 -22.01 27.52
CA THR A 150 3.39 -22.53 26.42
C THR A 150 1.96 -21.97 26.37
N GLY A 151 1.42 -21.86 25.16
CA GLY A 151 -0.01 -21.64 24.97
C GLY A 151 -0.79 -22.92 25.21
N PHE A 152 -0.15 -24.05 24.92
CA PHE A 152 -0.80 -25.35 24.89
C PHE A 152 -0.74 -26.05 26.26
N THR A 153 -1.69 -25.63 27.11
CA THR A 153 -1.75 -26.04 28.51
C THR A 153 -2.21 -27.50 28.66
N TYR A 154 -3.07 -27.97 27.76
CA TYR A 154 -3.48 -29.39 27.71
C TYR A 154 -2.41 -30.28 27.10
N LEU A 155 -1.86 -29.88 25.96
CA LEU A 155 -0.98 -30.76 25.18
C LEU A 155 0.45 -30.88 25.71
N GLY A 156 0.95 -29.86 26.40
CA GLY A 156 2.28 -29.93 27.00
C GLY A 156 2.40 -31.04 28.04
N PRO A 157 1.62 -30.93 29.15
CA PRO A 157 1.54 -31.98 30.18
C PRO A 157 1.28 -33.36 29.63
N LYS A 158 0.30 -33.47 28.73
CA LYS A 158 -0.02 -34.72 28.09
C LYS A 158 1.16 -35.29 27.29
N PHE A 159 1.84 -34.43 26.53
CA PHE A 159 2.99 -34.85 25.71
C PHE A 159 4.12 -35.43 26.55
N MET A 160 4.47 -34.73 27.62
CA MET A 160 5.64 -35.08 28.41
C MET A 160 5.38 -36.19 29.44
N LYS A 161 4.13 -36.34 29.88
CA LYS A 161 3.72 -37.57 30.57
C LYS A 161 3.79 -38.79 29.62
N ASP A 162 3.31 -38.61 28.39
CA ASP A 162 3.27 -39.68 27.39
C ASP A 162 4.67 -40.15 26.96
N ASN A 163 5.65 -39.24 27.00
CA ASN A 163 7.06 -39.60 26.77
C ASN A 163 7.79 -39.97 28.07
N GLY A 164 7.32 -39.45 29.21
CA GLY A 164 7.87 -39.78 30.53
C GLY A 164 8.91 -38.77 30.97
N ILE A 165 8.43 -37.58 31.32
CA ILE A 165 9.25 -36.52 31.93
C ILE A 165 8.43 -35.94 33.10
N LYS A 166 8.69 -36.45 34.31
CA LYS A 166 7.90 -36.13 35.50
C LYS A 166 8.12 -34.70 36.01
N HIS A 167 9.37 -34.24 35.96
CA HIS A 167 9.77 -32.99 36.62
C HIS A 167 9.66 -31.78 35.67
N VAL A 168 8.42 -31.34 35.40
CA VAL A 168 8.16 -30.18 34.53
C VAL A 168 7.03 -29.29 35.08
N ALA A 169 7.17 -27.98 34.87
CA ALA A 169 6.20 -26.98 35.34
C ALA A 169 5.78 -26.07 34.19
N PHE A 170 4.48 -25.83 34.06
CA PHE A 170 3.92 -25.14 32.90
C PHE A 170 3.34 -23.76 33.21
N SER A 171 4.19 -22.74 33.20
CA SER A 171 3.74 -21.35 33.16
C SER A 171 3.08 -21.13 31.80
N THR A 172 1.93 -20.47 31.78
CA THR A 172 1.22 -20.20 30.51
C THR A 172 1.48 -18.78 30.07
N ALA A 173 1.62 -18.60 28.77
CA ALA A 173 1.59 -17.28 28.15
C ALA A 173 0.83 -17.39 26.84
N ASP A 174 0.26 -16.27 26.43
CA ASP A 174 -0.64 -16.22 25.29
C ASP A 174 -0.09 -15.19 24.31
N GLY A 175 1.03 -15.55 23.69
CA GLY A 175 1.70 -14.74 22.70
C GLY A 175 3.09 -14.35 23.15
N ALA A 176 3.99 -14.18 22.18
CA ALA A 176 5.38 -13.73 22.39
C ALA A 176 6.22 -14.62 23.29
N LEU A 177 6.11 -15.92 23.07
CA LEU A 177 6.80 -16.92 23.91
C LEU A 177 8.30 -16.94 23.76
N GLU A 178 8.83 -16.57 22.59
CA GLU A 178 10.29 -16.61 22.37
C GLU A 178 11.05 -15.75 23.38
N ALA A 179 10.37 -14.76 23.97
CA ALA A 179 10.90 -13.96 25.06
C ALA A 179 11.23 -14.74 26.32
N ALA A 180 10.38 -15.69 26.71
CA ALA A 180 10.46 -16.39 28.02
C ALA A 180 11.86 -16.92 28.45
N PRO A 181 12.58 -17.61 27.54
CA PRO A 181 13.96 -18.00 27.89
C PRO A 181 14.86 -16.81 28.18
N ALA A 182 14.91 -15.85 27.26
CA ALA A 182 15.70 -14.62 27.42
C ALA A 182 15.29 -13.78 28.63
N MET A 183 14.03 -13.86 29.01
CA MET A 183 13.48 -13.10 30.13
C MET A 183 13.83 -13.77 31.47
N GLY A 184 14.00 -15.10 31.45
CA GLY A 184 14.30 -15.87 32.67
C GLY A 184 13.12 -16.59 33.29
N ILE A 185 11.91 -16.29 32.85
CA ILE A 185 10.67 -16.94 33.36
C ILE A 185 10.56 -18.45 33.02
N ALA A 186 11.26 -18.92 31.97
CA ALA A 186 11.29 -20.37 31.69
C ALA A 186 12.53 -20.86 30.94
N ASP A 187 12.73 -22.18 30.99
CA ASP A 187 13.92 -22.83 30.43
C ASP A 187 13.71 -23.26 28.98
N ALA A 188 12.46 -23.63 28.67
CA ALA A 188 12.09 -24.07 27.32
C ALA A 188 10.67 -23.61 26.99
N ILE A 189 10.39 -23.49 25.70
CA ILE A 189 9.02 -23.22 25.23
C ILE A 189 8.49 -24.38 24.42
N LEU A 190 7.16 -24.44 24.36
CA LEU A 190 6.41 -25.34 23.50
C LEU A 190 5.46 -24.47 22.67
N ASP A 191 5.69 -24.38 21.36
CA ASP A 191 4.86 -23.53 20.50
C ASP A 191 4.91 -23.90 19.00
N LEU A 192 4.18 -23.13 18.18
CA LEU A 192 4.08 -23.38 16.75
C LEU A 192 5.28 -22.83 15.98
N VAL A 193 5.73 -23.61 14.99
CA VAL A 193 6.75 -23.20 14.04
C VAL A 193 6.28 -23.56 12.64
N SER A 194 6.69 -22.78 11.64
CA SER A 194 6.51 -23.12 10.22
C SER A 194 7.77 -22.78 9.40
N SER A 195 8.03 -21.48 9.23
CA SER A 195 9.20 -20.99 8.48
C SER A 195 10.56 -21.32 9.13
N GLY A 196 10.59 -21.42 10.46
CA GLY A 196 11.81 -21.69 11.21
C GLY A 196 12.74 -20.50 11.35
N THR A 197 12.25 -19.31 10.98
CA THR A 197 13.05 -18.09 10.97
C THR A 197 13.11 -17.49 12.38
N THR A 198 11.93 -17.32 12.97
CA THR A 198 11.72 -16.57 14.21
C THR A 198 12.64 -16.94 15.37
N LEU A 199 12.88 -18.24 15.54
CA LEU A 199 13.53 -18.74 16.74
C LEU A 199 15.05 -18.93 16.61
N LYS A 200 15.59 -18.80 15.39
CA LYS A 200 17.02 -18.52 15.21
C LYS A 200 17.34 -17.12 15.73
N GLU A 201 16.45 -16.16 15.44
CA GLU A 201 16.63 -14.76 15.86
C GLU A 201 16.50 -14.52 17.38
N ASN A 202 15.90 -15.45 18.11
CA ASN A 202 15.85 -15.42 19.58
C ASN A 202 16.75 -16.50 20.21
N ASN A 203 17.77 -16.94 19.47
CA ASN A 203 18.80 -17.87 19.96
C ASN A 203 18.27 -19.19 20.52
N LEU A 204 17.31 -19.80 19.80
CA LEU A 204 16.70 -21.08 20.18
C LEU A 204 16.85 -22.11 19.06
N LYS A 205 16.61 -23.37 19.42
CA LYS A 205 16.73 -24.47 18.49
C LYS A 205 15.69 -25.56 18.75
N GLU A 206 15.25 -26.22 17.69
CA GLU A 206 14.43 -27.42 17.84
C GLU A 206 15.35 -28.60 18.10
N ILE A 207 14.75 -29.75 18.41
CA ILE A 207 15.51 -30.94 18.78
C ILE A 207 14.92 -32.17 18.08
N GLU A 208 15.64 -33.29 18.12
CA GLU A 208 15.12 -34.56 17.62
C GLU A 208 14.10 -35.13 18.60
N GLY A 209 12.98 -35.60 18.07
CA GLY A 209 11.88 -36.14 18.86
C GLY A 209 11.16 -35.09 19.70
N GLY A 210 11.30 -33.81 19.30
CA GLY A 210 10.79 -32.68 20.07
C GLY A 210 9.45 -32.13 19.57
N THR A 211 9.06 -32.47 18.34
CA THR A 211 7.82 -31.96 17.76
C THR A 211 6.67 -32.77 18.31
N VAL A 212 5.70 -32.07 18.89
CA VAL A 212 4.51 -32.69 19.49
C VAL A 212 3.54 -33.15 18.39
N LEU A 213 3.43 -32.37 17.32
CA LEU A 213 2.33 -32.50 16.37
C LEU A 213 2.59 -31.69 15.10
N GLU A 214 2.14 -32.20 13.95
CA GLU A 214 2.23 -31.49 12.68
C GLU A 214 0.83 -31.12 12.19
N SER A 215 0.55 -29.83 12.10
CA SER A 215 -0.80 -29.34 11.85
C SER A 215 -0.94 -28.81 10.43
N GLN A 216 -2.16 -28.91 9.94
CA GLN A 216 -2.64 -28.05 8.85
C GLN A 216 -4.15 -27.91 8.98
N ALA A 217 -4.76 -27.10 8.10
CA ALA A 217 -6.20 -26.94 8.11
C ALA A 217 -6.87 -28.29 7.85
N ALA A 218 -8.02 -28.51 8.49
CA ALA A 218 -8.72 -29.78 8.43
C ALA A 218 -10.22 -29.55 8.46
N LEU A 219 -10.96 -30.47 7.86
CA LEU A 219 -12.41 -30.43 7.92
C LEU A 219 -12.84 -31.35 9.03
N VAL A 220 -13.54 -30.83 10.02
CA VAL A 220 -13.98 -31.59 11.18
C VAL A 220 -15.50 -31.58 11.24
N ALA A 221 -16.06 -32.70 11.72
CA ALA A 221 -17.50 -32.88 11.80
C ALA A 221 -17.90 -33.39 13.17
N SER A 222 -19.06 -32.95 13.65
CA SER A 222 -19.67 -33.48 14.87
C SER A 222 -20.29 -34.86 14.55
N ARG A 223 -20.01 -35.85 15.40
CA ARG A 223 -20.57 -37.19 15.21
C ARG A 223 -22.10 -37.19 15.41
N ARG A 224 -22.54 -36.57 16.50
CA ARG A 224 -23.98 -36.40 16.79
C ARG A 224 -24.70 -35.70 15.66
N SER A 225 -24.02 -34.73 15.02
CA SER A 225 -24.61 -34.01 13.89
C SER A 225 -24.82 -34.93 12.69
N MET A 226 -23.81 -35.74 12.36
CA MET A 226 -23.88 -36.61 11.19
C MET A 226 -25.00 -37.67 11.31
N ILE A 227 -25.07 -38.29 12.48
CA ILE A 227 -26.08 -39.30 12.76
C ILE A 227 -27.44 -38.66 13.02
N GLY A 228 -27.44 -37.63 13.87
CA GLY A 228 -28.66 -37.01 14.38
C GLY A 228 -29.38 -36.04 13.47
N ARG A 229 -28.65 -35.19 12.74
CA ARG A 229 -29.28 -34.13 11.97
C ARG A 229 -29.39 -34.46 10.48
N LYS A 230 -30.55 -34.13 9.91
CA LYS A 230 -30.86 -34.35 8.50
C LYS A 230 -30.01 -33.46 7.60
N GLY A 231 -29.30 -34.09 6.65
CA GLY A 231 -28.56 -33.37 5.61
C GLY A 231 -27.09 -33.10 5.91
N VAL A 232 -26.64 -33.41 7.14
CA VAL A 232 -25.25 -33.15 7.56
C VAL A 232 -24.34 -34.14 6.87
N LEU A 233 -24.61 -35.42 7.08
CA LEU A 233 -23.84 -36.50 6.46
C LEU A 233 -23.86 -36.39 4.94
N GLU A 234 -24.98 -35.91 4.42
CA GLU A 234 -25.17 -35.73 2.99
C GLU A 234 -24.27 -34.62 2.46
N THR A 235 -24.23 -33.46 3.14
CA THR A 235 -23.38 -32.34 2.69
C THR A 235 -21.88 -32.54 3.00
N THR A 236 -21.57 -33.25 4.09
CA THR A 236 -20.20 -33.66 4.40
C THR A 236 -19.61 -34.48 3.26
N HIS A 237 -20.44 -35.35 2.68
CA HIS A 237 -20.07 -36.13 1.52
C HIS A 237 -19.73 -35.20 0.36
N GLU A 238 -20.65 -34.29 0.03
CA GLU A 238 -20.47 -33.35 -1.08
C GLU A 238 -19.23 -32.51 -0.87
N MET A 239 -19.13 -31.89 0.29
CA MET A 239 -17.98 -31.07 0.66
C MET A 239 -16.65 -31.82 0.52
N LEU A 240 -16.58 -33.00 1.10
CA LEU A 240 -15.38 -33.84 1.01
C LEU A 240 -15.02 -34.13 -0.44
N GLU A 241 -16.00 -34.56 -1.23
CA GLU A 241 -15.74 -34.95 -2.61
C GLU A 241 -15.31 -33.81 -3.54
N ARG A 242 -15.79 -32.60 -3.26
CA ARG A 242 -15.39 -31.42 -4.03
C ARG A 242 -14.00 -30.93 -3.63
N LEU A 243 -13.72 -30.92 -2.32
CA LEU A 243 -12.39 -30.52 -1.80
C LEU A 243 -11.32 -31.46 -2.31
N GLU A 244 -11.57 -32.75 -2.12
CA GLU A 244 -10.63 -33.78 -2.50
C GLU A 244 -10.38 -33.81 -4.00
N ALA A 245 -11.40 -33.46 -4.78
CA ALA A 245 -11.27 -33.45 -6.22
C ALA A 245 -10.34 -32.34 -6.65
N HIS A 246 -10.57 -31.15 -6.09
CA HIS A 246 -9.67 -30.03 -6.31
C HIS A 246 -8.25 -30.34 -5.86
N LEU A 247 -8.10 -30.86 -4.65
CA LEU A 247 -6.80 -31.14 -4.08
C LEU A 247 -6.03 -32.15 -4.92
N ARG A 248 -6.72 -33.18 -5.43
CA ARG A 248 -6.06 -34.20 -6.25
C ARG A 248 -5.59 -33.59 -7.58
N ALA A 249 -6.48 -32.83 -8.22
CA ALA A 249 -6.18 -32.18 -9.49
C ALA A 249 -4.98 -31.23 -9.43
N MET A 250 -4.73 -30.65 -8.26
CA MET A 250 -3.55 -29.77 -8.06
C MET A 250 -2.24 -30.53 -8.02
N GLY A 251 -2.28 -31.81 -7.66
CA GLY A 251 -1.12 -32.69 -7.78
C GLY A 251 -0.92 -33.43 -9.10
N GLN A 252 -1.78 -33.21 -10.11
CA GLN A 252 -1.72 -33.94 -11.38
C GLN A 252 -1.63 -33.06 -12.62
N PHE A 253 -1.18 -33.68 -13.71
CA PHE A 253 -1.22 -33.14 -15.07
C PHE A 253 -1.81 -34.22 -15.98
N THR A 254 -2.34 -33.82 -17.14
CA THR A 254 -2.56 -34.78 -18.24
C THR A 254 -1.44 -34.62 -19.25
N VAL A 255 -0.98 -35.76 -19.74
CA VAL A 255 0.21 -35.89 -20.55
C VAL A 255 -0.18 -36.67 -21.78
N VAL A 256 0.02 -36.07 -22.97
CA VAL A 256 -0.23 -36.78 -24.23
C VAL A 256 1.08 -36.93 -25.02
N ALA A 257 1.47 -38.17 -25.30
CA ALA A 257 2.74 -38.45 -25.97
C ALA A 257 2.52 -39.21 -27.28
N ASN A 258 3.42 -38.99 -28.24
CA ASN A 258 3.35 -39.64 -29.56
C ASN A 258 4.32 -40.82 -29.67
N MET A 259 3.76 -42.01 -29.94
CA MET A 259 4.51 -43.28 -29.96
C MET A 259 4.49 -43.89 -31.36
N ARG A 260 5.67 -44.17 -31.94
CA ARG A 260 5.74 -44.93 -33.20
C ARG A 260 5.32 -46.38 -32.93
N GLY A 261 4.45 -46.90 -33.79
CA GLY A 261 3.90 -48.24 -33.59
C GLY A 261 3.14 -48.81 -34.76
N SER A 262 2.77 -50.08 -34.64
CA SER A 262 1.99 -50.79 -35.65
C SER A 262 0.50 -50.64 -35.38
N SER A 263 0.11 -50.89 -34.13
CA SER A 263 -1.29 -50.78 -33.69
C SER A 263 -1.41 -50.10 -32.33
N ALA A 264 -2.64 -49.73 -31.98
CA ALA A 264 -2.95 -49.01 -30.74
C ALA A 264 -2.98 -49.91 -29.50
N GLU A 265 -3.12 -51.21 -29.68
CA GLU A 265 -3.02 -52.17 -28.57
C GLU A 265 -1.55 -52.46 -28.24
N GLU A 266 -0.71 -52.44 -29.29
CA GLU A 266 0.72 -52.67 -29.16
C GLU A 266 1.40 -51.60 -28.32
N VAL A 267 1.09 -50.33 -28.59
CA VAL A 267 1.67 -49.21 -27.83
C VAL A 267 1.13 -49.19 -26.39
N ALA A 268 -0.15 -49.53 -26.21
CA ALA A 268 -0.76 -49.65 -24.87
C ALA A 268 -0.06 -50.68 -23.99
N GLU A 269 0.22 -51.86 -24.58
CA GLU A 269 1.01 -52.93 -23.93
C GLU A 269 2.36 -52.38 -23.44
N ARG A 270 3.05 -51.62 -24.27
CA ARG A 270 4.33 -51.05 -23.89
C ARG A 270 4.26 -50.09 -22.70
N VAL A 271 3.17 -49.32 -22.64
CA VAL A 271 2.95 -48.35 -21.56
C VAL A 271 2.55 -49.07 -20.26
N LEU A 272 1.56 -49.96 -20.34
CA LEU A 272 1.03 -50.62 -19.14
C LEU A 272 2.01 -51.56 -18.44
N SER A 273 2.96 -52.12 -19.18
CA SER A 273 3.97 -53.03 -18.61
C SER A 273 5.20 -52.30 -18.01
N GLN A 274 5.23 -50.97 -18.13
CA GLN A 274 6.16 -50.11 -17.38
C GLN A 274 5.51 -49.79 -16.01
N PRO A 275 5.93 -50.49 -14.93
CA PRO A 275 5.26 -50.34 -13.63
C PRO A 275 5.55 -49.02 -12.89
N SER A 276 6.77 -48.52 -13.01
CA SER A 276 7.15 -47.24 -12.39
C SER A 276 6.47 -46.01 -13.02
N LEU A 277 5.96 -46.17 -14.24
CA LEU A 277 5.18 -45.12 -14.91
C LEU A 277 3.83 -44.93 -14.21
N ALA A 278 3.28 -43.72 -14.31
CA ALA A 278 2.08 -43.30 -13.56
C ALA A 278 0.83 -44.17 -13.77
N GLY A 279 -0.04 -44.15 -12.76
CA GLY A 279 -1.21 -45.01 -12.66
C GLY A 279 -2.52 -44.26 -12.61
N LEU A 280 -2.85 -43.55 -13.69
CA LEU A 280 -4.24 -43.18 -14.01
C LEU A 280 -5.06 -44.47 -14.16
N GLN A 281 -6.37 -44.40 -13.94
CA GLN A 281 -7.28 -45.55 -14.19
C GLN A 281 -6.87 -46.37 -15.42
N GLY A 282 -6.60 -45.67 -16.53
CA GLY A 282 -5.78 -46.24 -17.61
C GLY A 282 -5.50 -45.27 -18.77
N PRO A 283 -4.56 -45.64 -19.66
CA PRO A 283 -4.26 -44.88 -20.88
C PRO A 283 -5.33 -44.92 -21.98
N THR A 284 -5.29 -43.91 -22.84
CA THR A 284 -6.11 -43.81 -24.04
C THR A 284 -5.14 -43.73 -25.20
N VAL A 285 -5.35 -44.57 -26.21
CA VAL A 285 -4.61 -44.42 -27.46
C VAL A 285 -5.57 -44.11 -28.60
N SER A 286 -5.17 -43.09 -29.37
CA SER A 286 -5.83 -42.72 -30.63
C SER A 286 -4.73 -42.55 -31.68
N PRO A 287 -5.07 -42.71 -32.97
CA PRO A 287 -4.04 -42.62 -33.99
C PRO A 287 -3.78 -41.17 -34.42
N VAL A 288 -2.53 -40.86 -34.71
CA VAL A 288 -2.13 -39.56 -35.23
C VAL A 288 -1.92 -39.69 -36.73
N PHE A 289 -2.67 -38.92 -37.52
CA PHE A 289 -2.59 -38.98 -38.98
C PHE A 289 -1.55 -38.01 -39.51
N CYS A 290 -0.80 -38.44 -40.53
CA CYS A 290 0.31 -37.67 -41.10
C CYS A 290 0.44 -37.98 -42.60
N LYS A 291 1.13 -37.11 -43.32
CA LYS A 291 1.23 -37.20 -44.78
C LYS A 291 2.54 -36.61 -45.30
N GLY A 294 4.43 -37.79 -49.54
CA GLY A 294 4.03 -39.05 -48.93
C GLY A 294 2.59 -39.39 -49.22
N LYS A 295 1.89 -39.92 -48.21
CA LYS A 295 0.47 -40.26 -48.31
C LYS A 295 -0.14 -40.37 -46.90
N VAL A 296 -1.46 -40.24 -46.80
CA VAL A 296 -2.17 -40.23 -45.50
C VAL A 296 -2.11 -41.64 -44.86
N SER A 297 -1.10 -41.84 -44.00
CA SER A 297 -0.75 -43.17 -43.47
C SER A 297 -1.22 -43.45 -42.03
N ALA A 298 -0.85 -42.56 -41.11
CA ALA A 298 -0.99 -42.73 -39.65
C ALA A 298 0.21 -43.45 -39.02
N ASP A 299 1.35 -42.76 -39.05
CA ASP A 299 2.62 -43.33 -38.57
C ASP A 299 2.61 -43.67 -37.07
N TYR A 300 2.43 -42.65 -36.23
CA TYR A 300 2.43 -42.85 -34.75
C TYR A 300 1.04 -42.73 -34.11
N TYR A 301 0.96 -43.13 -32.84
CA TYR A 301 -0.27 -43.10 -32.04
C TYR A 301 -0.09 -42.21 -30.78
N ALA A 302 -1.17 -41.55 -30.35
CA ALA A 302 -1.16 -40.60 -29.21
C ALA A 302 -1.71 -41.21 -27.92
N ILE A 303 -0.81 -41.55 -27.00
CA ILE A 303 -1.17 -42.00 -25.64
C ILE A 303 -1.52 -40.82 -24.71
N VAL A 304 -2.63 -40.89 -23.99
CA VAL A 304 -2.93 -39.89 -22.95
C VAL A 304 -3.13 -40.54 -21.58
N ILE A 305 -2.22 -40.18 -20.68
CA ILE A 305 -2.26 -40.58 -19.29
C ILE A 305 -2.27 -39.33 -18.41
N CYS A 306 -2.48 -39.56 -17.13
CA CYS A 306 -2.55 -38.51 -16.14
C CYS A 306 -1.48 -38.85 -15.09
N VAL A 307 -0.62 -37.88 -14.82
CA VAL A 307 0.68 -38.07 -14.14
C VAL A 307 0.82 -37.09 -12.97
N PRO A 308 1.34 -37.54 -11.80
CA PRO A 308 1.69 -36.65 -10.70
C PRO A 308 2.71 -35.57 -11.09
N LYS A 309 2.48 -34.35 -10.60
CA LYS A 309 3.23 -33.16 -11.05
C LYS A 309 4.70 -33.27 -10.72
N LYS A 310 4.99 -33.67 -9.48
CA LYS A 310 6.35 -33.90 -8.98
C LYS A 310 7.17 -34.86 -9.89
N ALA A 311 6.47 -35.88 -10.40
CA ALA A 311 7.05 -36.93 -11.22
C ALA A 311 6.89 -36.72 -12.74
N LEU A 312 6.69 -35.49 -13.19
CA LEU A 312 6.50 -35.23 -14.63
C LEU A 312 7.73 -35.54 -15.46
N TYR A 313 8.90 -35.08 -15.02
CA TYR A 313 10.11 -35.17 -15.85
C TYR A 313 10.60 -36.60 -16.01
N LYS A 314 10.61 -37.38 -14.92
CA LYS A 314 10.91 -38.83 -15.01
C LYS A 314 9.93 -39.52 -15.93
N SER A 315 8.65 -39.29 -15.74
CA SER A 315 7.63 -39.86 -16.59
C SER A 315 7.87 -39.56 -18.08
N ILE A 316 8.36 -38.38 -18.40
CA ILE A 316 8.77 -38.07 -19.76
C ILE A 316 10.02 -38.89 -20.15
N GLN A 317 11.00 -39.01 -19.25
CA GLN A 317 12.15 -39.90 -19.50
C GLN A 317 11.65 -41.32 -19.79
N GLN A 318 10.84 -41.85 -18.88
CA GLN A 318 10.25 -43.18 -18.99
C GLN A 318 9.48 -43.40 -20.28
N LEU A 319 8.84 -42.35 -20.80
CA LEU A 319 8.10 -42.43 -22.07
C LEU A 319 9.01 -42.37 -23.30
N ARG A 320 10.08 -41.58 -23.23
CA ARG A 320 11.07 -41.52 -24.32
C ARG A 320 11.88 -42.83 -24.45
N ALA A 321 12.00 -43.56 -23.34
CA ALA A 321 12.59 -44.90 -23.31
C ALA A 321 11.80 -45.90 -24.16
N ILE A 322 10.48 -45.70 -24.22
CA ILE A 322 9.55 -46.51 -24.98
C ILE A 322 9.22 -45.84 -26.34
N GLY A 323 10.22 -45.18 -26.94
CA GLY A 323 10.05 -44.50 -28.23
C GLY A 323 9.01 -43.38 -28.28
N GLY A 324 8.82 -42.69 -27.15
CA GLY A 324 7.92 -41.55 -27.04
C GLY A 324 8.55 -40.29 -27.59
N SER A 325 7.80 -39.57 -28.42
CA SER A 325 8.33 -38.44 -29.19
C SER A 325 8.10 -37.10 -28.47
N GLY A 326 6.98 -36.43 -28.77
CA GLY A 326 6.73 -35.07 -28.29
C GLY A 326 5.59 -35.09 -27.30
N VAL A 327 5.81 -34.53 -26.11
CA VAL A 327 4.82 -34.56 -25.04
C VAL A 327 4.15 -33.19 -24.89
N LEU A 328 2.82 -33.22 -24.75
CA LEU A 328 2.02 -32.05 -24.42
C LEU A 328 1.43 -32.25 -23.02
N VAL A 329 1.82 -31.37 -22.11
CA VAL A 329 1.32 -31.39 -20.75
C VAL A 329 0.26 -30.31 -20.67
N SER A 330 -0.82 -30.60 -19.94
CA SER A 330 -1.92 -29.65 -19.81
C SER A 330 -2.65 -29.90 -18.47
N PRO A 331 -3.39 -28.90 -17.95
CA PRO A 331 -3.88 -28.92 -16.58
C PRO A 331 -5.22 -29.60 -16.34
N LEU A 332 -5.48 -29.87 -15.05
CA LEU A 332 -6.74 -30.46 -14.55
C LEU A 332 -7.37 -29.62 -13.45
N THR A 333 -8.64 -29.27 -13.57
CA THR A 333 -9.34 -28.47 -12.57
C THR A 333 -9.85 -29.38 -11.43
N TYR A 334 -10.35 -30.56 -11.76
CA TYR A 334 -10.84 -31.53 -10.76
C TYR A 334 -10.59 -32.98 -11.20
N ILE A 335 -10.43 -33.86 -10.20
CA ILE A 335 -10.39 -35.29 -10.39
C ILE A 335 -11.29 -35.95 -9.36
N PHE A 336 -12.44 -36.42 -9.81
CA PHE A 336 -13.36 -37.19 -8.97
C PHE A 336 -13.09 -38.69 -9.11
N ASP A 337 -12.69 -39.33 -8.01
CA ASP A 337 -12.70 -40.79 -7.90
C ASP A 337 -14.13 -41.25 -7.72
N GLU A 338 -14.34 -42.55 -7.92
CA GLU A 338 -15.64 -43.16 -7.72
C GLU A 338 -16.02 -43.12 -6.25
N GLU A 339 -15.12 -43.65 -5.40
CA GLU A 339 -15.27 -43.55 -3.95
C GLU A 339 -13.91 -43.20 -3.36
N THR A 340 -13.83 -41.98 -2.82
CA THR A 340 -12.62 -41.50 -2.19
C THR A 340 -12.32 -42.35 -0.94
N PRO A 341 -11.06 -42.79 -0.76
CA PRO A 341 -10.66 -43.50 0.46
C PRO A 341 -11.05 -42.83 1.76
N ARG A 342 -11.07 -41.50 1.79
CA ARG A 342 -11.46 -40.77 3.01
C ARG A 342 -12.93 -41.02 3.36
N TRP A 343 -13.78 -41.14 2.34
CA TRP A 343 -15.16 -41.49 2.58
C TRP A 343 -15.30 -42.88 3.21
N ARG A 344 -14.52 -43.84 2.71
CA ARG A 344 -14.45 -45.18 3.31
C ARG A 344 -13.98 -45.12 4.75
N GLN A 345 -12.96 -44.31 5.01
CA GLN A 345 -12.44 -44.10 6.36
C GLN A 345 -13.47 -43.44 7.26
N LEU A 346 -14.22 -42.48 6.74
CA LEU A 346 -15.25 -41.79 7.53
C LEU A 346 -16.36 -42.75 7.94
N LEU A 347 -16.88 -43.50 6.97
CA LEU A 347 -17.88 -44.49 7.28
C LEU A 347 -17.33 -45.46 8.33
N SER A 348 -16.05 -45.81 8.23
CA SER A 348 -15.42 -46.70 9.20
C SER A 348 -15.39 -46.10 10.60
N LYS A 349 -15.09 -44.81 10.69
CA LYS A 349 -15.13 -44.09 11.98
C LYS A 349 -16.53 -44.00 12.58
N LEU A 350 -17.56 -44.06 11.76
CA LEU A 350 -18.94 -44.05 12.24
C LEU A 350 -19.46 -45.42 12.69
N GLY A 351 -18.60 -46.44 12.70
CA GLY A 351 -19.00 -47.80 13.11
C GLY A 351 -19.56 -48.67 11.99
N LEU A 352 -19.56 -48.15 10.75
CA LEU A 352 -19.92 -48.94 9.56
C LEU A 352 -18.68 -49.60 8.97
N SER B 15 37.16 -27.90 -2.94
CA SER B 15 36.36 -27.18 -1.90
C SER B 15 34.90 -27.58 -1.93
N ARG B 16 34.23 -27.18 -3.01
CA ARG B 16 32.78 -27.06 -3.07
C ARG B 16 32.07 -28.29 -3.69
N GLN B 17 30.91 -28.65 -3.11
CA GLN B 17 30.20 -29.89 -3.48
C GLN B 17 28.74 -29.74 -3.91
N GLU B 18 28.24 -28.50 -4.10
CA GLU B 18 26.89 -28.26 -4.59
C GLU B 18 26.91 -27.43 -5.87
N ILE B 19 25.93 -27.66 -6.72
CA ILE B 19 25.79 -26.90 -7.97
C ILE B 19 25.12 -25.58 -7.59
N ARG B 20 25.60 -24.47 -8.16
CA ARG B 20 25.17 -23.16 -7.74
C ARG B 20 24.63 -22.35 -8.89
N LEU B 21 23.43 -21.81 -8.71
CA LEU B 21 22.72 -21.05 -9.72
C LEU B 21 22.59 -19.62 -9.25
N GLY B 22 23.18 -18.68 -9.98
CA GLY B 22 23.07 -17.26 -9.66
C GLY B 22 21.79 -16.65 -10.20
N LEU B 23 20.96 -16.11 -9.30
CA LEU B 23 19.73 -15.42 -9.69
C LEU B 23 19.79 -13.95 -9.29
N PRO B 24 19.18 -13.05 -10.09
CA PRO B 24 19.18 -11.65 -9.73
C PRO B 24 18.49 -11.38 -8.39
N SER B 25 19.06 -10.43 -7.65
CA SER B 25 18.68 -10.09 -6.26
C SER B 25 17.71 -8.93 -6.14
N LYS B 26 17.77 -8.01 -7.12
CA LYS B 26 17.04 -6.74 -7.08
C LYS B 26 16.11 -6.59 -8.28
N GLY B 27 14.91 -6.08 -8.01
CA GLY B 27 14.08 -5.47 -9.02
C GLY B 27 13.06 -6.38 -9.65
N ARG B 28 12.40 -5.85 -10.68
CA ARG B 28 11.53 -6.61 -11.57
C ARG B 28 12.30 -7.82 -12.14
N MET B 29 13.56 -7.59 -12.51
CA MET B 29 14.45 -8.64 -12.98
C MET B 29 14.51 -9.84 -12.02
N SER B 30 14.59 -9.58 -10.71
CA SER B 30 14.55 -10.66 -9.72
C SER B 30 13.20 -11.40 -9.67
N SER B 31 12.11 -10.65 -9.58
CA SER B 31 10.79 -11.27 -9.39
C SER B 31 10.28 -11.92 -10.68
N ASP B 32 10.59 -11.33 -11.84
CA ASP B 32 10.34 -11.98 -13.13
C ASP B 32 11.06 -13.30 -13.23
N THR B 33 12.32 -13.33 -12.82
CA THR B 33 13.09 -14.55 -12.81
C THR B 33 12.42 -15.58 -11.91
N LEU B 34 12.06 -15.19 -10.69
CA LEU B 34 11.47 -16.14 -9.74
C LEU B 34 10.14 -16.68 -10.24
N ASP B 35 9.37 -15.83 -10.93
CA ASP B 35 8.09 -16.23 -11.57
C ASP B 35 8.30 -17.30 -12.62
N LEU B 36 9.23 -17.05 -13.52
CA LEU B 36 9.53 -17.98 -14.60
C LEU B 36 9.93 -19.34 -14.06
N LEU B 37 10.78 -19.37 -13.03
CA LEU B 37 11.24 -20.63 -12.45
C LEU B 37 10.12 -21.42 -11.78
N LYS B 38 9.17 -20.71 -11.16
CA LYS B 38 7.96 -21.32 -10.57
C LYS B 38 7.03 -21.94 -11.65
N ASP B 39 6.91 -21.29 -12.80
CA ASP B 39 6.12 -21.80 -13.92
C ASP B 39 6.72 -23.04 -14.59
N CYS B 40 8.02 -23.23 -14.40
CA CYS B 40 8.70 -24.40 -14.92
C CYS B 40 8.96 -25.48 -13.88
N GLN B 41 8.22 -25.48 -12.76
CA GLN B 41 8.48 -26.41 -11.65
C GLN B 41 9.93 -26.38 -11.15
N LEU B 42 10.47 -25.17 -11.00
CA LEU B 42 11.83 -24.98 -10.48
C LEU B 42 11.80 -23.92 -9.36
N SER B 43 10.77 -23.99 -8.52
CA SER B 43 10.52 -22.98 -7.49
C SER B 43 11.65 -22.88 -6.50
N VAL B 44 11.95 -21.65 -6.10
CA VAL B 44 12.99 -21.38 -5.13
C VAL B 44 12.32 -21.32 -3.76
N LYS B 45 12.78 -22.14 -2.81
CA LYS B 45 12.36 -22.06 -1.41
C LYS B 45 13.48 -21.44 -0.60
N GLN B 46 13.11 -20.69 0.44
CA GLN B 46 14.08 -19.93 1.21
C GLN B 46 13.70 -19.96 2.69
N VAL B 47 14.45 -20.78 3.44
CA VAL B 47 14.22 -20.94 4.90
C VAL B 47 14.51 -19.66 5.70
N ASN B 48 15.45 -18.83 5.20
CA ASN B 48 15.79 -17.54 5.79
C ASN B 48 15.54 -16.42 4.77
N PRO B 49 14.28 -15.92 4.64
CA PRO B 49 13.90 -14.98 3.58
C PRO B 49 14.83 -13.79 3.28
N ARG B 50 15.61 -13.31 4.27
CA ARG B 50 16.63 -12.27 4.03
C ARG B 50 18.09 -12.75 4.22
N GLN B 51 18.33 -14.03 3.95
CA GLN B 51 19.67 -14.51 3.56
C GLN B 51 19.74 -14.56 2.04
N TYR B 52 20.93 -14.81 1.51
CA TYR B 52 21.15 -14.83 0.07
C TYR B 52 21.20 -16.24 -0.51
N VAL B 53 21.44 -17.24 0.34
CA VAL B 53 21.33 -18.65 -0.04
C VAL B 53 19.87 -19.10 -0.11
N ALA B 54 19.59 -20.04 -1.00
CA ALA B 54 18.24 -20.59 -1.19
C ALA B 54 18.36 -21.92 -1.95
N GLN B 55 17.22 -22.58 -2.24
CA GLN B 55 17.23 -23.88 -2.90
C GLN B 55 16.12 -24.00 -3.91
N ILE B 56 16.37 -24.79 -4.96
CA ILE B 56 15.32 -25.35 -5.81
C ILE B 56 15.23 -26.84 -5.45
N PRO B 57 14.11 -27.27 -4.82
CA PRO B 57 14.02 -28.66 -4.33
C PRO B 57 13.88 -29.71 -5.43
N GLN B 58 13.12 -29.38 -6.50
CA GLN B 58 12.92 -30.29 -7.65
C GLN B 58 14.24 -30.83 -8.21
N ILE B 59 15.33 -30.08 -8.03
CA ILE B 59 16.67 -30.56 -8.34
C ILE B 59 17.52 -30.68 -7.07
N SER B 60 17.78 -31.93 -6.66
CA SER B 60 18.71 -32.25 -5.56
C SER B 60 20.07 -31.60 -5.81
N ASN B 61 20.68 -31.09 -4.74
CA ASN B 61 22.02 -30.51 -4.80
C ASN B 61 22.11 -29.23 -5.68
N LEU B 62 20.99 -28.52 -5.86
CA LEU B 62 20.98 -27.21 -6.51
C LEU B 62 20.69 -26.14 -5.47
N GLU B 63 21.61 -25.19 -5.39
CA GLU B 63 21.70 -24.17 -4.37
C GLU B 63 21.65 -22.83 -5.09
N VAL B 64 20.66 -22.01 -4.79
CA VAL B 64 20.54 -20.67 -5.38
C VAL B 64 21.34 -19.67 -4.55
N TRP B 65 21.92 -18.69 -5.22
CA TRP B 65 22.57 -17.57 -4.59
C TRP B 65 22.05 -16.32 -5.26
N PHE B 66 21.39 -15.43 -4.49
CA PHE B 66 20.94 -14.15 -5.01
C PHE B 66 22.09 -13.15 -5.02
N GLN B 67 22.32 -12.55 -6.17
CA GLN B 67 23.44 -11.65 -6.38
C GLN B 67 22.99 -10.58 -7.37
N ARG B 68 23.82 -9.56 -7.53
CA ARG B 68 23.58 -8.56 -8.54
C ARG B 68 24.00 -9.20 -9.85
N PRO B 69 23.29 -8.87 -10.96
CA PRO B 69 23.58 -9.42 -12.29
C PRO B 69 25.06 -9.40 -12.66
N LYS B 70 25.69 -8.25 -12.44
CA LYS B 70 27.12 -8.02 -12.59
C LYS B 70 28.00 -9.05 -11.86
N ASP B 71 27.66 -9.30 -10.60
CA ASP B 71 28.38 -10.23 -9.75
C ASP B 71 28.17 -11.69 -10.15
N ILE B 72 27.00 -11.98 -10.74
CA ILE B 72 26.73 -13.33 -11.28
C ILE B 72 27.73 -13.64 -12.39
N VAL B 73 27.96 -12.67 -13.28
CA VAL B 73 28.97 -12.83 -14.31
C VAL B 73 30.35 -13.00 -13.68
N ARG B 74 30.68 -12.16 -12.69
CA ARG B 74 31.98 -12.24 -12.00
C ARG B 74 32.21 -13.59 -11.37
N LYS B 75 31.21 -14.11 -10.67
CA LYS B 75 31.37 -15.36 -9.98
C LYS B 75 31.38 -16.57 -10.90
N LEU B 76 30.65 -16.52 -12.00
CA LEU B 76 30.77 -17.55 -13.05
C LEU B 76 32.20 -17.64 -13.55
N LEU B 77 32.78 -16.49 -13.88
CA LEU B 77 34.17 -16.40 -14.32
C LEU B 77 35.14 -16.81 -13.22
N SER B 78 34.87 -16.42 -11.98
CA SER B 78 35.76 -16.75 -10.86
C SER B 78 35.65 -18.19 -10.38
N GLY B 79 34.62 -18.91 -10.82
CA GLY B 79 34.45 -20.32 -10.47
C GLY B 79 33.65 -20.52 -9.20
N ASP B 80 32.86 -19.53 -8.81
CA ASP B 80 32.03 -19.59 -7.60
C ASP B 80 30.55 -19.83 -7.87
N LEU B 81 30.15 -19.60 -9.12
CA LEU B 81 28.87 -20.05 -9.64
C LEU B 81 29.09 -21.00 -10.83
N ASP B 82 28.11 -21.86 -11.06
CA ASP B 82 28.09 -22.76 -12.22
C ASP B 82 27.13 -22.30 -13.31
N LEU B 83 25.93 -21.88 -12.90
CA LEU B 83 24.88 -21.39 -13.79
C LEU B 83 24.45 -20.02 -13.33
N GLY B 84 23.93 -19.21 -14.25
CA GLY B 84 23.37 -17.92 -13.88
C GLY B 84 22.27 -17.48 -14.81
N ILE B 85 21.35 -16.66 -14.29
CA ILE B 85 20.36 -15.98 -15.13
C ILE B 85 20.63 -14.49 -15.04
N VAL B 86 20.78 -13.87 -16.21
CA VAL B 86 21.43 -12.59 -16.34
C VAL B 86 21.06 -12.02 -17.71
N GLY B 87 20.96 -10.70 -17.80
CA GLY B 87 20.69 -10.07 -19.08
C GLY B 87 21.87 -10.20 -20.04
N LEU B 88 21.60 -10.18 -21.33
CA LEU B 88 22.69 -10.25 -22.30
C LEU B 88 23.54 -8.96 -22.30
N ASP B 89 22.94 -7.83 -21.91
CA ASP B 89 23.68 -6.56 -21.73
C ASP B 89 24.81 -6.73 -20.72
N VAL B 90 24.49 -7.34 -19.58
CA VAL B 90 25.44 -7.53 -18.48
C VAL B 90 26.48 -8.58 -18.84
N LEU B 91 26.05 -9.65 -19.48
CA LEU B 91 26.97 -10.72 -19.87
C LEU B 91 28.04 -10.18 -20.79
N THR B 92 27.66 -9.50 -21.87
CA THR B 92 28.64 -9.03 -22.86
C THR B 92 29.56 -7.92 -22.32
N GLU B 93 29.04 -7.08 -21.44
CA GLU B 93 29.83 -5.99 -20.85
C GLU B 93 30.88 -6.51 -19.89
N PHE B 94 30.49 -7.34 -18.92
CA PHE B 94 31.40 -7.85 -17.87
C PHE B 94 32.05 -9.19 -18.17
N GLY B 95 31.56 -9.90 -19.18
CA GLY B 95 32.14 -11.15 -19.63
C GLY B 95 33.20 -10.89 -20.68
N GLN B 96 32.90 -9.95 -21.58
CA GLN B 96 33.86 -9.47 -22.60
C GLN B 96 34.24 -10.60 -23.54
N GLY B 97 33.25 -11.32 -24.04
CA GLY B 97 33.47 -12.44 -24.94
C GLY B 97 34.34 -13.55 -24.40
N ASN B 98 34.35 -13.74 -23.07
CA ASN B 98 35.13 -14.80 -22.46
C ASN B 98 34.54 -16.15 -22.84
N GLU B 99 35.42 -17.05 -23.30
CA GLU B 99 35.00 -18.33 -23.86
C GLU B 99 34.47 -19.33 -22.82
N ASP B 100 34.83 -19.15 -21.55
CA ASP B 100 34.29 -19.95 -20.44
C ASP B 100 32.77 -19.76 -20.27
N LEU B 101 32.25 -18.60 -20.65
CA LEU B 101 30.83 -18.30 -20.51
C LEU B 101 30.05 -18.69 -21.75
N ILE B 102 29.09 -19.60 -21.60
CA ILE B 102 28.24 -20.05 -22.70
C ILE B 102 26.78 -19.73 -22.43
N VAL B 103 26.14 -19.06 -23.38
CA VAL B 103 24.69 -18.85 -23.32
C VAL B 103 23.95 -20.14 -23.69
N VAL B 104 23.28 -20.73 -22.70
CA VAL B 104 22.47 -21.93 -22.91
C VAL B 104 21.14 -21.58 -23.53
N HIS B 105 20.48 -20.53 -23.04
CA HIS B 105 19.24 -20.02 -23.62
C HIS B 105 19.27 -18.50 -23.73
N GLU B 106 19.29 -18.02 -24.96
CA GLU B 106 19.45 -16.60 -25.29
C GLU B 106 18.17 -15.74 -25.26
N ALA B 107 17.09 -16.23 -24.67
CA ALA B 107 15.78 -15.60 -24.81
C ALA B 107 14.71 -16.19 -23.90
N LEU B 108 14.65 -15.70 -22.66
CA LEU B 108 13.64 -16.13 -21.71
C LEU B 108 12.41 -15.21 -21.73
N GLU B 109 12.38 -14.30 -22.71
CA GLU B 109 11.19 -13.48 -22.99
C GLU B 109 10.75 -12.57 -21.83
N TYR B 110 11.75 -12.12 -21.04
CA TYR B 110 11.59 -11.01 -20.12
C TYR B 110 12.92 -10.29 -20.04
N GLY B 111 12.97 -9.18 -19.32
CA GLY B 111 14.17 -8.34 -19.27
C GLY B 111 14.53 -7.69 -20.60
N ASP B 112 13.55 -7.51 -21.49
CA ASP B 112 13.81 -7.00 -22.83
C ASP B 112 14.22 -5.54 -22.77
N CYS B 113 15.32 -5.23 -23.42
CA CYS B 113 15.79 -3.86 -23.57
C CYS B 113 16.83 -3.86 -24.67
N ARG B 114 17.33 -2.68 -25.02
CA ARG B 114 18.45 -2.59 -25.95
C ARG B 114 19.40 -1.48 -25.57
N LEU B 115 20.68 -1.71 -25.86
CA LEU B 115 21.74 -0.75 -25.61
C LEU B 115 21.95 0.02 -26.89
N SER B 116 21.60 1.31 -26.89
CA SER B 116 21.66 2.12 -28.11
C SER B 116 22.14 3.55 -27.85
N ILE B 117 22.67 4.17 -28.89
CA ILE B 117 23.13 5.55 -28.83
C ILE B 117 21.94 6.48 -28.97
N ALA B 118 21.97 7.56 -28.20
CA ALA B 118 20.99 8.63 -28.30
C ALA B 118 21.68 9.98 -28.32
N ILE B 119 21.11 10.90 -29.10
CA ILE B 119 21.63 12.26 -29.26
C ILE B 119 20.48 13.25 -29.12
N PRO B 120 20.78 14.54 -28.90
CA PRO B 120 19.68 15.52 -28.79
C PRO B 120 18.94 15.74 -30.10
N GLN B 121 17.62 15.93 -30.04
CA GLN B 121 16.86 16.37 -31.22
C GLN B 121 17.22 17.82 -31.59
N TYR B 122 17.34 18.66 -30.57
CA TYR B 122 17.34 20.13 -30.72
C TYR B 122 18.51 20.70 -31.52
N GLY B 123 19.74 20.37 -31.10
CA GLY B 123 20.91 21.19 -31.41
C GLY B 123 21.32 21.24 -32.87
N ILE B 124 22.52 20.75 -33.16
CA ILE B 124 22.98 20.67 -34.54
C ILE B 124 22.54 19.34 -35.18
N PHE B 125 21.74 18.56 -34.44
CA PHE B 125 21.40 17.18 -34.82
C PHE B 125 19.97 17.05 -35.41
N GLU B 126 19.42 18.14 -35.96
CA GLU B 126 18.09 18.10 -36.56
C GLU B 126 18.05 17.24 -37.84
N ASN B 127 19.06 17.42 -38.70
CA ASN B 127 19.20 16.64 -39.95
C ASN B 127 20.22 15.48 -39.80
N VAL B 128 20.11 14.74 -38.69
CA VAL B 128 21.02 13.64 -38.35
C VAL B 128 20.20 12.51 -37.73
N ASN B 129 19.97 11.44 -38.50
CA ASN B 129 19.20 10.26 -38.03
C ASN B 129 19.83 8.92 -38.44
N SER B 130 21.15 8.92 -38.61
CA SER B 130 21.91 7.72 -38.97
C SER B 130 23.25 7.78 -38.26
N LEU B 131 23.78 6.62 -37.88
CA LEU B 131 25.04 6.57 -37.11
C LEU B 131 26.23 7.02 -37.97
N GLU B 132 26.17 6.71 -39.27
CA GLU B 132 27.17 7.21 -40.23
C GLU B 132 26.95 8.67 -40.63
N GLU B 133 25.70 9.15 -40.57
CA GLU B 133 25.45 10.61 -40.60
C GLU B 133 26.10 11.29 -39.38
N LEU B 134 26.05 10.64 -38.22
CA LEU B 134 26.72 11.11 -37.01
C LEU B 134 28.25 11.06 -37.15
N ALA B 135 28.76 10.00 -37.77
CA ALA B 135 30.20 9.87 -38.08
C ALA B 135 30.68 10.86 -39.16
N LYS B 136 29.77 11.21 -40.08
CA LYS B 136 30.05 12.15 -41.19
C LYS B 136 30.37 13.59 -40.74
N MET B 137 29.90 13.99 -39.55
CA MET B 137 29.89 15.40 -39.15
C MET B 137 31.31 15.95 -38.95
N PRO B 138 31.55 17.22 -39.34
CA PRO B 138 32.92 17.75 -39.41
C PRO B 138 33.54 18.23 -38.08
N GLN B 139 32.74 18.41 -37.03
CA GLN B 139 33.21 19.07 -35.80
C GLN B 139 34.27 18.30 -35.01
N TRP B 140 34.32 16.97 -35.17
CA TRP B 140 35.08 16.10 -34.28
C TRP B 140 36.42 15.64 -34.84
N THR B 141 37.43 15.72 -34.00
CA THR B 141 38.80 15.36 -34.36
C THR B 141 39.55 15.03 -33.06
N GLU B 142 40.72 14.39 -33.19
CA GLU B 142 41.53 14.03 -32.02
C GLU B 142 41.73 15.18 -31.02
N ASP B 143 41.81 16.41 -31.53
CA ASP B 143 41.95 17.63 -30.73
C ASP B 143 40.76 17.81 -29.76
N LYS B 144 39.55 17.77 -30.31
CA LYS B 144 38.31 17.95 -29.54
C LYS B 144 37.25 16.96 -30.08
N PRO B 145 37.19 15.75 -29.48
CA PRO B 145 36.43 14.62 -30.04
C PRO B 145 34.95 14.56 -29.63
N LEU B 146 34.26 13.51 -30.09
CA LEU B 146 32.87 13.26 -29.70
C LEU B 146 32.79 12.73 -28.27
N ARG B 147 32.34 13.58 -27.35
CA ARG B 147 32.19 13.21 -25.94
C ARG B 147 30.93 12.38 -25.81
N VAL B 148 31.02 11.20 -25.17
CA VAL B 148 29.85 10.32 -24.99
C VAL B 148 29.81 9.58 -23.64
N ALA B 149 28.75 9.84 -22.87
CA ALA B 149 28.57 9.29 -21.52
C ALA B 149 27.93 7.90 -21.55
N THR B 150 28.45 7.00 -20.71
CA THR B 150 27.96 5.62 -20.67
C THR B 150 28.37 4.86 -19.40
N GLY B 151 27.51 3.95 -18.96
CA GLY B 151 27.89 2.90 -18.01
C GLY B 151 28.65 1.78 -18.70
N PHE B 152 28.45 1.63 -20.01
CA PHE B 152 29.06 0.53 -20.78
C PHE B 152 30.43 0.92 -21.35
N THR B 153 31.39 1.00 -20.44
CA THR B 153 32.72 1.55 -20.73
C THR B 153 33.61 0.60 -21.54
N TYR B 154 33.35 -0.71 -21.45
CA TYR B 154 33.95 -1.70 -22.35
C TYR B 154 33.26 -1.64 -23.71
N LEU B 155 31.94 -1.81 -23.72
CA LEU B 155 31.20 -2.03 -24.97
C LEU B 155 31.19 -0.83 -25.93
N GLY B 156 31.17 0.38 -25.38
CA GLY B 156 31.17 1.61 -26.19
C GLY B 156 32.36 1.68 -27.15
N PRO B 157 33.59 1.75 -26.61
CA PRO B 157 34.80 1.72 -27.42
C PRO B 157 34.80 0.63 -28.51
N LYS B 158 34.48 -0.60 -28.12
CA LYS B 158 34.46 -1.71 -29.08
C LYS B 158 33.51 -1.47 -30.26
N PHE B 159 32.31 -0.95 -29.97
CA PHE B 159 31.27 -0.72 -31.00
C PHE B 159 31.70 0.28 -32.07
N MET B 160 32.48 1.29 -31.67
CA MET B 160 32.83 2.41 -32.55
C MET B 160 34.19 2.23 -33.22
N LYS B 161 35.11 1.54 -32.53
CA LYS B 161 36.28 0.97 -33.17
C LYS B 161 35.85 0.00 -34.28
N ASP B 162 34.90 -0.88 -33.95
CA ASP B 162 34.33 -1.84 -34.90
C ASP B 162 33.47 -1.19 -36.02
N ASN B 163 33.03 0.07 -35.83
CA ASN B 163 32.39 0.85 -36.89
C ASN B 163 33.25 1.97 -37.49
N GLY B 164 34.55 1.98 -37.19
CA GLY B 164 35.50 2.91 -37.80
C GLY B 164 35.27 4.37 -37.48
N ILE B 165 35.08 4.67 -36.19
CA ILE B 165 34.92 6.03 -35.69
C ILE B 165 35.99 6.25 -34.63
N LYS B 166 37.14 6.79 -35.07
CA LYS B 166 38.31 6.93 -34.20
C LYS B 166 38.20 8.06 -33.17
N HIS B 167 37.46 9.11 -33.51
CA HIS B 167 37.41 10.33 -32.71
C HIS B 167 36.23 10.35 -31.73
N VAL B 168 36.42 9.67 -30.59
CA VAL B 168 35.42 9.60 -29.50
C VAL B 168 36.10 9.57 -28.14
N ALA B 169 35.51 10.27 -27.18
CA ALA B 169 35.98 10.31 -25.79
C ALA B 169 34.83 9.89 -24.88
N PHE B 170 35.09 8.92 -24.01
CA PHE B 170 34.06 8.31 -23.18
C PHE B 170 34.15 8.75 -21.72
N SER B 171 33.21 9.59 -21.29
CA SER B 171 32.99 9.79 -19.84
C SER B 171 32.17 8.62 -19.31
N THR B 172 32.24 8.41 -18.00
CA THR B 172 31.65 7.23 -17.35
C THR B 172 30.77 7.65 -16.20
N ALA B 173 29.46 7.44 -16.34
CA ALA B 173 28.50 7.69 -15.26
C ALA B 173 27.82 6.39 -14.83
N ASP B 174 27.18 6.45 -13.68
CA ASP B 174 26.70 5.28 -12.95
C ASP B 174 25.17 5.30 -12.85
N GLY B 175 24.53 6.12 -13.67
CA GLY B 175 23.11 6.44 -13.49
C GLY B 175 22.79 7.78 -14.13
N ALA B 176 21.50 8.12 -14.14
CA ALA B 176 20.97 9.40 -14.66
C ALA B 176 21.70 9.99 -15.88
N LEU B 177 22.00 9.13 -16.85
CA LEU B 177 22.75 9.51 -18.06
C LEU B 177 21.99 10.42 -19.00
N GLU B 178 20.66 10.37 -18.94
CA GLU B 178 19.81 11.17 -19.83
C GLU B 178 20.04 12.69 -19.68
N ALA B 179 20.65 13.12 -18.57
CA ALA B 179 20.92 14.53 -18.29
C ALA B 179 22.36 15.01 -18.53
N ALA B 180 23.24 14.17 -19.05
CA ALA B 180 24.61 14.62 -19.40
C ALA B 180 24.66 15.66 -20.54
N PRO B 181 23.84 15.49 -21.60
CA PRO B 181 23.77 16.52 -22.65
C PRO B 181 23.26 17.88 -22.17
N ALA B 182 22.13 17.87 -21.45
CA ALA B 182 21.59 19.07 -20.80
C ALA B 182 22.65 19.77 -19.96
N MET B 183 23.48 18.98 -19.30
CA MET B 183 24.51 19.44 -18.39
C MET B 183 25.82 19.82 -19.10
N GLY B 184 25.90 19.59 -20.40
CA GLY B 184 27.10 19.92 -21.18
C GLY B 184 28.33 19.07 -20.93
N ILE B 185 28.17 17.93 -20.23
CA ILE B 185 29.30 17.05 -19.89
C ILE B 185 29.58 16.08 -21.05
N ALA B 186 28.60 15.83 -21.92
CA ALA B 186 28.85 15.08 -23.16
C ALA B 186 27.84 15.39 -24.27
N ASP B 187 28.18 15.00 -25.50
CA ASP B 187 27.39 15.29 -26.71
C ASP B 187 26.29 14.24 -26.95
N ALA B 188 26.62 12.97 -26.71
CA ALA B 188 25.67 11.85 -26.85
C ALA B 188 25.78 10.92 -25.63
N ILE B 189 24.89 9.93 -25.56
CA ILE B 189 24.95 8.92 -24.50
C ILE B 189 24.88 7.53 -25.09
N LEU B 190 25.40 6.55 -24.35
CA LEU B 190 25.19 5.14 -24.67
C LEU B 190 24.57 4.46 -23.44
N ASP B 191 23.30 4.06 -23.57
CA ASP B 191 22.57 3.49 -22.44
C ASP B 191 21.45 2.57 -22.92
N LEU B 192 20.84 1.86 -21.97
CA LEU B 192 19.69 1.02 -22.22
C LEU B 192 18.44 1.81 -22.52
N VAL B 193 17.59 1.23 -23.37
CA VAL B 193 16.23 1.72 -23.68
C VAL B 193 15.27 0.54 -23.68
N SER B 194 14.10 0.70 -23.08
CA SER B 194 13.04 -0.34 -23.06
C SER B 194 11.65 0.28 -23.25
N SER B 195 11.18 1.02 -22.24
CA SER B 195 9.88 1.72 -22.33
C SER B 195 9.85 2.75 -23.49
N GLY B 196 10.98 3.41 -23.74
CA GLY B 196 11.14 4.39 -24.81
C GLY B 196 10.90 5.85 -24.41
N THR B 197 10.14 6.07 -23.34
CA THR B 197 9.61 7.39 -22.99
C THR B 197 10.68 8.33 -22.47
N THR B 198 11.53 7.80 -21.58
CA THR B 198 12.49 8.58 -20.80
C THR B 198 13.31 9.59 -21.61
N LEU B 199 13.77 9.18 -22.79
CA LEU B 199 14.73 9.99 -23.57
C LEU B 199 14.10 10.98 -24.55
N LYS B 200 12.80 10.85 -24.85
CA LYS B 200 12.10 11.93 -25.54
C LYS B 200 11.75 13.04 -24.54
N GLU B 201 11.45 12.64 -23.30
CA GLU B 201 11.21 13.59 -22.20
C GLU B 201 12.46 14.39 -21.81
N ASN B 202 13.65 13.88 -22.15
CA ASN B 202 14.91 14.65 -22.06
C ASN B 202 15.43 15.09 -23.43
N ASN B 203 14.50 15.30 -24.38
CA ASN B 203 14.81 15.77 -25.74
C ASN B 203 16.04 15.11 -26.40
N LEU B 204 16.03 13.78 -26.39
CA LEU B 204 17.01 12.95 -27.11
C LEU B 204 16.28 12.01 -28.06
N LYS B 205 17.00 11.46 -29.03
CA LYS B 205 16.42 10.56 -30.02
C LYS B 205 17.35 9.42 -30.36
N GLU B 206 16.75 8.30 -30.79
CA GLU B 206 17.50 7.15 -31.29
C GLU B 206 17.86 7.31 -32.76
N ILE B 207 18.76 6.46 -33.22
CA ILE B 207 19.41 6.59 -34.51
C ILE B 207 19.32 5.27 -35.27
N GLU B 208 19.35 5.35 -36.60
CA GLU B 208 19.46 4.16 -37.44
C GLU B 208 20.86 3.54 -37.29
N GLY B 209 20.90 2.24 -36.96
CA GLY B 209 22.15 1.54 -36.73
C GLY B 209 22.82 1.82 -35.40
N GLY B 210 22.21 2.69 -34.58
CA GLY B 210 22.76 3.07 -33.29
C GLY B 210 22.59 2.03 -32.19
N THR B 211 21.75 1.03 -32.41
CA THR B 211 21.62 -0.09 -31.50
C THR B 211 22.90 -0.92 -31.47
N VAL B 212 23.47 -1.09 -30.27
CA VAL B 212 24.64 -1.92 -30.05
C VAL B 212 24.22 -3.37 -29.91
N LEU B 213 23.19 -3.64 -29.10
CA LEU B 213 22.59 -4.99 -29.02
C LEU B 213 21.21 -5.01 -28.39
N GLU B 214 20.46 -6.05 -28.74
CA GLU B 214 19.20 -6.38 -28.06
C GLU B 214 19.58 -7.25 -26.88
N SER B 215 19.00 -6.99 -25.72
CA SER B 215 19.22 -7.82 -24.54
C SER B 215 17.92 -8.46 -24.12
N GLN B 216 18.04 -9.57 -23.39
CA GLN B 216 16.99 -10.07 -22.52
C GLN B 216 17.58 -11.11 -21.57
N ALA B 217 16.78 -11.53 -20.60
CA ALA B 217 17.22 -12.52 -19.62
C ALA B 217 17.63 -13.79 -20.33
N ALA B 218 18.74 -14.36 -19.89
CA ALA B 218 19.32 -15.52 -20.53
C ALA B 218 19.88 -16.46 -19.48
N LEU B 219 19.87 -17.76 -19.80
CA LEU B 219 20.51 -18.75 -18.96
C LEU B 219 21.93 -18.92 -19.46
N VAL B 220 22.91 -18.64 -18.60
CA VAL B 220 24.32 -18.85 -18.95
C VAL B 220 24.91 -19.93 -18.06
N ALA B 221 25.99 -20.51 -18.55
CA ALA B 221 26.68 -21.56 -17.81
C ALA B 221 28.17 -21.50 -18.07
N SER B 222 28.93 -21.97 -17.09
CA SER B 222 30.38 -22.01 -17.17
C SER B 222 30.80 -23.31 -17.85
N ARG B 223 31.67 -23.18 -18.84
CA ARG B 223 32.28 -24.32 -19.49
C ARG B 223 32.99 -25.22 -18.47
N ARG B 224 33.90 -24.63 -17.68
CA ARG B 224 34.61 -25.31 -16.58
C ARG B 224 33.70 -26.08 -15.64
N SER B 225 32.53 -25.52 -15.39
CA SER B 225 31.55 -26.14 -14.53
C SER B 225 30.90 -27.32 -15.24
N MET B 226 30.52 -27.13 -16.50
CA MET B 226 29.79 -28.15 -17.23
C MET B 226 30.63 -29.39 -17.43
N ILE B 227 31.89 -29.21 -17.83
CA ILE B 227 32.82 -30.34 -18.00
C ILE B 227 33.38 -30.85 -16.67
N GLY B 228 33.69 -29.90 -15.76
CA GLY B 228 34.49 -30.18 -14.59
C GLY B 228 33.76 -30.50 -13.30
N ARG B 229 32.50 -30.09 -13.16
CA ARG B 229 31.74 -30.39 -11.95
C ARG B 229 30.62 -31.35 -12.27
N LYS B 230 30.61 -32.47 -11.56
CA LYS B 230 29.58 -33.49 -11.73
C LYS B 230 28.17 -32.95 -11.47
N GLY B 231 27.24 -33.32 -12.34
CA GLY B 231 25.84 -32.91 -12.19
C GLY B 231 25.44 -31.57 -12.82
N VAL B 232 26.41 -30.74 -13.18
CA VAL B 232 26.11 -29.42 -13.74
C VAL B 232 25.43 -29.59 -15.08
N LEU B 233 26.04 -30.39 -15.96
CA LEU B 233 25.49 -30.60 -17.29
C LEU B 233 24.11 -31.26 -17.24
N GLU B 234 23.92 -32.21 -16.33
CA GLU B 234 22.63 -32.89 -16.15
C GLU B 234 21.54 -31.89 -15.78
N THR B 235 21.83 -30.99 -14.83
CA THR B 235 20.86 -30.02 -14.36
C THR B 235 20.65 -28.87 -15.34
N THR B 236 21.70 -28.51 -16.09
CA THR B 236 21.57 -27.55 -17.19
C THR B 236 20.62 -28.06 -18.26
N HIS B 237 20.68 -29.37 -18.50
CA HIS B 237 19.84 -30.04 -19.47
C HIS B 237 18.39 -29.97 -19.02
N GLU B 238 18.12 -30.41 -17.80
CA GLU B 238 16.77 -30.39 -17.22
C GLU B 238 16.16 -29.00 -17.27
N MET B 239 16.93 -28.01 -16.80
CA MET B 239 16.49 -26.61 -16.78
C MET B 239 16.20 -26.07 -18.15
N LEU B 240 17.09 -26.33 -19.10
CA LEU B 240 16.89 -25.91 -20.48
C LEU B 240 15.60 -26.50 -21.02
N GLU B 241 15.37 -27.78 -20.76
CA GLU B 241 14.20 -28.47 -21.30
C GLU B 241 12.92 -27.94 -20.70
N ARG B 242 12.87 -27.80 -19.38
CA ARG B 242 11.67 -27.23 -18.72
C ARG B 242 11.41 -25.78 -19.15
N LEU B 243 12.45 -24.96 -19.22
CA LEU B 243 12.29 -23.59 -19.65
C LEU B 243 11.69 -23.53 -21.04
N GLU B 244 12.26 -24.26 -21.99
CA GLU B 244 11.81 -24.16 -23.39
C GLU B 244 10.39 -24.70 -23.57
N ALA B 245 10.05 -25.75 -22.82
CA ALA B 245 8.73 -26.37 -22.92
C ALA B 245 7.62 -25.41 -22.49
N HIS B 246 7.88 -24.70 -21.40
CA HIS B 246 7.01 -23.64 -20.94
C HIS B 246 6.93 -22.48 -21.94
N LEU B 247 8.05 -22.03 -22.47
CA LEU B 247 8.03 -20.89 -23.40
C LEU B 247 7.35 -21.25 -24.72
N ARG B 248 7.53 -22.49 -25.17
CA ARG B 248 6.83 -22.97 -26.36
C ARG B 248 5.32 -23.10 -26.08
N ALA B 249 4.97 -23.66 -24.92
CA ALA B 249 3.56 -23.86 -24.51
C ALA B 249 2.76 -22.57 -24.35
N MET B 250 3.42 -21.51 -23.91
CA MET B 250 2.78 -20.19 -23.76
C MET B 250 2.42 -19.53 -25.10
N GLY B 251 2.90 -20.07 -26.22
CA GLY B 251 2.50 -19.60 -27.55
C GLY B 251 1.53 -20.48 -28.32
N GLN B 252 0.96 -21.51 -27.66
CA GLN B 252 0.07 -22.49 -28.30
C GLN B 252 -1.24 -22.72 -27.52
N PHE B 253 -2.28 -23.12 -28.24
CA PHE B 253 -3.52 -23.68 -27.68
C PHE B 253 -3.72 -25.05 -28.27
N THR B 254 -4.35 -25.97 -27.53
CA THR B 254 -4.92 -27.16 -28.16
C THR B 254 -6.31 -26.77 -28.65
N VAL B 255 -6.62 -27.19 -29.86
CA VAL B 255 -7.88 -26.92 -30.53
C VAL B 255 -8.54 -28.26 -30.84
N VAL B 256 -9.84 -28.34 -30.59
CA VAL B 256 -10.64 -29.49 -30.98
C VAL B 256 -11.76 -28.96 -31.87
N ALA B 257 -11.59 -29.14 -33.18
CA ALA B 257 -12.61 -28.77 -34.16
C ALA B 257 -13.50 -29.96 -34.47
N ASN B 258 -14.79 -29.70 -34.66
CA ASN B 258 -15.74 -30.69 -35.16
C ASN B 258 -15.92 -30.52 -36.65
N MET B 259 -15.65 -31.59 -37.41
CA MET B 259 -15.67 -31.57 -38.88
C MET B 259 -16.72 -32.51 -39.44
N ARG B 260 -17.15 -32.25 -40.68
CA ARG B 260 -18.15 -33.06 -41.39
C ARG B 260 -17.45 -34.09 -42.27
N GLY B 261 -17.84 -35.34 -42.14
CA GLY B 261 -17.25 -36.41 -42.95
C GLY B 261 -18.00 -37.71 -42.80
N SER B 262 -17.74 -38.62 -43.74
CA SER B 262 -18.30 -39.98 -43.69
C SER B 262 -17.26 -41.01 -43.22
N SER B 263 -16.03 -40.56 -42.94
CA SER B 263 -15.03 -41.41 -42.31
C SER B 263 -14.03 -40.56 -41.52
N ALA B 264 -13.17 -41.23 -40.76
CA ALA B 264 -12.10 -40.56 -40.02
C ALA B 264 -11.02 -40.01 -40.96
N GLU B 265 -10.59 -40.84 -41.92
CA GLU B 265 -9.46 -40.53 -42.78
C GLU B 265 -9.77 -39.51 -43.88
N GLU B 266 -11.04 -39.48 -44.34
CA GLU B 266 -11.49 -38.46 -45.28
C GLU B 266 -11.26 -37.06 -44.71
N VAL B 267 -11.65 -36.91 -43.44
CA VAL B 267 -11.53 -35.65 -42.69
C VAL B 267 -10.06 -35.29 -42.49
N ALA B 268 -9.28 -36.26 -41.99
CA ALA B 268 -7.83 -36.10 -41.80
C ALA B 268 -7.06 -35.62 -43.05
N GLU B 269 -7.56 -35.93 -44.25
CA GLU B 269 -6.94 -35.44 -45.49
C GLU B 269 -7.15 -33.93 -45.66
N ARG B 270 -8.41 -33.49 -45.63
CA ARG B 270 -8.75 -32.10 -45.92
C ARG B 270 -8.04 -31.09 -45.01
N VAL B 271 -7.75 -31.49 -43.77
CA VAL B 271 -6.98 -30.67 -42.83
C VAL B 271 -5.47 -30.75 -43.15
N LEU B 272 -4.99 -31.93 -43.55
CA LEU B 272 -3.56 -32.09 -43.92
C LEU B 272 -3.19 -31.50 -45.28
N SER B 273 -4.16 -31.41 -46.20
CA SER B 273 -3.95 -30.73 -47.50
C SER B 273 -4.15 -29.20 -47.44
N GLN B 274 -4.38 -28.67 -46.23
CA GLN B 274 -4.26 -27.24 -45.95
C GLN B 274 -2.88 -26.97 -45.35
N PRO B 275 -1.92 -26.45 -46.14
CA PRO B 275 -0.59 -26.15 -45.59
C PRO B 275 -0.56 -24.92 -44.67
N SER B 276 -1.54 -24.02 -44.84
CA SER B 276 -1.74 -22.88 -43.92
C SER B 276 -2.02 -23.34 -42.49
N LEU B 277 -2.74 -24.46 -42.35
CA LEU B 277 -3.06 -25.05 -41.05
C LEU B 277 -1.81 -25.48 -40.29
N ALA B 278 -1.84 -25.30 -38.97
CA ALA B 278 -0.67 -25.44 -38.09
C ALA B 278 0.10 -26.74 -38.22
N GLY B 279 1.42 -26.63 -38.11
CA GLY B 279 2.35 -27.75 -38.19
C GLY B 279 2.74 -28.26 -36.82
N LEU B 280 1.76 -28.77 -36.07
CA LEU B 280 2.01 -29.58 -34.87
C LEU B 280 2.66 -30.93 -35.26
N GLN B 281 2.72 -31.90 -34.34
CA GLN B 281 3.14 -33.26 -34.70
C GLN B 281 2.12 -33.96 -35.63
N GLY B 282 0.83 -33.89 -35.29
CA GLY B 282 -0.24 -34.22 -36.24
C GLY B 282 -1.63 -34.34 -35.63
N PRO B 283 -2.69 -34.25 -36.47
CA PRO B 283 -4.08 -34.31 -35.99
C PRO B 283 -4.51 -35.67 -35.44
N THR B 284 -5.57 -35.67 -34.64
CA THR B 284 -6.16 -36.87 -34.07
C THR B 284 -7.66 -36.79 -34.32
N VAL B 285 -8.16 -37.70 -35.15
CA VAL B 285 -9.58 -37.70 -35.50
C VAL B 285 -10.31 -38.81 -34.74
N SER B 286 -11.47 -38.48 -34.19
CA SER B 286 -12.29 -39.42 -33.43
C SER B 286 -13.77 -39.06 -33.64
N PRO B 287 -14.68 -40.06 -33.54
CA PRO B 287 -16.05 -39.83 -33.99
C PRO B 287 -16.91 -39.15 -32.93
N VAL B 288 -17.76 -38.23 -33.37
CA VAL B 288 -18.70 -37.54 -32.48
C VAL B 288 -20.10 -38.15 -32.68
N PHE B 289 -20.59 -38.83 -31.64
CA PHE B 289 -21.86 -39.54 -31.69
C PHE B 289 -23.07 -38.61 -31.47
N CYS B 290 -24.23 -39.09 -31.91
CA CYS B 290 -25.46 -38.28 -31.99
C CYS B 290 -26.71 -39.17 -32.13
N LYS B 291 -27.83 -38.74 -31.55
CA LYS B 291 -29.13 -39.40 -31.74
C LYS B 291 -29.79 -38.90 -33.03
N GLY B 294 -35.29 -41.34 -35.47
CA GLY B 294 -35.05 -41.16 -34.04
C GLY B 294 -33.69 -41.64 -33.58
N LYS B 295 -33.30 -42.83 -34.02
CA LYS B 295 -32.08 -43.52 -33.55
C LYS B 295 -30.97 -43.53 -34.63
N VAL B 296 -29.99 -42.63 -34.48
CA VAL B 296 -28.89 -42.44 -35.45
C VAL B 296 -27.52 -42.52 -34.70
N SER B 297 -26.40 -42.54 -35.44
CA SER B 297 -25.04 -42.48 -34.86
C SER B 297 -24.00 -41.79 -35.75
N ALA B 298 -23.10 -41.02 -35.12
CA ALA B 298 -21.74 -40.72 -35.64
C ALA B 298 -21.59 -39.66 -36.74
N ASP B 299 -22.28 -38.53 -36.58
CA ASP B 299 -22.28 -37.45 -37.60
C ASP B 299 -20.90 -36.78 -37.83
N TYR B 300 -20.47 -35.90 -36.91
CA TYR B 300 -19.18 -35.17 -37.06
C TYR B 300 -17.97 -36.05 -36.69
N TYR B 301 -16.77 -35.52 -36.95
CA TYR B 301 -15.51 -36.08 -36.45
C TYR B 301 -14.66 -35.00 -35.79
N ALA B 302 -14.14 -35.30 -34.59
CA ALA B 302 -13.38 -34.35 -33.76
C ALA B 302 -11.87 -34.43 -33.99
N ILE B 303 -11.32 -33.51 -34.77
CA ILE B 303 -9.87 -33.39 -34.96
C ILE B 303 -9.27 -32.56 -33.83
N VAL B 304 -8.14 -33.00 -33.27
CA VAL B 304 -7.42 -32.21 -32.26
C VAL B 304 -6.04 -31.81 -32.79
N ILE B 305 -5.80 -30.50 -32.82
CA ILE B 305 -4.55 -29.94 -33.32
C ILE B 305 -3.97 -28.98 -32.28
N CYS B 306 -2.80 -28.45 -32.60
CA CYS B 306 -2.02 -27.65 -31.67
C CYS B 306 -1.63 -26.39 -32.44
N VAL B 307 -2.37 -25.30 -32.24
CA VAL B 307 -2.28 -24.11 -33.10
C VAL B 307 -1.61 -22.95 -32.38
N PRO B 308 -0.81 -22.13 -33.08
CA PRO B 308 -0.23 -20.94 -32.47
C PRO B 308 -1.26 -19.90 -32.07
N LYS B 309 -1.03 -19.26 -30.93
CA LYS B 309 -1.99 -18.31 -30.39
C LYS B 309 -2.18 -17.13 -31.33
N LYS B 310 -1.10 -16.71 -31.98
CA LYS B 310 -1.10 -15.59 -32.93
C LYS B 310 -2.21 -15.70 -33.97
N ALA B 311 -2.22 -16.85 -34.64
CA ALA B 311 -3.16 -17.13 -35.72
C ALA B 311 -4.23 -18.13 -35.28
N LEU B 312 -4.97 -17.80 -34.22
CA LEU B 312 -6.08 -18.64 -33.78
C LEU B 312 -7.26 -18.39 -34.69
N TYR B 313 -7.77 -17.16 -34.69
CA TYR B 313 -9.01 -16.81 -35.41
C TYR B 313 -8.91 -17.12 -36.91
N LYS B 314 -7.72 -16.88 -37.48
CA LYS B 314 -7.42 -17.29 -38.85
C LYS B 314 -7.64 -18.80 -39.02
N SER B 315 -6.99 -19.59 -38.20
CA SER B 315 -7.10 -21.04 -38.26
C SER B 315 -8.48 -21.58 -37.92
N ILE B 316 -9.27 -20.82 -37.18
CA ILE B 316 -10.69 -21.16 -37.00
C ILE B 316 -11.44 -20.94 -38.31
N GLN B 317 -11.17 -19.81 -38.98
CA GLN B 317 -11.83 -19.49 -40.25
C GLN B 317 -11.43 -20.51 -41.34
N GLN B 318 -10.16 -20.93 -41.33
CA GLN B 318 -9.68 -21.97 -42.25
C GLN B 318 -10.49 -23.26 -42.12
N LEU B 319 -10.70 -23.71 -40.89
CA LEU B 319 -11.43 -24.96 -40.63
C LEU B 319 -12.91 -24.87 -40.97
N ARG B 320 -13.50 -23.70 -40.74
CA ARG B 320 -14.89 -23.43 -41.13
C ARG B 320 -15.09 -23.45 -42.64
N ALA B 321 -14.05 -23.05 -43.38
CA ALA B 321 -14.02 -23.13 -44.84
C ALA B 321 -14.05 -24.57 -45.37
N ILE B 322 -13.54 -25.53 -44.61
CA ILE B 322 -13.55 -26.96 -44.98
C ILE B 322 -14.52 -27.78 -44.10
N GLY B 323 -15.68 -27.20 -43.81
CA GLY B 323 -16.78 -27.89 -43.14
C GLY B 323 -16.66 -28.02 -41.64
N GLY B 324 -15.97 -27.08 -41.01
CA GLY B 324 -15.80 -27.06 -39.55
C GLY B 324 -17.00 -26.46 -38.85
N SER B 325 -17.25 -26.92 -37.63
CA SER B 325 -18.38 -26.45 -36.83
C SER B 325 -17.91 -25.84 -35.49
N GLY B 326 -17.93 -26.63 -34.40
CA GLY B 326 -17.56 -26.16 -33.07
C GLY B 326 -16.07 -26.33 -32.79
N VAL B 327 -15.43 -25.25 -32.35
CA VAL B 327 -14.01 -25.27 -31.97
C VAL B 327 -13.95 -25.08 -30.46
N LEU B 328 -13.27 -26.00 -29.78
CA LEU B 328 -13.01 -25.89 -28.35
C LEU B 328 -11.52 -25.64 -28.16
N VAL B 329 -11.20 -24.52 -27.53
CA VAL B 329 -9.81 -24.11 -27.32
C VAL B 329 -9.43 -24.31 -25.85
N SER B 330 -8.31 -24.99 -25.61
CA SER B 330 -7.86 -25.29 -24.26
C SER B 330 -6.36 -25.01 -24.11
N PRO B 331 -5.91 -24.74 -22.87
CA PRO B 331 -4.54 -24.33 -22.62
C PRO B 331 -3.55 -25.49 -22.60
N LEU B 332 -2.30 -25.18 -22.96
CA LEU B 332 -1.16 -26.11 -22.82
C LEU B 332 -0.24 -25.57 -21.75
N THR B 333 0.29 -26.46 -20.91
CA THR B 333 1.19 -26.08 -19.83
C THR B 333 2.65 -26.23 -20.23
N TYR B 334 3.00 -27.37 -20.83
CA TYR B 334 4.36 -27.62 -21.36
C TYR B 334 4.26 -28.36 -22.69
N ILE B 335 5.18 -28.07 -23.59
CA ILE B 335 5.36 -28.78 -24.84
C ILE B 335 6.83 -29.22 -24.94
N PHE B 336 7.09 -30.48 -24.61
CA PHE B 336 8.44 -31.02 -24.70
C PHE B 336 8.67 -31.56 -26.11
N ASP B 337 9.63 -30.99 -26.83
CA ASP B 337 10.10 -31.55 -28.10
C ASP B 337 11.05 -32.71 -27.79
N GLU B 338 11.17 -33.66 -28.73
CA GLU B 338 12.03 -34.85 -28.54
C GLU B 338 13.50 -34.46 -28.23
N GLU B 339 13.99 -33.44 -28.91
CA GLU B 339 15.31 -32.85 -28.64
C GLU B 339 15.36 -31.44 -29.27
N THR B 340 15.51 -30.43 -28.42
CA THR B 340 15.69 -29.05 -28.89
C THR B 340 17.02 -28.89 -29.60
N PRO B 341 17.07 -28.02 -30.64
CA PRO B 341 18.34 -27.59 -31.22
C PRO B 341 19.34 -27.00 -30.22
N ARG B 342 18.84 -26.24 -29.25
CA ARG B 342 19.68 -25.58 -28.24
C ARG B 342 20.56 -26.55 -27.47
N TRP B 343 20.01 -27.73 -27.16
CA TRP B 343 20.75 -28.76 -26.48
C TRP B 343 21.88 -29.27 -27.35
N ARG B 344 21.59 -29.57 -28.61
CA ARG B 344 22.62 -29.96 -29.58
C ARG B 344 23.67 -28.89 -29.74
N GLN B 345 23.22 -27.64 -29.87
CA GLN B 345 24.12 -26.49 -30.04
C GLN B 345 25.02 -26.29 -28.83
N LEU B 346 24.52 -26.59 -27.63
CA LEU B 346 25.32 -26.47 -26.42
C LEU B 346 26.42 -27.49 -26.42
N LEU B 347 26.05 -28.75 -26.64
CA LEU B 347 27.02 -29.85 -26.75
C LEU B 347 28.06 -29.55 -27.82
N SER B 348 27.64 -28.95 -28.93
CA SER B 348 28.58 -28.55 -29.99
C SER B 348 29.50 -27.41 -29.57
N LYS B 349 28.98 -26.45 -28.83
CA LYS B 349 29.83 -25.40 -28.25
C LYS B 349 30.84 -25.97 -27.26
N LEU B 350 30.47 -27.04 -26.54
CA LEU B 350 31.33 -27.70 -25.58
C LEU B 350 32.33 -28.68 -26.20
N GLY B 351 32.10 -29.06 -27.45
CA GLY B 351 32.83 -30.15 -28.08
C GLY B 351 32.42 -31.47 -27.44
N LEU B 352 31.13 -31.76 -27.44
CA LEU B 352 30.60 -33.01 -26.89
C LEU B 352 29.61 -33.68 -27.88
N SER C 15 -14.04 14.33 -42.22
CA SER C 15 -13.62 13.01 -42.80
C SER C 15 -12.69 12.25 -41.84
N ARG C 16 -12.49 10.96 -42.13
CA ARG C 16 -11.75 10.05 -41.25
C ARG C 16 -11.57 8.68 -41.95
N GLN C 17 -10.39 8.07 -41.81
CA GLN C 17 -10.16 6.72 -42.38
C GLN C 17 -10.44 5.57 -41.41
N GLU C 18 -10.15 5.79 -40.12
CA GLU C 18 -10.03 4.72 -39.14
C GLU C 18 -11.35 4.28 -38.51
N ILE C 19 -11.39 3.02 -38.10
CA ILE C 19 -12.47 2.48 -37.29
C ILE C 19 -12.14 2.82 -35.85
N ARG C 20 -13.13 3.31 -35.10
CA ARG C 20 -12.90 3.84 -33.75
C ARG C 20 -13.74 3.17 -32.69
N LEU C 21 -13.06 2.67 -31.66
CA LEU C 21 -13.67 2.01 -30.52
C LEU C 21 -13.47 2.89 -29.30
N GLY C 22 -14.56 3.28 -28.65
CA GLY C 22 -14.51 4.07 -27.44
C GLY C 22 -14.55 3.17 -26.23
N LEU C 23 -13.50 3.21 -25.40
CA LEU C 23 -13.45 2.45 -24.14
C LEU C 23 -13.50 3.36 -22.88
N PRO C 24 -14.08 2.87 -21.76
CA PRO C 24 -14.10 3.67 -20.55
C PRO C 24 -12.70 4.04 -20.06
N SER C 25 -12.53 5.33 -19.73
CA SER C 25 -11.23 5.93 -19.39
C SER C 25 -10.90 5.82 -17.92
N LYS C 26 -11.91 5.66 -17.07
CA LYS C 26 -11.74 5.83 -15.64
C LYS C 26 -12.37 4.68 -14.83
N GLY C 27 -11.63 4.20 -13.84
CA GLY C 27 -12.18 3.35 -12.79
C GLY C 27 -12.04 1.86 -12.99
N ARG C 28 -12.77 1.13 -12.18
CA ARG C 28 -12.95 -0.31 -12.31
C ARG C 28 -13.58 -0.67 -13.68
N MET C 29 -14.56 0.13 -14.12
CA MET C 29 -15.17 -0.05 -15.45
C MET C 29 -14.09 -0.06 -16.51
N SER C 30 -13.19 0.91 -16.47
CA SER C 30 -12.07 0.97 -17.43
C SER C 30 -11.16 -0.25 -17.39
N SER C 31 -10.78 -0.66 -16.19
CA SER C 31 -9.76 -1.69 -16.05
C SER C 31 -10.37 -3.08 -16.32
N ASP C 32 -11.57 -3.35 -15.81
CA ASP C 32 -12.32 -4.56 -16.17
C ASP C 32 -12.49 -4.73 -17.70
N THR C 33 -12.78 -3.63 -18.38
CA THR C 33 -12.88 -3.63 -19.85
C THR C 33 -11.58 -4.07 -20.50
N LEU C 34 -10.46 -3.51 -20.06
CA LEU C 34 -9.15 -3.87 -20.60
C LEU C 34 -8.75 -5.30 -20.28
N ASP C 35 -9.13 -5.77 -19.09
CA ASP C 35 -8.92 -7.16 -18.68
C ASP C 35 -9.67 -8.13 -19.56
N LEU C 36 -10.92 -7.81 -19.86
CA LEU C 36 -11.74 -8.61 -20.77
C LEU C 36 -11.15 -8.67 -22.16
N LEU C 37 -10.79 -7.50 -22.70
CA LEU C 37 -10.20 -7.44 -24.05
C LEU C 37 -8.87 -8.18 -24.17
N LYS C 38 -8.08 -8.18 -23.11
CA LYS C 38 -6.84 -8.97 -23.08
C LYS C 38 -7.14 -10.48 -23.10
N ASP C 39 -8.19 -10.88 -22.40
CA ASP C 39 -8.58 -12.30 -22.33
C ASP C 39 -9.11 -12.85 -23.66
N CYS C 40 -9.49 -11.95 -24.57
CA CYS C 40 -10.04 -12.33 -25.87
C CYS C 40 -9.09 -12.01 -27.01
N GLN C 41 -7.79 -11.89 -26.73
CA GLN C 41 -6.78 -11.50 -27.72
C GLN C 41 -7.12 -10.20 -28.44
N LEU C 42 -7.60 -9.21 -27.69
CA LEU C 42 -7.94 -7.88 -28.21
C LEU C 42 -7.28 -6.80 -27.34
N SER C 43 -6.06 -7.09 -26.89
CA SER C 43 -5.35 -6.23 -25.96
C SER C 43 -5.10 -4.86 -26.57
N VAL C 44 -5.25 -3.81 -25.76
CA VAL C 44 -4.94 -2.45 -26.23
C VAL C 44 -3.45 -2.18 -25.96
N LYS C 45 -2.76 -1.63 -26.95
CA LYS C 45 -1.36 -1.25 -26.85
C LYS C 45 -1.25 0.24 -27.08
N GLN C 46 -0.47 0.88 -26.23
CA GLN C 46 -0.38 2.32 -26.19
C GLN C 46 1.08 2.66 -26.43
N VAL C 47 1.37 3.21 -27.61
CA VAL C 47 2.73 3.73 -27.90
C VAL C 47 3.14 4.91 -26.97
N ASN C 48 2.17 5.75 -26.58
CA ASN C 48 2.37 6.89 -25.64
C ASN C 48 1.38 6.83 -24.46
N PRO C 49 1.68 6.01 -23.41
CA PRO C 49 0.79 5.77 -22.24
C PRO C 49 0.02 6.96 -21.62
N ARG C 50 0.57 8.17 -21.71
CA ARG C 50 -0.09 9.38 -21.18
C ARG C 50 -1.13 10.00 -22.15
N GLN C 51 -1.21 9.49 -23.38
CA GLN C 51 -2.23 9.92 -24.36
C GLN C 51 -3.54 9.11 -24.26
N TYR C 52 -4.56 9.57 -24.98
CA TYR C 52 -5.84 8.88 -25.04
C TYR C 52 -6.01 8.04 -26.32
N VAL C 53 -5.04 8.13 -27.24
CA VAL C 53 -5.02 7.27 -28.42
C VAL C 53 -4.45 5.91 -28.04
N ALA C 54 -4.91 4.88 -28.74
CA ALA C 54 -4.36 3.54 -28.59
C ALA C 54 -4.79 2.68 -29.78
N GLN C 55 -4.23 1.49 -29.87
CA GLN C 55 -4.49 0.58 -30.96
C GLN C 55 -4.80 -0.78 -30.35
N ILE C 56 -5.55 -1.60 -31.06
CA ILE C 56 -5.65 -3.03 -30.74
C ILE C 56 -4.90 -3.69 -31.89
N PRO C 57 -3.73 -4.29 -31.63
CA PRO C 57 -2.92 -4.84 -32.73
C PRO C 57 -3.60 -5.92 -33.55
N GLN C 58 -4.30 -6.84 -32.86
CA GLN C 58 -4.98 -7.98 -33.50
C GLN C 58 -5.84 -7.57 -34.69
N ILE C 59 -6.51 -6.44 -34.56
CA ILE C 59 -7.32 -5.85 -35.61
C ILE C 59 -6.67 -4.57 -36.13
N SER C 60 -6.13 -4.61 -37.34
CA SER C 60 -5.57 -3.42 -37.98
C SER C 60 -6.64 -2.36 -38.26
N ASN C 61 -6.20 -1.11 -38.33
CA ASN C 61 -7.07 0.05 -38.60
C ASN C 61 -8.07 0.36 -37.47
N LEU C 62 -7.89 -0.26 -36.29
CA LEU C 62 -8.80 -0.12 -35.17
C LEU C 62 -8.11 0.76 -34.16
N GLU C 63 -8.74 1.90 -33.90
CA GLU C 63 -8.19 2.98 -33.11
C GLU C 63 -9.01 3.01 -31.83
N VAL C 64 -8.35 3.05 -30.69
CA VAL C 64 -9.01 3.11 -29.39
C VAL C 64 -8.90 4.53 -28.83
N TRP C 65 -10.03 5.13 -28.49
CA TRP C 65 -10.06 6.39 -27.75
C TRP C 65 -10.67 6.13 -26.39
N PHE C 66 -9.90 6.42 -25.34
CA PHE C 66 -10.40 6.37 -23.98
C PHE C 66 -11.24 7.61 -23.72
N GLN C 67 -12.43 7.38 -23.21
CA GLN C 67 -13.40 8.45 -22.98
C GLN C 67 -14.23 8.06 -21.79
N ARG C 68 -14.97 9.03 -21.27
CA ARG C 68 -15.96 8.75 -20.24
C ARG C 68 -17.16 8.07 -20.90
N PRO C 69 -17.84 7.16 -20.17
CA PRO C 69 -18.98 6.43 -20.74
C PRO C 69 -20.07 7.30 -21.39
N LYS C 70 -20.34 8.43 -20.76
CA LYS C 70 -21.29 9.43 -21.25
C LYS C 70 -20.91 9.95 -22.63
N ASP C 71 -19.63 10.26 -22.79
CA ASP C 71 -19.12 10.81 -24.04
C ASP C 71 -18.96 9.74 -25.12
N ILE C 72 -18.72 8.50 -24.72
CA ILE C 72 -18.74 7.38 -25.66
C ILE C 72 -20.10 7.36 -26.36
N VAL C 73 -21.17 7.47 -25.59
CA VAL C 73 -22.51 7.53 -26.13
C VAL C 73 -22.69 8.75 -27.02
N ARG C 74 -22.30 9.92 -26.53
CA ARG C 74 -22.44 11.16 -27.30
C ARG C 74 -21.65 11.13 -28.59
N LYS C 75 -20.40 10.72 -28.50
CA LYS C 75 -19.53 10.64 -29.67
C LYS C 75 -19.99 9.61 -30.69
N LEU C 76 -20.58 8.50 -30.23
CA LEU C 76 -21.23 7.54 -31.14
C LEU C 76 -22.39 8.18 -31.93
N LEU C 77 -23.16 9.03 -31.25
CA LEU C 77 -24.26 9.76 -31.89
C LEU C 77 -23.73 10.86 -32.82
N SER C 78 -22.82 11.69 -32.35
CA SER C 78 -22.14 12.68 -33.23
C SER C 78 -21.26 12.07 -34.32
N GLY C 79 -21.12 10.74 -34.33
CA GLY C 79 -20.44 10.03 -35.39
C GLY C 79 -18.94 10.19 -35.33
N ASP C 80 -18.41 10.49 -34.15
CA ASP C 80 -16.96 10.58 -33.94
C ASP C 80 -16.36 9.27 -33.41
N LEU C 81 -17.23 8.37 -32.95
CA LEU C 81 -16.89 6.95 -32.70
C LEU C 81 -17.79 6.01 -33.53
N ASP C 82 -17.28 4.80 -33.76
CA ASP C 82 -18.00 3.75 -34.51
C ASP C 82 -18.54 2.65 -33.60
N LEU C 83 -17.70 2.21 -32.65
CA LEU C 83 -18.06 1.22 -31.64
C LEU C 83 -17.78 1.74 -30.26
N GLY C 84 -18.32 1.08 -29.25
CA GLY C 84 -18.06 1.45 -27.88
C GLY C 84 -18.48 0.40 -26.88
N ILE C 85 -17.80 0.37 -25.73
CA ILE C 85 -18.14 -0.49 -24.61
C ILE C 85 -18.52 0.40 -23.44
N VAL C 86 -19.70 0.18 -22.91
CA VAL C 86 -20.38 1.14 -22.05
C VAL C 86 -21.52 0.44 -21.34
N GLY C 87 -21.89 0.93 -20.18
CA GLY C 87 -22.94 0.31 -19.39
C GLY C 87 -24.31 0.63 -19.92
N LEU C 88 -25.24 -0.32 -19.82
CA LEU C 88 -26.60 -0.09 -20.30
C LEU C 88 -27.30 1.10 -19.62
N ASP C 89 -26.98 1.37 -18.35
CA ASP C 89 -27.49 2.58 -17.68
C ASP C 89 -27.14 3.84 -18.46
N VAL C 90 -25.86 3.99 -18.80
CA VAL C 90 -25.38 5.20 -19.51
C VAL C 90 -25.91 5.22 -20.95
N LEU C 91 -26.01 4.04 -21.55
CA LEU C 91 -26.54 3.92 -22.89
C LEU C 91 -28.00 4.35 -22.95
N THR C 92 -28.87 3.74 -22.16
CA THR C 92 -30.28 4.06 -22.25
C THR C 92 -30.57 5.47 -21.74
N GLU C 93 -29.78 5.96 -20.79
CA GLU C 93 -29.99 7.32 -20.25
C GLU C 93 -29.69 8.41 -21.28
N PHE C 94 -28.46 8.42 -21.80
CA PHE C 94 -28.00 9.49 -22.71
C PHE C 94 -28.29 9.19 -24.18
N GLY C 95 -28.46 7.91 -24.53
CA GLY C 95 -28.90 7.52 -25.86
C GLY C 95 -30.38 7.83 -26.10
N GLN C 96 -31.18 7.78 -25.03
CA GLN C 96 -32.62 8.12 -25.09
C GLN C 96 -33.43 7.29 -26.08
N GLY C 97 -33.05 6.02 -26.25
CA GLY C 97 -33.69 5.13 -27.21
C GLY C 97 -33.38 5.39 -28.68
N ASN C 98 -32.51 6.35 -28.98
CA ASN C 98 -32.09 6.64 -30.36
C ASN C 98 -31.74 5.33 -31.07
N GLU C 99 -32.39 5.09 -32.21
CA GLU C 99 -32.26 3.81 -32.92
C GLU C 99 -30.99 3.68 -33.82
N ASP C 100 -30.17 4.73 -33.92
CA ASP C 100 -28.83 4.62 -34.50
C ASP C 100 -27.88 3.77 -33.64
N LEU C 101 -28.13 3.74 -32.34
CA LEU C 101 -27.35 2.96 -31.37
C LEU C 101 -27.90 1.53 -31.27
N ILE C 102 -27.07 0.56 -31.63
CA ILE C 102 -27.42 -0.86 -31.54
C ILE C 102 -26.51 -1.56 -30.53
N VAL C 103 -27.11 -2.22 -29.54
CA VAL C 103 -26.39 -3.06 -28.59
C VAL C 103 -26.04 -4.38 -29.29
N VAL C 104 -24.74 -4.62 -29.47
CA VAL C 104 -24.23 -5.81 -30.13
C VAL C 104 -24.15 -6.98 -29.15
N HIS C 105 -23.60 -6.70 -27.98
CA HIS C 105 -23.58 -7.64 -26.85
C HIS C 105 -23.99 -6.92 -25.57
N GLU C 106 -25.03 -7.43 -24.93
CA GLU C 106 -25.71 -6.75 -23.83
C GLU C 106 -25.30 -7.22 -22.43
N ALA C 107 -24.23 -8.01 -22.34
CA ALA C 107 -23.95 -8.80 -21.14
C ALA C 107 -22.50 -9.31 -21.10
N LEU C 108 -21.57 -8.37 -21.03
CA LEU C 108 -20.14 -8.68 -20.91
C LEU C 108 -19.74 -9.17 -19.51
N GLU C 109 -20.70 -9.24 -18.58
CA GLU C 109 -20.50 -9.86 -17.26
C GLU C 109 -19.57 -9.08 -16.30
N TYR C 110 -19.57 -7.75 -16.45
CA TYR C 110 -19.05 -6.82 -15.44
C TYR C 110 -19.84 -5.51 -15.51
N GLY C 111 -19.67 -4.64 -14.53
CA GLY C 111 -20.51 -3.44 -14.42
C GLY C 111 -21.88 -3.75 -13.89
N ASP C 112 -22.01 -4.87 -13.17
CA ASP C 112 -23.31 -5.33 -12.72
C ASP C 112 -23.85 -4.38 -11.67
N CYS C 113 -24.97 -3.74 -12.01
CA CYS C 113 -25.69 -2.90 -11.07
C CYS C 113 -27.09 -2.70 -11.59
N ARG C 114 -27.96 -2.13 -10.77
CA ARG C 114 -29.32 -1.84 -11.19
C ARG C 114 -29.71 -0.43 -10.76
N LEU C 115 -30.46 0.21 -11.65
CA LEU C 115 -31.10 1.48 -11.38
C LEU C 115 -32.48 1.16 -10.80
N SER C 116 -32.67 1.45 -9.52
CA SER C 116 -33.95 1.23 -8.86
C SER C 116 -34.30 2.36 -7.91
N ILE C 117 -35.57 2.41 -7.53
CA ILE C 117 -36.09 3.41 -6.59
C ILE C 117 -35.84 2.94 -5.18
N ALA C 118 -35.49 3.90 -4.32
CA ALA C 118 -35.33 3.67 -2.88
C ALA C 118 -36.08 4.75 -2.09
N ILE C 119 -36.77 4.30 -1.06
CA ILE C 119 -37.54 5.17 -0.17
C ILE C 119 -37.04 4.95 1.26
N PRO C 120 -37.45 5.81 2.20
CA PRO C 120 -37.13 5.53 3.60
C PRO C 120 -37.94 4.38 4.16
N GLN C 121 -37.54 3.89 5.33
CA GLN C 121 -38.19 2.74 5.97
C GLN C 121 -38.84 3.08 7.31
N TYR C 122 -38.77 4.35 7.73
CA TYR C 122 -39.13 4.73 9.10
C TYR C 122 -40.56 5.28 9.16
N GLY C 123 -40.80 6.43 8.52
CA GLY C 123 -41.97 7.25 8.83
C GLY C 123 -43.28 6.73 8.27
N ILE C 124 -43.81 7.44 7.28
CA ILE C 124 -45.05 7.05 6.62
C ILE C 124 -44.86 5.85 5.66
N PHE C 125 -43.61 5.43 5.43
CA PHE C 125 -43.30 4.36 4.49
C PHE C 125 -43.10 3.00 5.15
N GLU C 126 -43.22 2.93 6.48
CA GLU C 126 -42.87 1.71 7.23
C GLU C 126 -43.52 0.45 6.68
N ASN C 127 -44.79 0.54 6.28
CA ASN C 127 -45.48 -0.56 5.62
C ASN C 127 -45.83 -0.20 4.16
N VAL C 128 -44.83 0.28 3.43
CA VAL C 128 -44.92 0.54 1.99
C VAL C 128 -43.76 -0.21 1.33
N ASN C 129 -44.07 -1.34 0.69
CA ASN C 129 -43.05 -2.26 0.17
C ASN C 129 -43.19 -2.56 -1.33
N SER C 130 -43.91 -1.68 -2.04
CA SER C 130 -44.21 -1.86 -3.46
C SER C 130 -44.32 -0.50 -4.16
N LEU C 131 -44.09 -0.49 -5.47
CA LEU C 131 -44.22 0.73 -6.27
C LEU C 131 -45.66 1.23 -6.25
N GLU C 132 -46.59 0.33 -6.59
CA GLU C 132 -48.01 0.67 -6.55
C GLU C 132 -48.49 1.01 -5.13
N GLU C 133 -47.98 0.32 -4.10
CA GLU C 133 -48.28 0.66 -2.70
C GLU C 133 -47.95 2.12 -2.34
N LEU C 134 -46.87 2.66 -2.92
CA LEU C 134 -46.49 4.06 -2.68
C LEU C 134 -47.24 5.01 -3.63
N ALA C 135 -47.47 4.60 -4.87
CA ALA C 135 -48.36 5.37 -5.76
C ALA C 135 -49.80 5.50 -5.21
N LYS C 136 -50.24 4.46 -4.49
CA LYS C 136 -51.56 4.44 -3.83
C LYS C 136 -51.70 5.52 -2.74
N MET C 137 -50.61 5.80 -2.02
CA MET C 137 -50.64 6.78 -0.92
C MET C 137 -51.32 8.11 -1.29
N PRO C 138 -52.11 8.69 -0.35
CA PRO C 138 -52.84 9.94 -0.59
C PRO C 138 -52.00 11.22 -0.60
N GLN C 139 -50.89 11.23 0.14
CA GLN C 139 -50.09 12.45 0.39
C GLN C 139 -49.66 13.20 -0.87
N TRP C 140 -49.55 12.50 -2.00
CA TRP C 140 -49.03 13.08 -3.23
C TRP C 140 -50.10 13.54 -4.19
N THR C 141 -50.00 14.84 -4.49
CA THR C 141 -51.01 15.61 -5.17
C THR C 141 -50.30 16.49 -6.18
N GLU C 142 -51.01 16.89 -7.23
CA GLU C 142 -50.47 17.83 -8.24
C GLU C 142 -49.91 19.14 -7.66
N ASP C 143 -50.40 19.55 -6.49
CA ASP C 143 -49.96 20.79 -5.82
C ASP C 143 -48.66 20.61 -5.03
N LYS C 144 -48.57 19.52 -4.27
CA LYS C 144 -47.34 19.11 -3.58
C LYS C 144 -47.09 17.61 -3.86
N PRO C 145 -46.29 17.32 -4.92
CA PRO C 145 -46.13 15.96 -5.42
C PRO C 145 -45.02 15.18 -4.74
N LEU C 146 -44.84 13.93 -5.17
CA LEU C 146 -43.72 13.09 -4.74
C LEU C 146 -42.42 13.61 -5.35
N ARG C 147 -41.50 14.06 -4.50
CA ARG C 147 -40.22 14.60 -4.98
C ARG C 147 -39.22 13.45 -4.96
N VAL C 148 -38.56 13.16 -6.09
CA VAL C 148 -37.48 12.15 -6.13
C VAL C 148 -36.17 12.70 -6.70
N ALA C 149 -35.10 12.54 -5.93
CA ALA C 149 -33.76 12.97 -6.36
C ALA C 149 -33.11 11.86 -7.19
N THR C 150 -32.59 12.23 -8.35
CA THR C 150 -31.99 11.29 -9.26
C THR C 150 -30.86 11.96 -10.06
N GLY C 151 -29.90 11.15 -10.47
CA GLY C 151 -28.98 11.54 -11.54
C GLY C 151 -29.61 11.31 -12.90
N PHE C 152 -30.53 10.34 -12.99
CA PHE C 152 -31.09 9.95 -14.26
C PHE C 152 -32.30 10.81 -14.63
N THR C 153 -31.99 12.01 -15.11
CA THR C 153 -33.01 13.04 -15.36
C THR C 153 -33.97 12.59 -16.47
N TYR C 154 -33.46 11.90 -17.48
CA TYR C 154 -34.27 11.38 -18.58
C TYR C 154 -35.11 10.15 -18.19
N LEU C 155 -34.47 9.15 -17.59
CA LEU C 155 -35.10 7.85 -17.35
C LEU C 155 -36.13 7.84 -16.24
N GLY C 156 -36.01 8.75 -15.27
CA GLY C 156 -36.95 8.78 -14.15
C GLY C 156 -38.38 9.11 -14.55
N PRO C 157 -38.60 10.30 -15.14
CA PRO C 157 -39.88 10.70 -15.72
C PRO C 157 -40.48 9.62 -16.60
N LYS C 158 -39.67 9.08 -17.51
CA LYS C 158 -40.11 8.02 -18.40
C LYS C 158 -40.62 6.80 -17.62
N PHE C 159 -39.89 6.41 -16.59
CA PHE C 159 -40.30 5.27 -15.76
C PHE C 159 -41.63 5.51 -15.05
N MET C 160 -41.83 6.73 -14.57
CA MET C 160 -43.05 7.06 -13.82
C MET C 160 -44.27 7.05 -14.72
N LYS C 161 -44.15 7.65 -15.91
CA LYS C 161 -45.21 7.59 -16.92
C LYS C 161 -45.60 6.14 -17.18
N ASP C 162 -44.64 5.33 -17.60
CA ASP C 162 -44.88 3.92 -17.99
C ASP C 162 -45.36 3.01 -16.85
N ASN C 163 -45.44 3.51 -15.62
CA ASN C 163 -46.09 2.82 -14.50
C ASN C 163 -47.21 3.68 -13.88
N GLY C 164 -47.71 4.67 -14.62
CA GLY C 164 -48.86 5.50 -14.21
C GLY C 164 -48.74 6.25 -12.89
N ILE C 165 -47.72 7.10 -12.79
CA ILE C 165 -47.49 7.91 -11.58
C ILE C 165 -47.30 9.35 -12.03
N LYS C 166 -48.35 10.16 -11.87
CA LYS C 166 -48.40 11.52 -12.43
C LYS C 166 -47.94 12.60 -11.46
N HIS C 167 -48.10 12.36 -10.16
CA HIS C 167 -47.77 13.37 -9.13
C HIS C 167 -46.31 13.24 -8.66
N VAL C 168 -45.36 13.51 -9.56
CA VAL C 168 -43.91 13.37 -9.29
C VAL C 168 -43.07 14.53 -9.83
N ALA C 169 -42.07 14.91 -9.05
CA ALA C 169 -41.14 15.97 -9.42
C ALA C 169 -39.71 15.48 -9.21
N PHE C 170 -38.82 15.87 -10.11
CA PHE C 170 -37.46 15.37 -10.11
C PHE C 170 -36.45 16.49 -9.88
N SER C 171 -35.79 16.46 -8.72
CA SER C 171 -34.58 17.25 -8.49
C SER C 171 -33.40 16.47 -9.02
N THR C 172 -32.38 17.18 -9.50
CA THR C 172 -31.11 16.56 -9.93
C THR C 172 -30.11 16.64 -8.80
N ALA C 173 -29.26 15.62 -8.70
CA ALA C 173 -28.00 15.72 -7.97
C ALA C 173 -26.91 14.89 -8.66
N ASP C 174 -25.68 15.15 -8.24
CA ASP C 174 -24.47 14.69 -8.92
C ASP C 174 -23.79 13.55 -8.16
N GLY C 175 -24.37 13.13 -7.04
CA GLY C 175 -23.75 12.15 -6.16
C GLY C 175 -24.37 12.28 -4.79
N ALA C 176 -24.12 11.30 -3.93
CA ALA C 176 -24.58 11.29 -2.55
C ALA C 176 -26.10 11.51 -2.44
N LEU C 177 -26.84 10.84 -3.31
CA LEU C 177 -28.30 10.93 -3.30
C LEU C 177 -28.90 10.34 -2.05
N GLU C 178 -28.24 9.35 -1.45
CA GLU C 178 -28.69 8.77 -0.18
C GLU C 178 -29.00 9.84 0.87
N ALA C 179 -28.24 10.94 0.81
CA ALA C 179 -28.40 12.10 1.69
C ALA C 179 -29.75 12.80 1.64
N ALA C 180 -30.38 12.83 0.46
CA ALA C 180 -31.50 13.75 0.20
C ALA C 180 -32.78 13.54 1.04
N PRO C 181 -33.17 12.29 1.28
CA PRO C 181 -34.28 12.05 2.21
C PRO C 181 -34.03 12.55 3.64
N ALA C 182 -32.85 12.27 4.19
CA ALA C 182 -32.44 12.80 5.51
C ALA C 182 -32.33 14.33 5.50
N MET C 183 -31.82 14.87 4.40
CA MET C 183 -31.69 16.30 4.20
C MET C 183 -33.04 16.98 3.91
N GLY C 184 -34.03 16.19 3.51
CA GLY C 184 -35.39 16.68 3.35
C GLY C 184 -35.64 17.44 2.06
N ILE C 185 -34.74 17.29 1.09
CA ILE C 185 -34.89 17.90 -0.23
C ILE C 185 -35.66 16.97 -1.19
N ALA C 186 -35.92 15.74 -0.75
CA ALA C 186 -36.71 14.78 -1.53
C ALA C 186 -37.31 13.68 -0.64
N ASP C 187 -38.31 13.00 -1.21
CA ASP C 187 -39.03 11.92 -0.53
C ASP C 187 -38.48 10.53 -0.89
N ALA C 188 -38.00 10.39 -2.12
CA ALA C 188 -37.42 9.14 -2.59
C ALA C 188 -36.23 9.43 -3.49
N ILE C 189 -35.47 8.39 -3.85
CA ILE C 189 -34.38 8.53 -4.83
C ILE C 189 -34.47 7.47 -5.90
N LEU C 190 -33.89 7.77 -7.06
CA LEU C 190 -33.72 6.83 -8.13
C LEU C 190 -32.25 6.78 -8.48
N ASP C 191 -31.59 5.67 -8.17
CA ASP C 191 -30.14 5.58 -8.29
C ASP C 191 -29.63 4.14 -8.44
N LEU C 192 -28.37 4.00 -8.82
CA LEU C 192 -27.71 2.72 -8.99
C LEU C 192 -27.46 1.99 -7.67
N VAL C 193 -27.61 0.67 -7.69
CA VAL C 193 -27.33 -0.20 -6.54
C VAL C 193 -26.63 -1.45 -7.05
N SER C 194 -25.55 -1.87 -6.39
CA SER C 194 -24.94 -3.19 -6.66
C SER C 194 -24.91 -4.06 -5.39
N SER C 195 -23.89 -3.92 -4.55
CA SER C 195 -23.76 -4.69 -3.30
C SER C 195 -24.91 -4.49 -2.27
N GLY C 196 -25.54 -3.31 -2.29
CA GLY C 196 -26.78 -3.04 -1.53
C GLY C 196 -26.64 -2.52 -0.10
N THR C 197 -25.40 -2.30 0.34
CA THR C 197 -25.10 -1.94 1.74
C THR C 197 -25.43 -0.48 2.02
N THR C 198 -24.98 0.40 1.10
CA THR C 198 -25.07 1.87 1.23
C THR C 198 -26.43 2.41 1.67
N LEU C 199 -27.51 1.73 1.31
CA LEU C 199 -28.85 2.25 1.53
C LEU C 199 -29.60 1.63 2.74
N LYS C 200 -29.02 0.63 3.41
CA LYS C 200 -29.41 0.35 4.81
C LYS C 200 -28.76 1.39 5.71
N GLU C 201 -27.50 1.71 5.40
CA GLU C 201 -26.68 2.68 6.15
C GLU C 201 -27.26 4.11 6.18
N ASN C 202 -28.15 4.44 5.24
CA ASN C 202 -28.91 5.69 5.27
C ASN C 202 -30.40 5.47 5.45
N ASN C 203 -30.77 4.37 6.12
CA ASN C 203 -32.15 4.03 6.42
C ASN C 203 -33.11 4.07 5.22
N LEU C 204 -32.70 3.45 4.11
CA LEU C 204 -33.53 3.37 2.90
C LEU C 204 -33.78 1.91 2.51
N LYS C 205 -34.74 1.73 1.62
CA LYS C 205 -35.08 0.39 1.12
C LYS C 205 -35.57 0.41 -0.32
N GLU C 206 -35.15 -0.62 -1.08
CA GLU C 206 -35.77 -0.91 -2.37
C GLU C 206 -37.14 -1.49 -2.11
N ILE C 207 -37.95 -1.51 -3.16
CA ILE C 207 -39.35 -1.93 -3.06
C ILE C 207 -39.67 -2.91 -4.20
N GLU C 208 -40.84 -3.56 -4.11
CA GLU C 208 -41.29 -4.44 -5.18
C GLU C 208 -41.56 -3.65 -6.44
N GLY C 209 -40.93 -4.07 -7.54
CA GLY C 209 -41.08 -3.41 -8.84
C GLY C 209 -40.50 -2.01 -8.93
N GLY C 210 -39.64 -1.63 -7.98
CA GLY C 210 -38.97 -0.34 -8.00
C GLY C 210 -37.81 -0.27 -8.97
N THR C 211 -37.33 -1.43 -9.43
CA THR C 211 -36.25 -1.50 -10.41
C THR C 211 -36.65 -1.00 -11.81
N VAL C 212 -35.87 -0.06 -12.31
CA VAL C 212 -36.09 0.55 -13.62
C VAL C 212 -35.36 -0.25 -14.70
N LEU C 213 -34.10 -0.60 -14.44
CA LEU C 213 -33.35 -1.53 -15.30
C LEU C 213 -32.14 -2.14 -14.58
N GLU C 214 -31.72 -3.32 -15.05
CA GLU C 214 -30.50 -3.98 -14.59
C GLU C 214 -29.43 -3.81 -15.64
N SER C 215 -28.35 -3.16 -15.28
CA SER C 215 -27.33 -2.81 -16.24
C SER C 215 -26.17 -3.77 -16.12
N GLN C 216 -25.39 -3.85 -17.19
CA GLN C 216 -24.00 -4.30 -17.09
C GLN C 216 -23.26 -3.75 -18.31
N ALA C 217 -21.96 -4.01 -18.40
CA ALA C 217 -21.19 -3.52 -19.52
C ALA C 217 -21.69 -4.18 -20.82
N ALA C 218 -21.67 -3.41 -21.90
CA ALA C 218 -22.20 -3.86 -23.17
C ALA C 218 -21.41 -3.29 -24.33
N LEU C 219 -21.29 -4.07 -25.40
CA LEU C 219 -20.69 -3.59 -26.64
C LEU C 219 -21.81 -2.99 -27.48
N VAL C 220 -21.62 -1.76 -27.95
CA VAL C 220 -22.61 -1.12 -28.82
C VAL C 220 -21.94 -0.55 -30.06
N ALA C 221 -22.76 -0.29 -31.06
CA ALA C 221 -22.28 0.10 -32.38
C ALA C 221 -23.23 1.09 -33.02
N SER C 222 -22.66 2.09 -33.69
CA SER C 222 -23.42 3.03 -34.51
C SER C 222 -23.90 2.29 -35.77
N ARG C 223 -25.18 2.43 -36.06
CA ARG C 223 -25.81 1.82 -37.24
C ARG C 223 -25.31 2.45 -38.54
N ARG C 224 -25.16 3.77 -38.53
CA ARG C 224 -24.60 4.50 -39.67
C ARG C 224 -23.15 4.14 -39.93
N SER C 225 -22.42 3.80 -38.88
CA SER C 225 -21.04 3.35 -39.02
C SER C 225 -20.98 1.94 -39.62
N MET C 226 -21.85 1.04 -39.16
CA MET C 226 -21.86 -0.33 -39.66
C MET C 226 -22.23 -0.42 -41.13
N ILE C 227 -23.22 0.37 -41.54
CA ILE C 227 -23.73 0.37 -42.92
C ILE C 227 -22.83 1.14 -43.89
N GLY C 228 -22.40 2.34 -43.49
CA GLY C 228 -21.67 3.26 -44.36
C GLY C 228 -20.18 3.45 -44.15
N ARG C 229 -19.56 2.67 -43.25
CA ARG C 229 -18.10 2.74 -43.07
C ARG C 229 -17.52 1.34 -43.19
N LYS C 230 -16.55 1.20 -44.11
CA LYS C 230 -15.90 -0.07 -44.36
C LYS C 230 -15.11 -0.55 -43.14
N GLY C 231 -15.10 -1.87 -42.94
CA GLY C 231 -14.42 -2.50 -41.82
C GLY C 231 -15.20 -2.59 -40.52
N VAL C 232 -16.24 -1.76 -40.36
CA VAL C 232 -16.93 -1.68 -39.08
C VAL C 232 -17.71 -2.95 -38.78
N LEU C 233 -18.53 -3.38 -39.73
CA LEU C 233 -19.32 -4.63 -39.59
C LEU C 233 -18.41 -5.85 -39.52
N GLU C 234 -17.29 -5.79 -40.24
CA GLU C 234 -16.26 -6.84 -40.21
C GLU C 234 -15.69 -6.96 -38.80
N THR C 235 -15.19 -5.85 -38.26
CA THR C 235 -14.51 -5.92 -36.96
C THR C 235 -15.50 -6.24 -35.83
N THR C 236 -16.68 -5.63 -35.86
CA THR C 236 -17.79 -6.01 -34.97
C THR C 236 -18.04 -7.52 -34.92
N HIS C 237 -17.98 -8.18 -36.06
CA HIS C 237 -18.15 -9.64 -36.11
C HIS C 237 -17.02 -10.36 -35.39
N GLU C 238 -15.78 -9.94 -35.65
CA GLU C 238 -14.62 -10.54 -35.00
C GLU C 238 -14.70 -10.31 -33.49
N MET C 239 -14.86 -9.05 -33.11
CA MET C 239 -15.04 -8.66 -31.72
C MET C 239 -16.12 -9.47 -31.03
N LEU C 240 -17.27 -9.62 -31.66
CA LEU C 240 -18.37 -10.35 -31.06
C LEU C 240 -18.05 -11.82 -30.86
N GLU C 241 -17.48 -12.46 -31.88
CA GLU C 241 -17.14 -13.89 -31.79
C GLU C 241 -16.09 -14.18 -30.74
N ARG C 242 -15.06 -13.34 -30.69
CA ARG C 242 -13.99 -13.45 -29.69
C ARG C 242 -14.49 -13.23 -28.27
N LEU C 243 -15.29 -12.18 -28.06
CA LEU C 243 -15.84 -11.87 -26.74
C LEU C 243 -16.73 -12.99 -26.26
N GLU C 244 -17.56 -13.51 -27.15
CA GLU C 244 -18.51 -14.53 -26.78
C GLU C 244 -17.82 -15.86 -26.54
N ALA C 245 -16.82 -16.17 -27.36
CA ALA C 245 -16.07 -17.40 -27.22
C ALA C 245 -15.45 -17.54 -25.83
N HIS C 246 -14.88 -16.43 -25.35
CA HIS C 246 -14.35 -16.34 -24.00
C HIS C 246 -15.43 -16.49 -22.96
N LEU C 247 -16.46 -15.65 -23.05
CA LEU C 247 -17.54 -15.67 -22.06
C LEU C 247 -18.24 -17.02 -21.98
N ARG C 248 -18.39 -17.70 -23.12
CA ARG C 248 -18.95 -19.06 -23.15
C ARG C 248 -18.06 -20.04 -22.41
N ALA C 249 -16.78 -20.03 -22.75
CA ALA C 249 -15.81 -20.93 -22.16
C ALA C 249 -15.69 -20.76 -20.65
N MET C 250 -15.97 -19.57 -20.14
CA MET C 250 -15.96 -19.32 -18.70
C MET C 250 -17.00 -20.10 -17.92
N GLY C 251 -18.10 -20.48 -18.56
CA GLY C 251 -19.13 -21.28 -17.92
C GLY C 251 -19.14 -22.75 -18.30
N GLN C 252 -18.07 -23.25 -18.92
CA GLN C 252 -17.94 -24.66 -19.29
C GLN C 252 -16.67 -25.33 -18.76
N PHE C 253 -16.77 -26.65 -18.61
CA PHE C 253 -15.64 -27.54 -18.41
C PHE C 253 -15.68 -28.58 -19.50
N THR C 254 -14.52 -29.11 -19.91
CA THR C 254 -14.52 -30.41 -20.61
C THR C 254 -14.47 -31.46 -19.50
N VAL C 255 -15.21 -32.54 -19.72
CA VAL C 255 -15.28 -33.66 -18.78
C VAL C 255 -14.79 -34.92 -19.51
N VAL C 256 -14.02 -35.76 -18.81
CA VAL C 256 -13.59 -37.05 -19.32
C VAL C 256 -13.91 -38.08 -18.26
N ALA C 257 -15.02 -38.79 -18.49
CA ALA C 257 -15.54 -39.78 -17.56
C ALA C 257 -15.32 -41.19 -18.12
N ASN C 258 -15.08 -42.14 -17.23
CA ASN C 258 -14.80 -43.54 -17.59
C ASN C 258 -15.99 -44.41 -17.29
N MET C 259 -16.70 -44.81 -18.36
CA MET C 259 -17.89 -45.65 -18.29
C MET C 259 -17.52 -47.11 -18.47
N ARG C 260 -18.37 -48.01 -17.95
CA ARG C 260 -18.20 -49.46 -18.05
C ARG C 260 -19.00 -50.03 -19.21
N GLY C 261 -18.40 -50.93 -20.01
CA GLY C 261 -19.12 -51.52 -21.13
C GLY C 261 -18.34 -52.47 -22.02
N SER C 262 -18.99 -52.90 -23.10
CA SER C 262 -18.42 -53.82 -24.09
C SER C 262 -18.09 -53.19 -25.45
N SER C 263 -18.54 -51.97 -25.70
CA SER C 263 -18.13 -51.23 -26.90
C SER C 263 -18.25 -49.72 -26.73
N ALA C 264 -17.68 -48.99 -27.68
CA ALA C 264 -17.77 -47.53 -27.72
C ALA C 264 -19.21 -47.05 -27.91
N GLU C 265 -19.92 -47.68 -28.85
CA GLU C 265 -21.28 -47.26 -29.21
C GLU C 265 -22.32 -47.65 -28.17
N GLU C 266 -22.09 -48.75 -27.45
CA GLU C 266 -22.94 -49.14 -26.32
C GLU C 266 -22.96 -48.01 -25.29
N VAL C 267 -21.76 -47.59 -24.88
CA VAL C 267 -21.60 -46.51 -23.92
C VAL C 267 -22.20 -45.23 -24.49
N ALA C 268 -21.81 -44.86 -25.72
CA ALA C 268 -22.33 -43.67 -26.39
C ALA C 268 -23.85 -43.57 -26.32
N GLU C 269 -24.54 -44.68 -26.56
CA GLU C 269 -26.00 -44.70 -26.53
C GLU C 269 -26.57 -44.45 -25.13
N ARG C 270 -25.86 -44.91 -24.09
CA ARG C 270 -26.32 -44.72 -22.72
C ARG C 270 -26.35 -43.25 -22.32
N VAL C 271 -25.24 -42.55 -22.57
CA VAL C 271 -25.12 -41.12 -22.23
C VAL C 271 -25.98 -40.25 -23.16
N LEU C 272 -26.11 -40.66 -24.42
CA LEU C 272 -26.97 -39.95 -25.37
C LEU C 272 -28.47 -40.10 -25.06
N SER C 273 -28.84 -41.17 -24.35
CA SER C 273 -30.22 -41.38 -23.89
C SER C 273 -30.48 -40.81 -22.48
N GLN C 274 -29.54 -40.02 -21.95
CA GLN C 274 -29.75 -39.21 -20.76
C GLN C 274 -30.03 -37.78 -21.20
N PRO C 275 -31.31 -37.36 -21.19
CA PRO C 275 -31.67 -36.03 -21.66
C PRO C 275 -31.31 -34.90 -20.68
N SER C 276 -31.29 -35.21 -19.38
CA SER C 276 -30.80 -34.26 -18.35
C SER C 276 -29.33 -33.90 -18.54
N LEU C 277 -28.55 -34.85 -19.06
CA LEU C 277 -27.11 -34.68 -19.33
C LEU C 277 -26.83 -33.47 -20.21
N ALA C 278 -25.73 -32.78 -19.92
CA ALA C 278 -25.39 -31.53 -20.60
C ALA C 278 -24.76 -31.74 -21.98
N GLY C 279 -25.42 -31.18 -22.99
CA GLY C 279 -24.99 -31.30 -24.38
C GLY C 279 -23.96 -30.25 -24.73
N LEU C 280 -23.16 -30.60 -25.73
CA LEU C 280 -22.16 -29.72 -26.30
C LEU C 280 -22.56 -29.69 -27.78
N GLN C 281 -21.74 -30.24 -28.67
CA GLN C 281 -22.24 -30.76 -29.94
C GLN C 281 -22.42 -32.29 -29.81
N GLY C 282 -21.41 -32.98 -29.26
CA GLY C 282 -21.64 -34.35 -28.78
C GLY C 282 -20.44 -35.11 -28.23
N PRO C 283 -20.70 -36.28 -27.60
CA PRO C 283 -19.70 -37.21 -27.06
C PRO C 283 -18.60 -37.65 -28.01
N THR C 284 -17.56 -38.24 -27.42
CA THR C 284 -16.40 -38.72 -28.15
C THR C 284 -15.85 -39.85 -27.31
N VAL C 285 -15.81 -41.05 -27.88
CA VAL C 285 -15.32 -42.22 -27.16
C VAL C 285 -14.01 -42.73 -27.74
N SER C 286 -13.07 -42.98 -26.82
CA SER C 286 -11.93 -43.83 -27.06
C SER C 286 -11.91 -44.84 -25.89
N PRO C 287 -11.25 -46.00 -26.07
CA PRO C 287 -11.22 -47.03 -25.03
C PRO C 287 -10.00 -46.95 -24.10
N VAL C 288 -10.22 -47.29 -22.83
CA VAL C 288 -9.23 -47.21 -21.75
C VAL C 288 -8.62 -48.59 -21.48
N PHE C 289 -7.30 -48.72 -21.66
CA PHE C 289 -6.65 -50.05 -21.68
C PHE C 289 -6.19 -50.58 -20.32
N CYS C 290 -5.91 -51.89 -20.30
CA CYS C 290 -5.43 -52.64 -19.12
C CYS C 290 -4.87 -54.02 -19.57
N LYS C 291 -4.45 -54.86 -18.62
CA LYS C 291 -3.99 -56.23 -18.94
C LYS C 291 -4.07 -57.21 -17.76
N ARG C 292 -4.48 -58.45 -18.04
CA ARG C 292 -4.68 -59.50 -17.03
C ARG C 292 -4.32 -60.88 -17.58
N SER C 297 -7.10 -55.51 -21.25
CA SER C 297 -7.29 -54.87 -22.55
C SER C 297 -8.73 -54.39 -22.73
N ALA C 298 -8.94 -53.09 -22.46
CA ALA C 298 -10.16 -52.33 -22.78
C ALA C 298 -11.28 -52.46 -21.73
N ASP C 299 -10.95 -52.07 -20.50
CA ASP C 299 -11.87 -52.20 -19.36
C ASP C 299 -13.02 -51.17 -19.41
N TYR C 300 -12.69 -49.88 -19.31
CA TYR C 300 -13.67 -48.80 -19.40
C TYR C 300 -13.65 -48.16 -20.79
N TYR C 301 -14.57 -47.22 -21.04
CA TYR C 301 -14.59 -46.43 -22.26
C TYR C 301 -14.71 -44.94 -21.90
N ALA C 302 -13.74 -44.14 -22.38
CA ALA C 302 -13.59 -42.74 -21.98
C ALA C 302 -14.41 -41.78 -22.84
N ILE C 303 -15.58 -41.39 -22.34
CA ILE C 303 -16.40 -40.36 -22.97
C ILE C 303 -15.85 -38.97 -22.65
N VAL C 304 -15.76 -38.09 -23.65
CA VAL C 304 -15.41 -36.69 -23.41
C VAL C 304 -16.56 -35.78 -23.85
N ILE C 305 -17.13 -35.12 -22.86
CA ILE C 305 -18.23 -34.19 -23.07
C ILE C 305 -17.81 -32.83 -22.52
N CYS C 306 -18.71 -31.86 -22.62
CA CYS C 306 -18.43 -30.50 -22.23
C CYS C 306 -19.65 -30.00 -21.45
N VAL C 307 -19.47 -29.85 -20.14
CA VAL C 307 -20.55 -29.64 -19.18
C VAL C 307 -20.47 -28.21 -18.63
N PRO C 308 -21.63 -27.57 -18.36
CA PRO C 308 -21.63 -26.27 -17.67
C PRO C 308 -21.11 -26.35 -16.24
N LYS C 309 -20.37 -25.34 -15.81
CA LYS C 309 -19.76 -25.31 -14.47
C LYS C 309 -20.84 -25.38 -13.40
N LYS C 310 -21.96 -24.69 -13.65
CA LYS C 310 -23.14 -24.71 -12.78
C LYS C 310 -23.68 -26.11 -12.44
N ALA C 311 -23.63 -27.02 -13.41
CA ALA C 311 -24.18 -28.36 -13.25
C ALA C 311 -23.13 -29.48 -13.18
N LEU C 312 -21.92 -29.18 -12.72
CA LEU C 312 -20.83 -30.16 -12.75
C LEU C 312 -21.15 -31.37 -11.87
N TYR C 313 -21.27 -31.14 -10.57
CA TYR C 313 -21.45 -32.25 -9.61
C TYR C 313 -22.72 -33.03 -9.88
N LYS C 314 -23.75 -32.40 -10.43
CA LYS C 314 -24.96 -33.11 -10.84
C LYS C 314 -24.59 -34.07 -11.95
N SER C 315 -24.00 -33.54 -13.02
CA SER C 315 -23.53 -34.33 -14.16
C SER C 315 -22.57 -35.47 -13.79
N ILE C 316 -21.77 -35.29 -12.75
CA ILE C 316 -20.89 -36.34 -12.27
C ILE C 316 -21.69 -37.44 -11.56
N GLN C 317 -22.75 -37.06 -10.84
CA GLN C 317 -23.62 -38.03 -10.18
C GLN C 317 -24.44 -38.82 -11.21
N GLN C 318 -24.96 -38.11 -12.22
CA GLN C 318 -25.69 -38.71 -13.33
C GLN C 318 -24.88 -39.77 -14.06
N LEU C 319 -23.63 -39.43 -14.39
CA LEU C 319 -22.72 -40.37 -15.05
C LEU C 319 -22.36 -41.57 -14.18
N ARG C 320 -22.35 -41.40 -12.85
CA ARG C 320 -22.17 -42.52 -11.92
C ARG C 320 -23.35 -43.50 -11.88
N ALA C 321 -24.55 -43.01 -12.19
CA ALA C 321 -25.73 -43.87 -12.34
C ALA C 321 -25.71 -44.70 -13.65
N ILE C 322 -24.88 -44.28 -14.61
CA ILE C 322 -24.71 -44.97 -15.90
C ILE C 322 -23.39 -45.77 -15.92
N GLY C 323 -23.00 -46.28 -14.75
CA GLY C 323 -21.78 -47.07 -14.59
C GLY C 323 -20.45 -46.34 -14.56
N GLY C 324 -20.47 -45.00 -14.54
CA GLY C 324 -19.23 -44.22 -14.56
C GLY C 324 -18.44 -44.32 -13.26
N SER C 325 -17.11 -44.25 -13.36
CA SER C 325 -16.21 -44.26 -12.19
C SER C 325 -15.39 -42.95 -12.04
N GLY C 326 -14.23 -42.90 -12.72
CA GLY C 326 -13.29 -41.78 -12.59
C GLY C 326 -13.61 -40.68 -13.58
N VAL C 327 -13.57 -39.43 -13.13
CA VAL C 327 -13.90 -38.28 -13.96
C VAL C 327 -12.81 -37.22 -13.85
N LEU C 328 -12.44 -36.65 -14.99
CA LEU C 328 -11.39 -35.66 -15.09
C LEU C 328 -11.97 -34.38 -15.67
N VAL C 329 -12.08 -33.35 -14.83
CA VAL C 329 -12.50 -32.02 -15.26
C VAL C 329 -11.26 -31.20 -15.63
N SER C 330 -11.36 -30.50 -16.76
CA SER C 330 -10.29 -29.65 -17.29
C SER C 330 -10.90 -28.36 -17.87
N PRO C 331 -10.12 -27.27 -17.92
CA PRO C 331 -10.62 -25.97 -18.28
C PRO C 331 -10.64 -25.69 -19.77
N LEU C 332 -11.52 -24.80 -20.20
CA LEU C 332 -11.62 -24.34 -21.58
C LEU C 332 -11.30 -22.84 -21.67
N THR C 333 -10.53 -22.47 -22.68
CA THR C 333 -10.13 -21.08 -22.89
C THR C 333 -11.17 -20.37 -23.75
N TYR C 334 -11.53 -21.00 -24.87
CA TYR C 334 -12.55 -20.47 -25.80
C TYR C 334 -13.44 -21.57 -26.35
N ILE C 335 -14.68 -21.21 -26.64
CA ILE C 335 -15.64 -22.05 -27.36
C ILE C 335 -16.24 -21.26 -28.50
N PHE C 336 -15.94 -21.64 -29.74
CA PHE C 336 -16.50 -20.95 -30.90
C PHE C 336 -17.62 -21.80 -31.51
N ASP C 337 -18.86 -21.39 -31.27
CA ASP C 337 -20.02 -21.89 -32.03
C ASP C 337 -19.90 -21.47 -33.48
N GLU C 338 -20.60 -22.18 -34.37
CA GLU C 338 -20.50 -21.91 -35.80
C GLU C 338 -21.07 -20.55 -36.18
N GLU C 339 -22.30 -20.28 -35.77
CA GLU C 339 -22.89 -18.95 -35.85
C GLU C 339 -23.57 -18.63 -34.52
N THR C 340 -23.13 -17.54 -33.90
CA THR C 340 -23.74 -17.04 -32.67
C THR C 340 -25.18 -16.53 -32.92
N PRO C 341 -26.11 -16.81 -32.00
CA PRO C 341 -27.42 -16.14 -32.02
C PRO C 341 -27.34 -14.60 -31.98
N ARG C 342 -26.35 -14.06 -31.26
CA ARG C 342 -26.16 -12.62 -31.17
C ARG C 342 -25.82 -11.98 -32.50
N TRP C 343 -25.00 -12.63 -33.32
CA TRP C 343 -24.72 -12.14 -34.67
C TRP C 343 -25.95 -12.13 -35.56
N ARG C 344 -26.74 -13.20 -35.49
CA ARG C 344 -28.03 -13.30 -36.18
C ARG C 344 -28.95 -12.15 -35.79
N GLN C 345 -29.06 -11.93 -34.49
CA GLN C 345 -29.89 -10.85 -33.94
C GLN C 345 -29.45 -9.46 -34.35
N LEU C 346 -28.15 -9.28 -34.63
CA LEU C 346 -27.64 -8.01 -35.11
C LEU C 346 -28.09 -7.78 -36.53
N LEU C 347 -27.86 -8.77 -37.39
CA LEU C 347 -28.30 -8.72 -38.77
C LEU C 347 -29.80 -8.48 -38.83
N SER C 348 -30.55 -9.11 -37.94
CA SER C 348 -31.98 -8.84 -37.79
C SER C 348 -32.30 -7.39 -37.39
N LYS C 349 -31.54 -6.82 -36.47
CA LYS C 349 -31.72 -5.41 -36.07
C LYS C 349 -31.30 -4.42 -37.15
N LEU C 350 -30.43 -4.84 -38.07
CA LEU C 350 -30.04 -4.01 -39.22
C LEU C 350 -31.08 -3.99 -40.34
N GLY C 351 -32.20 -4.70 -40.17
CA GLY C 351 -33.21 -4.85 -41.23
C GLY C 351 -33.04 -6.11 -42.07
N LEU C 352 -31.92 -6.83 -41.91
CA LEU C 352 -31.70 -8.09 -42.65
C LEU C 352 -32.47 -9.23 -41.99
N SER D 15 31.52 29.57 -20.74
CA SER D 15 31.85 28.32 -19.99
C SER D 15 30.59 27.68 -19.38
N ARG D 16 29.99 28.38 -18.41
CA ARG D 16 28.79 27.93 -17.69
C ARG D 16 28.35 29.05 -16.75
N GLN D 17 27.06 29.41 -16.77
CA GLN D 17 26.58 30.61 -16.08
C GLN D 17 25.90 30.40 -14.71
N GLU D 18 25.45 29.18 -14.42
CA GLU D 18 24.73 28.89 -13.17
C GLU D 18 25.65 28.30 -12.09
N ILE D 19 25.18 28.38 -10.85
CA ILE D 19 25.79 27.68 -9.73
C ILE D 19 25.11 26.32 -9.64
N ARG D 20 25.88 25.26 -9.38
CA ARG D 20 25.35 23.89 -9.49
C ARG D 20 25.51 23.04 -8.24
N LEU D 21 24.36 22.64 -7.68
CA LEU D 21 24.30 21.79 -6.51
C LEU D 21 23.91 20.39 -6.95
N GLY D 22 24.74 19.40 -6.59
CA GLY D 22 24.41 17.99 -6.80
C GLY D 22 23.65 17.44 -5.61
N LEU D 23 22.52 16.78 -5.85
CA LEU D 23 21.74 16.13 -4.78
C LEU D 23 21.48 14.67 -5.14
N PRO D 24 21.45 13.78 -4.13
CA PRO D 24 21.22 12.36 -4.40
C PRO D 24 19.91 12.10 -5.15
N SER D 25 19.96 11.19 -6.13
CA SER D 25 18.84 10.95 -7.05
C SER D 25 17.89 9.84 -6.63
N LYS D 26 18.43 8.77 -6.02
CA LYS D 26 17.65 7.60 -5.60
C LYS D 26 17.60 7.47 -4.08
N GLY D 27 16.57 6.81 -3.59
CA GLY D 27 16.59 6.21 -2.25
C GLY D 27 16.15 7.12 -1.12
N ARG D 28 16.24 6.58 0.10
CA ARG D 28 16.04 7.37 1.33
C ARG D 28 17.01 8.56 1.40
N MET D 29 18.23 8.36 0.92
CA MET D 29 19.21 9.43 0.83
C MET D 29 18.63 10.61 0.06
N SER D 30 17.99 10.37 -1.07
CA SER D 30 17.40 11.46 -1.87
C SER D 30 16.26 12.16 -1.15
N SER D 31 15.38 11.37 -0.51
CA SER D 31 14.16 11.93 0.07
C SER D 31 14.47 12.66 1.38
N ASP D 32 15.35 12.08 2.20
CA ASP D 32 15.83 12.75 3.41
C ASP D 32 16.55 14.07 3.11
N THR D 33 17.26 14.12 1.98
CA THR D 33 17.95 15.34 1.55
C THR D 33 16.95 16.43 1.21
N LEU D 34 15.92 16.07 0.45
CA LEU D 34 14.89 17.04 0.07
C LEU D 34 14.05 17.49 1.27
N ASP D 35 13.86 16.60 2.25
CA ASP D 35 13.19 16.97 3.48
C ASP D 35 13.98 17.99 4.25
N LEU D 36 15.28 17.79 4.36
CA LEU D 36 16.13 18.74 5.09
C LEU D 36 16.14 20.09 4.41
N LEU D 37 16.24 20.08 3.08
CA LEU D 37 16.23 21.33 2.33
C LEU D 37 14.89 22.05 2.42
N LYS D 38 13.80 21.30 2.61
CA LYS D 38 12.48 21.91 2.80
C LYS D 38 12.37 22.61 4.15
N ASP D 39 12.93 21.98 5.18
CA ASP D 39 12.90 22.53 6.54
C ASP D 39 13.75 23.79 6.75
N CYS D 40 14.73 24.01 5.87
CA CYS D 40 15.59 25.15 5.93
C CYS D 40 15.25 26.19 4.88
N GLN D 41 13.99 26.24 4.44
CA GLN D 41 13.55 27.17 3.39
C GLN D 41 14.45 27.14 2.15
N LEU D 42 14.87 25.94 1.75
CA LEU D 42 15.66 25.74 0.52
C LEU D 42 15.01 24.64 -0.30
N SER D 43 13.70 24.76 -0.45
CA SER D 43 12.90 23.73 -1.08
C SER D 43 13.24 23.66 -2.55
N VAL D 44 13.35 22.44 -3.05
CA VAL D 44 13.64 22.20 -4.45
C VAL D 44 12.32 22.24 -5.24
N LYS D 45 12.34 22.93 -6.39
CA LYS D 45 11.18 23.03 -7.27
C LYS D 45 11.60 22.53 -8.62
N GLN D 46 10.80 21.60 -9.15
CA GLN D 46 11.11 20.91 -10.38
C GLN D 46 9.97 21.14 -11.33
N VAL D 47 10.21 21.95 -12.36
CA VAL D 47 9.20 22.23 -13.40
C VAL D 47 8.87 20.93 -14.19
N ASN D 48 9.89 20.14 -14.53
CA ASN D 48 9.75 18.86 -15.23
C ASN D 48 10.25 17.70 -14.35
N PRO D 49 9.36 17.11 -13.52
CA PRO D 49 9.69 15.95 -12.65
C PRO D 49 10.49 14.79 -13.30
N ARG D 50 10.28 14.55 -14.60
CA ARG D 50 10.97 13.48 -15.33
C ARG D 50 12.31 13.92 -16.00
N GLN D 51 12.84 15.06 -15.58
CA GLN D 51 14.23 15.44 -15.87
C GLN D 51 15.05 15.33 -14.60
N TYR D 52 16.36 15.59 -14.73
CA TYR D 52 17.27 15.61 -13.59
C TYR D 52 17.77 17.01 -13.26
N VAL D 53 17.10 18.04 -13.80
CA VAL D 53 17.43 19.43 -13.51
C VAL D 53 16.34 20.01 -12.61
N ALA D 54 16.72 20.97 -11.78
CA ALA D 54 15.82 21.58 -10.81
C ALA D 54 16.40 22.89 -10.27
N GLN D 55 15.56 23.60 -9.53
CA GLN D 55 15.89 24.89 -8.96
C GLN D 55 15.65 24.86 -7.47
N ILE D 56 16.37 25.70 -6.75
CA ILE D 56 15.95 26.14 -5.43
C ILE D 56 15.62 27.61 -5.64
N PRO D 57 14.33 27.99 -5.49
CA PRO D 57 13.96 29.38 -5.75
C PRO D 57 14.52 30.34 -4.73
N GLN D 58 14.62 29.91 -3.46
CA GLN D 58 15.13 30.77 -2.37
C GLN D 58 16.47 31.41 -2.68
N ILE D 59 17.32 30.71 -3.41
CA ILE D 59 18.58 31.26 -3.86
C ILE D 59 18.54 31.49 -5.39
N SER D 60 18.84 32.73 -5.76
CA SER D 60 18.93 33.18 -7.15
C SER D 60 20.06 32.45 -7.89
N ASN D 61 19.77 32.01 -9.11
CA ASN D 61 20.78 31.38 -10.00
C ASN D 61 21.36 30.04 -9.48
N LEU D 62 20.62 29.33 -8.63
CA LEU D 62 21.07 28.05 -8.09
C LEU D 62 20.33 26.94 -8.81
N GLU D 63 21.09 25.99 -9.34
CA GLU D 63 20.62 24.96 -10.24
C GLU D 63 20.93 23.60 -9.63
N VAL D 64 19.89 22.88 -9.24
CA VAL D 64 20.00 21.52 -8.69
C VAL D 64 20.12 20.50 -9.81
N TRP D 65 21.07 19.57 -9.67
CA TRP D 65 21.18 18.41 -10.55
C TRP D 65 21.12 17.12 -9.74
N PHE D 66 20.07 16.32 -9.97
CA PHE D 66 19.95 15.02 -9.32
C PHE D 66 20.87 13.97 -9.96
N GLN D 67 21.70 13.36 -9.11
CA GLN D 67 22.79 12.52 -9.54
C GLN D 67 23.02 11.47 -8.48
N ARG D 68 23.64 10.36 -8.87
CA ARG D 68 24.09 9.36 -7.91
C ARG D 68 25.25 9.94 -7.10
N PRO D 69 25.30 9.65 -5.78
CA PRO D 69 26.38 10.15 -4.92
C PRO D 69 27.82 9.99 -5.44
N LYS D 70 28.11 8.88 -6.13
CA LYS D 70 29.43 8.67 -6.73
C LYS D 70 29.69 9.74 -7.77
N ASP D 71 28.66 10.02 -8.58
CA ASP D 71 28.78 10.96 -9.68
C ASP D 71 28.77 12.41 -9.21
N ILE D 72 28.26 12.68 -8.01
CA ILE D 72 28.37 14.01 -7.43
C ILE D 72 29.84 14.28 -7.10
N VAL D 73 30.50 13.29 -6.50
CA VAL D 73 31.92 13.40 -6.20
C VAL D 73 32.74 13.51 -7.50
N ARG D 74 32.42 12.68 -8.49
CA ARG D 74 33.10 12.72 -9.78
C ARG D 74 32.97 14.06 -10.51
N LYS D 75 31.78 14.65 -10.45
CA LYS D 75 31.51 15.94 -11.10
C LYS D 75 32.07 17.14 -10.32
N LEU D 76 32.12 17.04 -8.99
CA LEU D 76 32.79 18.06 -8.18
C LEU D 76 34.30 18.12 -8.50
N LEU D 77 34.91 16.96 -8.73
CA LEU D 77 36.31 16.88 -9.16
C LEU D 77 36.47 17.39 -10.59
N SER D 78 35.59 16.94 -11.51
CA SER D 78 35.65 17.36 -12.91
C SER D 78 35.18 18.81 -13.17
N GLY D 79 34.68 19.49 -12.14
CA GLY D 79 34.30 20.89 -12.24
C GLY D 79 33.00 21.12 -12.98
N ASP D 80 32.10 20.14 -12.95
CA ASP D 80 30.77 20.25 -13.55
C ASP D 80 29.67 20.53 -12.51
N LEU D 81 30.01 20.34 -11.23
CA LEU D 81 29.22 20.86 -10.10
C LEU D 81 30.12 21.70 -9.21
N ASP D 82 29.50 22.58 -8.42
CA ASP D 82 30.20 23.40 -7.40
C ASP D 82 30.01 22.87 -5.98
N LEU D 83 28.78 22.44 -5.68
CA LEU D 83 28.38 22.01 -4.35
C LEU D 83 27.75 20.64 -4.45
N GLY D 84 27.78 19.90 -3.35
CA GLY D 84 27.06 18.64 -3.27
C GLY D 84 26.73 18.17 -1.87
N ILE D 85 25.69 17.36 -1.78
CA ILE D 85 25.38 16.64 -0.56
C ILE D 85 25.59 15.16 -0.83
N VAL D 86 26.53 14.56 -0.11
CA VAL D 86 26.82 13.13 -0.22
C VAL D 86 27.23 12.62 1.14
N GLY D 87 27.32 11.30 1.27
CA GLY D 87 27.80 10.69 2.49
C GLY D 87 29.29 10.83 2.57
N LEU D 88 29.84 10.81 3.78
CA LEU D 88 31.29 10.80 3.94
C LEU D 88 31.88 9.46 3.51
N ASP D 89 31.09 8.37 3.57
CA ASP D 89 31.49 7.10 2.93
C ASP D 89 31.92 7.34 1.47
N VAL D 90 31.04 7.97 0.68
CA VAL D 90 31.25 8.13 -0.76
C VAL D 90 32.32 9.19 -1.05
N LEU D 91 32.35 10.23 -0.24
CA LEU D 91 33.30 11.31 -0.43
C LEU D 91 34.73 10.84 -0.29
N THR D 92 35.04 10.06 0.74
CA THR D 92 36.43 9.63 0.97
C THR D 92 36.84 8.46 0.05
N GLU D 93 35.89 7.59 -0.30
CA GLU D 93 36.20 6.50 -1.25
C GLU D 93 36.50 7.04 -2.65
N PHE D 94 35.69 7.97 -3.14
CA PHE D 94 35.81 8.45 -4.53
C PHE D 94 36.60 9.75 -4.67
N GLY D 95 36.61 10.56 -3.63
CA GLY D 95 37.43 11.79 -3.59
C GLY D 95 38.88 11.50 -3.24
N GLN D 96 39.10 10.54 -2.35
CA GLN D 96 40.44 10.02 -2.02
C GLN D 96 41.37 11.11 -1.49
N GLY D 97 40.87 11.86 -0.52
CA GLY D 97 41.63 12.95 0.06
C GLY D 97 42.02 14.08 -0.87
N ASN D 98 41.42 14.15 -2.07
CA ASN D 98 41.66 15.26 -2.97
C ASN D 98 41.30 16.58 -2.27
N GLU D 99 42.18 17.56 -2.41
CA GLU D 99 42.11 18.77 -1.59
C GLU D 99 41.30 19.90 -2.24
N ASP D 100 40.79 19.69 -3.44
CA ASP D 100 39.77 20.57 -3.99
C ASP D 100 38.44 20.36 -3.25
N LEU D 101 38.17 19.14 -2.82
CA LEU D 101 36.94 18.83 -2.10
C LEU D 101 37.03 19.24 -0.63
N ILE D 102 36.15 20.16 -0.22
CA ILE D 102 36.10 20.66 1.16
C ILE D 102 34.73 20.36 1.76
N VAL D 103 34.72 19.69 2.91
CA VAL D 103 33.50 19.41 3.65
C VAL D 103 33.08 20.66 4.42
N VAL D 104 31.95 21.23 4.03
CA VAL D 104 31.43 22.46 4.62
C VAL D 104 30.63 22.18 5.90
N HIS D 105 29.78 21.15 5.87
CA HIS D 105 29.06 20.68 7.04
C HIS D 105 29.18 19.17 7.04
N GLU D 106 29.67 18.61 8.14
CA GLU D 106 30.08 17.20 8.17
C GLU D 106 29.06 16.26 8.79
N ALA D 107 27.85 16.77 9.01
CA ALA D 107 26.92 16.21 10.00
C ALA D 107 25.49 16.74 9.86
N LEU D 108 24.82 16.33 8.77
CA LEU D 108 23.44 16.72 8.51
C LEU D 108 22.42 15.83 9.23
N GLU D 109 22.88 14.95 10.11
CA GLU D 109 22.04 14.10 10.96
C GLU D 109 21.06 13.18 10.17
N TYR D 110 21.52 12.69 9.01
CA TYR D 110 20.91 11.55 8.31
C TYR D 110 21.97 10.85 7.47
N GLY D 111 21.66 9.67 6.94
CA GLY D 111 22.61 8.87 6.20
C GLY D 111 23.61 8.22 7.13
N ASP D 112 23.15 7.85 8.31
CA ASP D 112 24.02 7.38 9.39
C ASP D 112 24.41 5.94 9.15
N CYS D 113 25.70 5.69 9.01
CA CYS D 113 26.23 4.33 8.96
C CYS D 113 27.70 4.36 9.30
N ARG D 114 28.32 3.20 9.37
CA ARG D 114 29.77 3.13 9.48
C ARG D 114 30.32 2.03 8.59
N LEU D 115 31.47 2.31 7.99
CA LEU D 115 32.21 1.33 7.22
C LEU D 115 33.06 0.58 8.22
N SER D 116 32.89 -0.74 8.29
CA SER D 116 33.53 -1.54 9.33
C SER D 116 33.68 -3.00 8.93
N ILE D 117 34.72 -3.64 9.45
CA ILE D 117 35.02 -5.03 9.18
C ILE D 117 34.11 -5.93 10.00
N ALA D 118 33.56 -6.95 9.35
CA ALA D 118 32.78 -7.98 9.99
C ALA D 118 33.45 -9.32 9.77
N ILE D 119 33.26 -10.19 10.73
CA ILE D 119 34.03 -11.43 10.89
C ILE D 119 33.04 -12.50 11.29
N PRO D 120 33.24 -13.77 10.84
CA PRO D 120 32.31 -14.80 11.31
C PRO D 120 32.42 -15.00 12.82
N GLN D 121 31.31 -15.35 13.46
CA GLN D 121 31.32 -15.58 14.93
C GLN D 121 31.57 -17.06 15.26
N TYR D 122 31.17 -17.94 14.35
CA TYR D 122 31.14 -19.39 14.58
C TYR D 122 32.53 -20.04 14.79
N GLY D 123 33.42 -19.94 13.80
CA GLY D 123 34.49 -20.93 13.64
C GLY D 123 35.79 -20.64 14.37
N ILE D 124 36.86 -20.40 13.59
CA ILE D 124 38.18 -20.07 14.12
C ILE D 124 38.22 -18.66 14.72
N PHE D 125 37.17 -17.87 14.46
CA PHE D 125 37.12 -16.48 14.88
C PHE D 125 36.37 -16.26 16.20
N GLU D 126 35.97 -17.34 16.89
CA GLU D 126 35.14 -17.20 18.11
C GLU D 126 35.80 -16.37 19.22
N ASN D 127 37.11 -16.57 19.40
CA ASN D 127 37.88 -15.83 20.41
C ASN D 127 38.72 -14.72 19.78
N VAL D 128 38.10 -14.00 18.83
CA VAL D 128 38.80 -12.99 18.03
C VAL D 128 37.87 -11.78 17.92
N ASN D 129 38.00 -10.86 18.88
CA ASN D 129 37.10 -9.72 19.00
C ASN D 129 37.84 -8.40 18.86
N SER D 130 38.92 -8.40 18.09
CA SER D 130 39.79 -7.25 17.94
C SER D 130 40.53 -7.33 16.62
N LEU D 131 40.90 -6.18 16.08
CA LEU D 131 41.65 -6.12 14.82
C LEU D 131 43.04 -6.73 14.97
N GLU D 132 43.74 -6.40 16.07
CA GLU D 132 45.07 -6.98 16.32
C GLU D 132 45.01 -8.49 16.57
N GLU D 133 43.98 -8.96 17.27
CA GLU D 133 43.74 -10.40 17.45
C GLU D 133 43.58 -11.09 16.11
N LEU D 134 42.89 -10.43 15.19
CA LEU D 134 42.73 -10.88 13.81
C LEU D 134 44.06 -10.83 13.02
N ALA D 135 44.84 -9.77 13.22
CA ALA D 135 46.21 -9.66 12.63
C ALA D 135 47.15 -10.76 13.16
N LYS D 136 47.11 -10.94 14.48
CA LYS D 136 47.90 -11.91 15.23
C LYS D 136 47.75 -13.37 14.76
N MET D 137 46.56 -13.73 14.27
CA MET D 137 46.27 -15.11 13.82
C MET D 137 47.37 -15.65 12.90
N PRO D 138 47.81 -16.90 13.13
CA PRO D 138 48.88 -17.48 12.30
C PRO D 138 48.46 -17.83 10.86
N GLN D 139 47.16 -17.93 10.58
CA GLN D 139 46.67 -18.49 9.30
C GLN D 139 47.11 -17.72 8.05
N TRP D 140 47.37 -16.42 8.19
CA TRP D 140 47.50 -15.54 7.01
C TRP D 140 48.96 -15.16 6.69
N THR D 141 49.28 -15.35 5.41
CA THR D 141 50.64 -15.31 4.89
C THR D 141 50.60 -14.80 3.44
N GLU D 142 51.75 -14.38 2.91
CA GLU D 142 51.88 -14.03 1.50
C GLU D 142 51.40 -15.15 0.55
N ASP D 143 51.61 -16.40 0.97
CA ASP D 143 51.19 -17.57 0.21
C ASP D 143 49.66 -17.61 0.10
N LYS D 144 48.99 -17.67 1.25
CA LYS D 144 47.52 -17.63 1.32
C LYS D 144 47.08 -16.54 2.32
N PRO D 145 46.64 -15.36 1.80
CA PRO D 145 46.35 -14.20 2.65
C PRO D 145 44.94 -14.18 3.25
N LEU D 146 44.67 -13.14 4.04
CA LEU D 146 43.30 -12.86 4.51
C LEU D 146 42.48 -12.30 3.34
N ARG D 147 41.45 -13.05 2.96
CA ARG D 147 40.58 -12.64 1.87
C ARG D 147 39.42 -11.87 2.48
N VAL D 148 39.20 -10.65 2.00
CA VAL D 148 38.14 -9.77 2.51
C VAL D 148 37.34 -9.15 1.35
N ALA D 149 36.02 -9.34 1.38
CA ALA D 149 35.13 -8.86 0.32
C ALA D 149 34.65 -7.44 0.61
N THR D 150 34.67 -6.57 -0.40
CA THR D 150 34.28 -5.18 -0.19
C THR D 150 33.94 -4.41 -1.49
N GLY D 151 33.04 -3.45 -1.38
CA GLY D 151 32.81 -2.48 -2.44
C GLY D 151 33.83 -1.34 -2.42
N PHE D 152 34.46 -1.13 -1.26
CA PHE D 152 35.40 -0.02 -1.05
C PHE D 152 36.84 -0.42 -1.40
N THR D 153 37.10 -0.38 -2.70
CA THR D 153 38.34 -0.87 -3.30
C THR D 153 39.53 0.02 -2.91
N TYR D 154 39.31 1.33 -2.83
CA TYR D 154 40.34 2.27 -2.39
C TYR D 154 40.59 2.19 -0.88
N LEU D 155 39.53 2.23 -0.10
CA LEU D 155 39.64 2.43 1.35
C LEU D 155 40.13 1.22 2.13
N GLY D 156 39.71 0.03 1.73
CA GLY D 156 40.13 -1.20 2.41
C GLY D 156 41.65 -1.34 2.52
N PRO D 157 42.34 -1.41 1.37
CA PRO D 157 43.79 -1.48 1.34
C PRO D 157 44.45 -0.37 2.17
N LYS D 158 44.04 0.87 1.94
CA LYS D 158 44.53 2.01 2.72
C LYS D 158 44.35 1.82 4.24
N PHE D 159 43.21 1.25 4.63
CA PHE D 159 42.94 0.97 6.05
C PHE D 159 43.87 -0.12 6.59
N MET D 160 44.08 -1.16 5.80
CA MET D 160 44.97 -2.26 6.19
C MET D 160 46.43 -1.82 6.29
N LYS D 161 46.86 -0.96 5.38
CA LYS D 161 48.23 -0.44 5.35
C LYS D 161 48.44 0.56 6.49
N ASP D 162 47.40 1.36 6.80
CA ASP D 162 47.44 2.29 7.94
C ASP D 162 47.54 1.54 9.29
N ASN D 163 46.97 0.33 9.37
CA ASN D 163 47.05 -0.51 10.58
C ASN D 163 47.87 -1.79 10.37
N GLY D 164 48.84 -1.73 9.46
CA GLY D 164 49.87 -2.76 9.28
C GLY D 164 49.45 -4.21 9.15
N ILE D 165 48.29 -4.47 8.55
CA ILE D 165 47.86 -5.85 8.23
C ILE D 165 48.59 -6.25 6.96
N LYS D 166 49.51 -7.21 7.08
CA LYS D 166 50.54 -7.43 6.07
C LYS D 166 50.01 -8.10 4.80
N HIS D 167 49.31 -9.22 4.94
CA HIS D 167 48.89 -10.03 3.78
C HIS D 167 47.36 -10.06 3.67
N VAL D 168 46.83 -9.30 2.71
CA VAL D 168 45.39 -9.19 2.47
C VAL D 168 45.09 -9.06 0.98
N ALA D 169 44.32 -10.01 0.46
CA ALA D 169 43.76 -9.89 -0.89
C ALA D 169 42.33 -9.38 -0.75
N PHE D 170 41.96 -8.44 -1.62
CA PHE D 170 40.64 -7.83 -1.63
C PHE D 170 39.85 -8.25 -2.86
N SER D 171 38.73 -8.96 -2.67
CA SER D 171 37.80 -9.23 -3.76
C SER D 171 36.69 -8.18 -3.74
N THR D 172 36.25 -7.77 -4.93
CA THR D 172 35.16 -6.80 -5.09
C THR D 172 33.81 -7.48 -5.20
N ALA D 173 32.79 -6.86 -4.60
CA ALA D 173 31.40 -7.09 -4.98
C ALA D 173 30.65 -5.76 -4.91
N ASP D 174 29.52 -5.71 -5.61
CA ASP D 174 28.70 -4.51 -5.67
C ASP D 174 27.32 -4.79 -5.08
N GLY D 175 27.30 -5.62 -4.03
CA GLY D 175 26.08 -5.93 -3.29
C GLY D 175 26.16 -7.28 -2.62
N ALA D 176 25.35 -7.48 -1.61
CA ALA D 176 25.19 -8.79 -0.95
C ALA D 176 26.47 -9.36 -0.37
N LEU D 177 27.34 -8.49 0.13
CA LEU D 177 28.59 -8.91 0.75
C LEU D 177 28.42 -9.86 1.93
N GLU D 178 27.31 -9.74 2.65
CA GLU D 178 27.05 -10.62 3.81
C GLU D 178 27.07 -12.12 3.44
N ALA D 179 26.76 -12.43 2.17
CA ALA D 179 26.87 -13.80 1.65
C ALA D 179 28.30 -14.36 1.56
N ALA D 180 29.27 -13.49 1.29
CA ALA D 180 30.62 -13.89 0.87
C ALA D 180 31.36 -14.89 1.79
N PRO D 181 31.26 -14.71 3.13
CA PRO D 181 31.75 -15.77 4.03
C PRO D 181 30.99 -17.09 3.89
N ALA D 182 29.66 -17.02 3.87
CA ALA D 182 28.82 -18.22 3.78
C ALA D 182 29.07 -19.04 2.52
N MET D 183 29.28 -18.37 1.38
CA MET D 183 29.66 -19.02 0.13
C MET D 183 31.19 -19.06 -0.10
N GLY D 184 31.94 -19.05 0.99
CA GLY D 184 33.38 -19.35 0.98
C GLY D 184 34.30 -18.56 0.08
N ILE D 185 33.91 -17.36 -0.34
CA ILE D 185 34.78 -16.53 -1.20
C ILE D 185 35.61 -15.53 -0.40
N ALA D 186 35.28 -15.37 0.88
CA ALA D 186 36.00 -14.42 1.73
C ALA D 186 36.01 -14.86 3.19
N ASP D 187 37.09 -14.51 3.88
CA ASP D 187 37.24 -14.78 5.31
C ASP D 187 36.50 -13.70 6.14
N ALA D 188 36.49 -12.46 5.65
CA ALA D 188 35.82 -11.33 6.31
C ALA D 188 35.22 -10.39 5.26
N ILE D 189 34.44 -9.41 5.70
CA ILE D 189 33.95 -8.36 4.78
C ILE D 189 34.23 -6.99 5.31
N LEU D 190 34.23 -6.01 4.42
CA LEU D 190 34.36 -4.61 4.79
C LEU D 190 33.21 -3.89 4.13
N ASP D 191 32.28 -3.36 4.92
CA ASP D 191 31.05 -2.81 4.37
C ASP D 191 30.37 -1.88 5.35
N LEU D 192 29.36 -1.17 4.84
CA LEU D 192 28.49 -0.32 5.62
C LEU D 192 27.57 -1.11 6.54
N VAL D 193 27.42 -0.60 7.76
CA VAL D 193 26.53 -1.13 8.79
C VAL D 193 25.74 0.06 9.35
N SER D 194 24.42 -0.03 9.39
CA SER D 194 23.61 1.03 10.00
C SER D 194 22.79 0.46 11.17
N SER D 195 21.71 -0.26 10.86
CA SER D 195 20.87 -0.92 11.88
C SER D 195 21.63 -2.02 12.66
N GLY D 196 22.56 -2.71 11.98
CA GLY D 196 23.36 -3.79 12.57
C GLY D 196 22.68 -5.15 12.61
N THR D 197 21.48 -5.23 12.03
CA THR D 197 20.67 -6.45 12.10
C THR D 197 21.15 -7.45 11.05
N THR D 198 21.40 -6.95 9.84
CA THR D 198 21.74 -7.77 8.67
C THR D 198 22.87 -8.79 8.89
N LEU D 199 23.80 -8.49 9.80
CA LEU D 199 24.99 -9.32 9.99
C LEU D 199 24.97 -10.27 11.20
N LYS D 200 24.00 -10.12 12.10
CA LYS D 200 23.69 -11.20 13.08
C LYS D 200 23.00 -12.33 12.33
N GLU D 201 22.04 -11.98 11.49
CA GLU D 201 21.30 -12.91 10.64
C GLU D 201 22.24 -13.80 9.84
N ASN D 202 23.30 -13.20 9.30
CA ASN D 202 24.32 -13.92 8.52
C ASN D 202 25.56 -14.33 9.34
N ASN D 203 25.37 -14.50 10.65
CA ASN D 203 26.42 -14.94 11.59
C ASN D 203 27.80 -14.28 11.43
N LEU D 204 27.77 -12.94 11.46
CA LEU D 204 28.97 -12.12 11.50
C LEU D 204 28.92 -11.16 12.68
N LYS D 205 30.09 -10.66 13.05
CA LYS D 205 30.25 -9.70 14.15
C LYS D 205 31.26 -8.62 13.78
N GLU D 206 31.06 -7.42 14.31
CA GLU D 206 32.08 -6.38 14.26
C GLU D 206 33.10 -6.66 15.34
N ILE D 207 34.20 -5.91 15.34
CA ILE D 207 35.31 -6.15 16.27
C ILE D 207 35.88 -4.82 16.75
N GLU D 208 36.64 -4.85 17.85
CA GLU D 208 37.32 -3.65 18.35
C GLU D 208 38.27 -3.13 17.27
N GLY D 209 38.15 -1.85 16.94
CA GLY D 209 38.96 -1.23 15.88
C GLY D 209 38.62 -1.67 14.47
N GLY D 210 37.40 -2.19 14.28
CA GLY D 210 36.89 -2.57 12.97
C GLY D 210 36.47 -1.37 12.14
N THR D 211 35.87 -0.38 12.80
CA THR D 211 35.34 0.79 12.13
C THR D 211 36.43 1.59 11.43
N VAL D 212 36.30 1.69 10.11
CA VAL D 212 37.23 2.45 9.29
C VAL D 212 36.86 3.91 9.39
N LEU D 213 35.59 4.21 9.14
CA LEU D 213 35.05 5.53 9.39
C LEU D 213 33.56 5.48 9.67
N GLU D 214 33.09 6.48 10.43
CA GLU D 214 31.66 6.71 10.67
C GLU D 214 31.18 7.75 9.68
N SER D 215 29.99 7.57 9.16
CA SER D 215 29.54 8.38 8.04
C SER D 215 28.17 8.99 8.29
N GLN D 216 27.92 10.13 7.65
CA GLN D 216 26.59 10.65 7.46
C GLN D 216 26.60 11.64 6.32
N ALA D 217 25.41 12.07 5.92
CA ALA D 217 25.27 13.04 4.84
C ALA D 217 25.98 14.32 5.24
N ALA D 218 26.61 14.96 4.25
CA ALA D 218 27.44 16.14 4.49
C ALA D 218 27.37 17.07 3.30
N LEU D 219 27.47 18.37 3.57
CA LEU D 219 27.60 19.38 2.51
C LEU D 219 29.06 19.49 2.13
N VAL D 220 29.32 19.48 0.83
CA VAL D 220 30.67 19.46 0.29
C VAL D 220 30.75 20.52 -0.81
N ALA D 221 31.88 21.22 -0.88
CA ALA D 221 32.11 22.26 -1.90
C ALA D 221 33.44 22.09 -2.60
N SER D 222 33.48 22.55 -3.85
CA SER D 222 34.69 22.56 -4.68
C SER D 222 35.44 23.83 -4.34
N ARG D 223 36.70 23.70 -3.95
CA ARG D 223 37.56 24.86 -3.59
C ARG D 223 37.69 25.86 -4.75
N ARG D 224 38.02 25.34 -5.94
CA ARG D 224 38.11 26.16 -7.15
C ARG D 224 36.81 26.89 -7.44
N SER D 225 35.69 26.22 -7.17
CA SER D 225 34.38 26.84 -7.36
C SER D 225 34.09 27.97 -6.36
N MET D 226 34.58 27.86 -5.12
CA MET D 226 34.37 28.93 -4.13
C MET D 226 35.21 30.14 -4.48
N ILE D 227 36.49 29.91 -4.78
CA ILE D 227 37.45 30.96 -5.11
C ILE D 227 37.21 31.57 -6.49
N GLY D 228 37.07 30.70 -7.51
CA GLY D 228 36.98 31.10 -8.91
C GLY D 228 35.61 31.55 -9.39
N ARG D 229 34.58 30.77 -9.11
CA ARG D 229 33.22 31.09 -9.56
C ARG D 229 32.48 31.89 -8.49
N LYS D 230 32.28 33.18 -8.74
CA LYS D 230 31.62 34.04 -7.76
C LYS D 230 30.12 33.81 -7.80
N GLY D 231 29.49 33.95 -6.65
CA GLY D 231 28.15 33.45 -6.38
C GLY D 231 28.22 32.27 -5.41
N VAL D 232 29.19 31.37 -5.62
CA VAL D 232 29.31 30.12 -4.86
C VAL D 232 29.53 30.34 -3.36
N LEU D 233 30.57 31.10 -3.03
CA LEU D 233 30.91 31.37 -1.65
C LEU D 233 29.75 32.02 -0.91
N GLU D 234 29.06 32.92 -1.59
CA GLU D 234 27.91 33.63 -1.04
C GLU D 234 26.77 32.66 -0.75
N THR D 235 26.48 31.75 -1.68
CA THR D 235 25.38 30.80 -1.47
C THR D 235 25.77 29.67 -0.52
N THR D 236 27.06 29.31 -0.45
CA THR D 236 27.54 28.38 0.56
C THR D 236 27.32 28.94 1.97
N HIS D 237 27.69 30.20 2.17
CA HIS D 237 27.44 30.90 3.42
C HIS D 237 25.96 30.79 3.80
N GLU D 238 25.08 31.13 2.86
CA GLU D 238 23.63 31.09 3.10
C GLU D 238 23.17 29.69 3.44
N MET D 239 23.57 28.72 2.63
CA MET D 239 23.15 27.34 2.81
C MET D 239 23.60 26.82 4.17
N LEU D 240 24.87 27.04 4.50
CA LEU D 240 25.41 26.59 5.77
C LEU D 240 24.64 27.17 6.94
N GLU D 241 24.30 28.46 6.84
CA GLU D 241 23.69 29.16 7.94
C GLU D 241 22.25 28.69 8.17
N ARG D 242 21.50 28.57 7.09
CA ARG D 242 20.14 28.02 7.19
C ARG D 242 20.11 26.58 7.70
N LEU D 243 21.05 25.75 7.25
CA LEU D 243 21.09 24.34 7.65
C LEU D 243 21.46 24.14 9.11
N GLU D 244 22.49 24.86 9.57
CA GLU D 244 22.93 24.71 10.95
C GLU D 244 21.93 25.38 11.87
N ALA D 245 21.23 26.40 11.36
CA ALA D 245 20.20 27.05 12.14
C ALA D 245 19.08 26.08 12.45
N HIS D 246 18.74 25.27 11.46
CA HIS D 246 17.75 24.21 11.64
C HIS D 246 18.24 23.14 12.59
N LEU D 247 19.41 22.60 12.30
CA LEU D 247 19.97 21.47 13.07
C LEU D 247 20.19 21.80 14.54
N ARG D 248 20.57 23.04 14.84
CA ARG D 248 20.80 23.45 16.24
C ARG D 248 19.47 23.54 16.96
N ALA D 249 18.47 24.16 16.31
CA ALA D 249 17.12 24.29 16.86
C ALA D 249 16.44 22.95 17.14
N MET D 250 16.81 21.91 16.40
CA MET D 250 16.28 20.55 16.66
C MET D 250 16.76 19.94 17.96
N GLY D 251 17.82 20.49 18.55
CA GLY D 251 18.33 20.01 19.84
C GLY D 251 18.13 20.97 20.99
N GLN D 252 17.27 21.98 20.81
CA GLN D 252 16.94 22.92 21.89
C GLN D 252 15.44 22.99 22.15
N PHE D 253 15.10 23.43 23.35
CA PHE D 253 13.81 23.98 23.68
C PHE D 253 14.02 25.40 24.17
N THR D 254 12.96 26.19 24.22
CA THR D 254 12.96 27.36 25.11
C THR D 254 12.20 26.93 26.35
N VAL D 255 12.69 27.41 27.49
CA VAL D 255 12.16 27.07 28.79
C VAL D 255 11.73 28.37 29.43
N VAL D 256 10.59 28.37 30.09
CA VAL D 256 10.15 29.50 30.86
C VAL D 256 9.76 29.00 32.22
N ALA D 257 10.78 28.87 33.06
CA ALA D 257 10.60 28.66 34.49
C ALA D 257 10.26 30.01 35.11
N ASN D 258 9.49 30.00 36.19
CA ASN D 258 9.34 31.21 37.00
C ASN D 258 9.77 30.98 38.45
N MET D 259 10.40 32.01 39.00
CA MET D 259 11.17 31.96 40.23
C MET D 259 10.55 32.88 41.25
N ARG D 260 10.52 32.42 42.51
CA ARG D 260 10.20 33.28 43.65
C ARG D 260 11.38 34.20 43.89
N GLY D 261 11.13 35.50 43.97
CA GLY D 261 12.18 36.48 44.19
C GLY D 261 11.62 37.84 44.56
N SER D 262 12.44 38.63 45.25
CA SER D 262 12.09 39.99 45.61
C SER D 262 12.22 40.94 44.42
N SER D 263 13.22 40.69 43.56
CA SER D 263 13.61 41.60 42.47
C SER D 263 14.07 40.88 41.19
N ALA D 264 14.24 41.65 40.12
CA ALA D 264 14.51 41.14 38.77
C ALA D 264 15.94 40.68 38.51
N GLU D 265 16.94 41.42 38.98
CA GLU D 265 18.34 40.96 38.88
C GLU D 265 18.76 40.03 40.03
N GLU D 266 17.92 39.90 41.06
CA GLU D 266 18.13 38.89 42.12
C GLU D 266 17.99 37.48 41.58
N VAL D 267 16.96 37.26 40.76
CA VAL D 267 16.70 35.94 40.18
C VAL D 267 17.67 35.67 39.01
N ALA D 268 17.97 36.71 38.21
CA ALA D 268 18.97 36.59 37.14
C ALA D 268 20.32 36.12 37.66
N GLU D 269 20.70 36.62 38.84
CA GLU D 269 21.92 36.19 39.52
C GLU D 269 21.91 34.69 39.81
N ARG D 270 20.94 34.25 40.61
CA ARG D 270 20.87 32.84 41.01
C ARG D 270 20.93 31.88 39.83
N VAL D 271 20.29 32.26 38.73
CA VAL D 271 20.28 31.48 37.50
C VAL D 271 21.67 31.48 36.82
N LEU D 272 22.30 32.66 36.72
CA LEU D 272 23.61 32.77 36.07
C LEU D 272 24.79 32.23 36.91
N SER D 273 24.57 32.04 38.21
CA SER D 273 25.57 31.45 39.11
C SER D 273 25.73 29.93 38.93
N GLN D 274 24.71 29.26 38.41
CA GLN D 274 24.76 27.82 38.16
C GLN D 274 25.52 27.54 36.85
N PRO D 275 26.76 27.00 36.93
CA PRO D 275 27.49 26.75 35.68
C PRO D 275 26.91 25.57 34.87
N SER D 276 26.43 24.54 35.58
CA SER D 276 25.80 23.38 34.95
C SER D 276 24.51 23.69 34.18
N LEU D 277 23.85 24.80 34.54
CA LEU D 277 22.63 25.23 33.86
C LEU D 277 22.91 25.70 32.42
N ALA D 278 21.87 25.65 31.59
CA ALA D 278 21.94 25.91 30.14
C ALA D 278 22.49 27.27 29.71
N GLY D 279 23.64 27.22 29.03
CA GLY D 279 24.22 28.36 28.36
C GLY D 279 23.53 28.59 27.03
N LEU D 280 23.15 29.84 26.78
CA LEU D 280 22.71 30.31 25.49
C LEU D 280 23.51 31.62 25.29
N GLN D 281 22.86 32.76 25.02
CA GLN D 281 23.51 34.08 25.17
C GLN D 281 23.20 34.69 26.55
N GLY D 282 22.00 34.40 27.07
CA GLY D 282 21.72 34.53 28.49
C GLY D 282 20.24 34.68 28.78
N PRO D 283 19.86 34.65 30.07
CA PRO D 283 18.45 34.78 30.41
C PRO D 283 17.86 36.14 30.14
N THR D 284 16.54 36.15 30.12
CA THR D 284 15.72 37.33 30.09
C THR D 284 14.80 37.11 31.28
N VAL D 285 14.34 38.18 31.92
CA VAL D 285 13.38 38.00 33.02
C VAL D 285 12.41 39.18 33.13
N SER D 286 11.15 38.83 33.37
CA SER D 286 10.04 39.78 33.48
C SER D 286 9.17 39.37 34.67
N PRO D 287 8.45 40.33 35.29
CA PRO D 287 7.65 40.00 36.46
C PRO D 287 6.31 39.35 36.12
N VAL D 288 5.90 38.40 36.97
CA VAL D 288 4.61 37.73 36.89
C VAL D 288 3.67 38.30 37.96
N PHE D 289 2.58 38.94 37.51
CA PHE D 289 1.66 39.64 38.41
C PHE D 289 0.56 38.71 38.88
N CYS D 290 0.05 38.98 40.09
CA CYS D 290 -1.00 38.17 40.70
C CYS D 290 -1.55 38.78 42.01
N LYS D 291 -2.87 38.68 42.19
CA LYS D 291 -3.54 39.05 43.44
C LYS D 291 -3.36 37.91 44.44
N GLY D 294 -6.92 42.44 49.43
CA GLY D 294 -7.60 43.37 48.53
C GLY D 294 -6.84 43.58 47.23
N LYS D 295 -5.66 44.19 47.32
CA LYS D 295 -4.84 44.56 46.16
C LYS D 295 -3.39 44.10 46.36
N VAL D 296 -2.96 43.13 45.57
CA VAL D 296 -1.58 42.58 45.63
C VAL D 296 -1.02 42.45 44.21
N SER D 297 0.30 42.67 44.07
CA SER D 297 0.98 42.71 42.77
C SER D 297 2.41 42.15 42.79
N ALA D 298 2.79 41.48 41.70
CA ALA D 298 4.19 41.15 41.35
C ALA D 298 4.89 40.10 42.24
N ASP D 299 4.29 38.93 42.39
CA ASP D 299 4.82 37.88 43.27
C ASP D 299 6.13 37.27 42.71
N TYR D 300 6.05 36.36 41.72
CA TYR D 300 7.26 35.71 41.16
C TYR D 300 7.69 36.28 39.80
N TYR D 301 8.87 35.88 39.34
CA TYR D 301 9.51 36.42 38.15
C TYR D 301 9.78 35.30 37.13
N ALA D 302 9.56 35.58 35.85
CA ALA D 302 9.68 34.57 34.79
C ALA D 302 11.02 34.64 34.05
N ILE D 303 11.91 33.72 34.38
CA ILE D 303 13.16 33.50 33.63
C ILE D 303 12.91 32.77 32.30
N VAL D 304 13.51 33.25 31.20
CA VAL D 304 13.44 32.53 29.90
C VAL D 304 14.83 32.22 29.34
N ILE D 305 15.08 30.93 29.19
CA ILE D 305 16.37 30.41 28.76
C ILE D 305 16.13 29.36 27.67
N CYS D 306 17.23 28.84 27.14
CA CYS D 306 17.22 27.98 25.99
C CYS D 306 18.06 26.75 26.28
N VAL D 307 17.38 25.69 26.70
CA VAL D 307 17.98 24.45 27.19
C VAL D 307 18.10 23.42 26.06
N PRO D 308 19.22 22.68 25.99
CA PRO D 308 19.32 21.53 25.08
C PRO D 308 18.34 20.43 25.44
N LYS D 309 17.82 19.74 24.44
CA LYS D 309 16.72 18.80 24.68
C LYS D 309 17.19 17.65 25.54
N LYS D 310 18.39 17.15 25.27
CA LYS D 310 18.91 15.98 25.99
C LYS D 310 19.07 16.26 27.50
N ALA D 311 19.31 17.52 27.85
CA ALA D 311 19.47 17.99 29.22
C ALA D 311 18.22 18.69 29.81
N LEU D 312 17.03 18.43 29.27
CA LEU D 312 15.84 19.17 29.70
C LEU D 312 15.49 18.89 31.14
N TYR D 313 15.28 17.61 31.46
CA TYR D 313 14.77 17.23 32.78
C TYR D 313 15.75 17.59 33.89
N LYS D 314 17.04 17.38 33.60
CA LYS D 314 18.12 17.80 34.47
C LYS D 314 17.99 19.27 34.82
N SER D 315 17.87 20.12 33.80
CA SER D 315 17.72 21.57 33.98
C SER D 315 16.49 21.97 34.80
N ILE D 316 15.41 21.20 34.68
CA ILE D 316 14.19 21.46 35.44
C ILE D 316 14.41 21.10 36.91
N GLN D 317 15.17 20.05 37.19
CA GLN D 317 15.52 19.72 38.57
C GLN D 317 16.32 20.88 39.14
N GLN D 318 17.36 21.26 38.40
CA GLN D 318 18.23 22.37 38.76
C GLN D 318 17.50 23.66 39.09
N LEU D 319 16.55 24.07 38.25
CA LEU D 319 15.77 25.30 38.49
C LEU D 319 14.84 25.21 39.72
N ARG D 320 14.39 24.01 40.06
CA ARG D 320 13.54 23.81 41.24
C ARG D 320 14.30 23.99 42.55
N ALA D 321 15.57 23.61 42.52
CA ALA D 321 16.53 23.86 43.62
C ALA D 321 16.85 25.36 43.85
N ILE D 322 16.53 26.21 42.86
CA ILE D 322 16.63 27.67 42.96
C ILE D 322 15.24 28.29 43.23
N GLY D 323 14.36 27.54 43.89
CA GLY D 323 13.00 28.00 44.17
C GLY D 323 12.07 28.20 42.98
N GLY D 324 12.37 27.55 41.85
CA GLY D 324 11.51 27.60 40.66
C GLY D 324 10.36 26.61 40.82
N SER D 325 9.23 26.89 40.16
CA SER D 325 8.06 26.01 40.23
C SER D 325 7.57 25.55 38.83
N GLY D 326 6.73 26.37 38.19
CA GLY D 326 6.17 26.06 36.89
C GLY D 326 7.19 26.27 35.79
N VAL D 327 7.24 25.32 34.85
CA VAL D 327 8.11 25.43 33.69
C VAL D 327 7.28 25.22 32.44
N LEU D 328 7.48 26.09 31.44
CA LEU D 328 6.79 26.02 30.18
C LEU D 328 7.82 25.80 29.11
N VAL D 329 7.85 24.58 28.60
CA VAL D 329 8.79 24.19 27.56
C VAL D 329 8.09 24.36 26.22
N SER D 330 8.81 24.93 25.26
CA SER D 330 8.26 25.28 23.96
C SER D 330 9.29 25.02 22.86
N PRO D 331 8.83 24.87 21.60
CA PRO D 331 9.74 24.51 20.52
C PRO D 331 10.39 25.69 19.82
N LEU D 332 11.57 25.47 19.26
CA LEU D 332 12.25 26.44 18.40
C LEU D 332 12.41 25.86 17.02
N THR D 333 12.25 26.69 15.98
CA THR D 333 12.37 26.20 14.61
C THR D 333 13.75 26.53 13.99
N TYR D 334 14.33 27.69 14.32
CA TYR D 334 15.69 28.02 13.92
C TYR D 334 16.42 28.80 15.03
N ILE D 335 17.71 28.55 15.13
CA ILE D 335 18.61 29.33 15.98
C ILE D 335 19.76 29.79 15.10
N PHE D 336 19.79 31.08 14.81
CA PHE D 336 20.88 31.67 14.06
C PHE D 336 21.89 32.32 15.00
N ASP D 337 23.05 31.68 15.18
CA ASP D 337 24.22 32.35 15.77
C ASP D 337 24.66 33.49 14.86
N GLU D 338 25.37 34.46 15.42
CA GLU D 338 25.86 35.60 14.66
C GLU D 338 26.89 35.17 13.62
N GLU D 339 27.82 34.32 14.03
CA GLU D 339 28.81 33.70 13.14
C GLU D 339 29.13 32.28 13.62
N THR D 340 28.92 31.30 12.75
CA THR D 340 29.05 29.88 13.10
C THR D 340 30.50 29.40 13.11
N PRO D 341 30.87 28.56 14.10
CA PRO D 341 32.18 27.91 14.11
C PRO D 341 32.56 27.21 12.79
N ARG D 342 31.59 26.58 12.14
CA ARG D 342 31.86 25.90 10.87
C ARG D 342 32.18 26.87 9.74
N TRP D 343 31.59 28.05 9.75
CA TRP D 343 31.93 29.08 8.78
C TRP D 343 33.37 29.57 9.00
N ARG D 344 33.74 29.84 10.25
CA ARG D 344 35.12 30.15 10.60
C ARG D 344 36.07 29.04 10.14
N GLN D 345 35.68 27.80 10.39
CA GLN D 345 36.48 26.65 9.97
C GLN D 345 36.66 26.57 8.47
N LEU D 346 35.59 26.89 7.73
CA LEU D 346 35.63 26.88 6.26
C LEU D 346 36.61 27.91 5.74
N LEU D 347 36.50 29.12 6.27
CA LEU D 347 37.39 30.20 5.88
C LEU D 347 38.83 29.82 6.14
N SER D 348 39.13 29.30 7.32
CA SER D 348 40.52 28.93 7.63
C SER D 348 41.03 27.83 6.68
N LYS D 349 40.13 26.96 6.21
CA LYS D 349 40.48 25.99 5.18
C LYS D 349 40.71 26.63 3.81
N LEU D 350 40.19 27.82 3.57
CA LEU D 350 40.56 28.60 2.38
C LEU D 350 41.77 29.50 2.67
N GLY D 351 42.67 29.05 3.55
CA GLY D 351 43.91 29.79 3.86
C GLY D 351 43.70 31.21 4.35
N LEU D 352 42.61 31.42 5.06
CA LEU D 352 42.07 32.74 5.37
C LEU D 352 41.87 32.83 6.88
N SER E 15 17.92 -14.07 40.32
CA SER E 15 18.17 -12.61 40.56
C SER E 15 17.84 -11.79 39.30
N ARG E 16 17.96 -10.46 39.43
CA ARG E 16 17.70 -9.54 38.32
C ARG E 16 18.17 -8.13 38.72
N GLN E 17 18.94 -7.46 37.87
CA GLN E 17 19.40 -6.10 38.18
C GLN E 17 18.47 -4.99 37.62
N GLU E 18 17.91 -5.21 36.43
CA GLU E 18 17.32 -4.11 35.63
C GLU E 18 15.85 -3.84 35.98
N ILE E 19 15.47 -2.59 35.77
CA ILE E 19 14.09 -2.16 35.94
C ILE E 19 13.38 -2.51 34.63
N ARG E 20 12.23 -3.15 34.74
CA ARG E 20 11.51 -3.69 33.58
C ARG E 20 10.14 -3.06 33.35
N LEU E 21 9.99 -2.46 32.17
CA LEU E 21 8.73 -1.91 31.69
C LEU E 21 8.09 -2.83 30.65
N GLY E 22 6.91 -3.35 30.95
CA GLY E 22 6.09 -4.04 29.94
C GLY E 22 5.38 -3.01 29.07
N LEU E 23 5.48 -3.16 27.74
CA LEU E 23 4.70 -2.37 26.80
C LEU E 23 3.96 -3.31 25.86
N PRO E 24 2.73 -2.92 25.40
CA PRO E 24 1.97 -3.79 24.53
C PRO E 24 2.73 -4.09 23.26
N SER E 25 2.69 -5.35 22.82
CA SER E 25 3.49 -5.85 21.70
C SER E 25 2.84 -5.67 20.33
N LYS E 26 1.51 -5.65 20.31
CA LYS E 26 0.72 -5.92 19.12
C LYS E 26 -0.30 -4.80 18.89
N GLY E 27 -0.53 -4.48 17.63
CA GLY E 27 -1.66 -3.67 17.23
C GLY E 27 -1.45 -2.18 17.34
N ARG E 28 -2.56 -1.46 17.51
CA ARG E 28 -2.57 0.01 17.58
C ARG E 28 -2.20 0.45 19.00
N MET E 29 -2.64 -0.33 19.99
CA MET E 29 -2.24 -0.10 21.37
C MET E 29 -0.71 -0.04 21.44
N SER E 30 -0.02 -0.97 20.77
CA SER E 30 1.44 -0.96 20.73
C SER E 30 2.00 0.30 20.09
N SER E 31 1.48 0.68 18.93
CA SER E 31 2.04 1.82 18.20
C SER E 31 1.76 3.18 18.89
N ASP E 32 0.58 3.32 19.49
CA ASP E 32 0.21 4.55 20.23
C ASP E 32 1.02 4.74 21.50
N THR E 33 1.33 3.62 22.15
CA THR E 33 2.17 3.60 23.33
C THR E 33 3.59 4.03 22.97
N LEU E 34 4.12 3.52 21.86
CA LEU E 34 5.44 3.91 21.39
C LEU E 34 5.53 5.36 20.93
N ASP E 35 4.46 5.88 20.33
CA ASP E 35 4.43 7.29 19.90
C ASP E 35 4.39 8.22 21.11
N LEU E 36 3.56 7.91 22.10
CA LEU E 36 3.48 8.71 23.33
C LEU E 36 4.84 8.79 24.03
N LEU E 37 5.53 7.66 24.13
CA LEU E 37 6.82 7.64 24.80
C LEU E 37 7.85 8.47 24.01
N LYS E 38 7.77 8.46 22.69
CA LYS E 38 8.61 9.32 21.86
C LYS E 38 8.34 10.81 22.08
N ASP E 39 7.06 11.15 22.23
CA ASP E 39 6.66 12.54 22.51
C ASP E 39 7.12 13.06 23.88
N CYS E 40 7.52 12.16 24.78
CA CYS E 40 7.97 12.51 26.12
C CYS E 40 9.47 12.35 26.32
N GLN E 41 10.25 12.38 25.24
CA GLN E 41 11.67 12.00 25.28
C GLN E 41 11.96 10.63 25.95
N LEU E 42 10.99 9.72 25.94
CA LEU E 42 11.18 8.37 26.48
C LEU E 42 11.17 7.32 25.35
N SER E 43 11.74 7.69 24.21
CA SER E 43 11.81 6.83 23.03
C SER E 43 12.40 5.47 23.32
N VAL E 44 11.81 4.45 22.70
CA VAL E 44 12.27 3.08 22.82
C VAL E 44 13.25 2.86 21.67
N LYS E 45 14.39 2.26 21.97
CA LYS E 45 15.38 1.88 20.98
C LYS E 45 15.48 0.38 20.99
N GLN E 46 15.68 -0.18 19.81
CA GLN E 46 15.69 -1.62 19.64
C GLN E 46 16.75 -2.01 18.61
N VAL E 47 17.89 -2.50 19.12
CA VAL E 47 18.96 -3.01 18.26
C VAL E 47 18.53 -4.25 17.46
N ASN E 48 17.70 -5.13 18.06
CA ASN E 48 17.18 -6.33 17.41
C ASN E 48 15.63 -6.31 17.29
N PRO E 49 15.07 -5.62 16.25
CA PRO E 49 13.61 -5.50 16.05
C PRO E 49 12.77 -6.80 16.08
N ARG E 50 13.39 -7.93 15.78
CA ARG E 50 12.72 -9.24 15.86
C ARG E 50 12.66 -9.85 17.29
N GLN E 51 13.49 -9.33 18.20
CA GLN E 51 13.40 -9.71 19.62
C GLN E 51 12.36 -8.87 20.36
N TYR E 52 12.04 -9.33 21.56
CA TYR E 52 11.01 -8.69 22.39
C TYR E 52 11.55 -7.74 23.44
N VAL E 53 12.85 -7.85 23.70
CA VAL E 53 13.54 -6.93 24.59
C VAL E 53 14.00 -5.68 23.82
N ALA E 54 14.00 -4.56 24.54
CA ALA E 54 14.35 -3.25 23.98
C ALA E 54 14.71 -2.33 25.15
N GLN E 55 14.92 -1.05 24.90
CA GLN E 55 15.25 -0.15 26.00
C GLN E 55 15.03 1.31 25.70
N ILE E 56 14.79 2.08 26.76
CA ILE E 56 14.66 3.52 26.70
C ILE E 56 15.99 4.12 27.18
N PRO E 57 16.71 4.85 26.32
CA PRO E 57 18.00 5.43 26.73
C PRO E 57 17.92 6.53 27.79
N GLN E 58 16.92 7.41 27.67
CA GLN E 58 16.77 8.60 28.54
C GLN E 58 16.76 8.26 30.02
N ILE E 59 16.23 7.08 30.35
CA ILE E 59 16.32 6.53 31.68
C ILE E 59 17.24 5.31 31.66
N SER E 60 18.31 5.38 32.46
CA SER E 60 19.35 4.35 32.45
C SER E 60 18.84 3.13 33.24
N ASN E 61 19.32 1.94 32.86
CA ASN E 61 18.94 0.67 33.51
C ASN E 61 17.43 0.32 33.38
N LEU E 62 16.80 0.80 32.30
CA LEU E 62 15.37 0.55 32.05
C LEU E 62 15.26 -0.31 30.81
N GLU E 63 14.80 -1.53 31.05
CA GLU E 63 14.65 -2.58 30.04
C GLU E 63 13.19 -2.62 29.64
N VAL E 64 12.91 -2.44 28.35
CA VAL E 64 11.54 -2.61 27.81
C VAL E 64 11.35 -4.05 27.29
N TRP E 65 10.21 -4.64 27.62
CA TRP E 65 9.80 -5.95 27.12
C TRP E 65 8.44 -5.83 26.45
N PHE E 66 8.38 -6.20 25.18
CA PHE E 66 7.11 -6.25 24.47
C PHE E 66 6.34 -7.52 24.77
N GLN E 67 5.14 -7.34 25.33
CA GLN E 67 4.27 -8.43 25.74
C GLN E 67 2.82 -8.13 25.36
N ARG E 68 1.99 -9.16 25.32
CA ARG E 68 0.56 -8.98 25.15
C ARG E 68 0.03 -8.41 26.46
N PRO E 69 -0.93 -7.46 26.40
CA PRO E 69 -1.36 -6.76 27.62
C PRO E 69 -1.77 -7.61 28.83
N LYS E 70 -2.39 -8.76 28.63
CA LYS E 70 -2.69 -9.64 29.75
C LYS E 70 -1.46 -10.33 30.31
N ASP E 71 -0.48 -10.62 29.46
CA ASP E 71 0.83 -11.10 29.94
C ASP E 71 1.59 -10.01 30.74
N ILE E 72 1.40 -8.73 30.39
CA ILE E 72 1.94 -7.62 31.17
C ILE E 72 1.37 -7.63 32.58
N VAL E 73 0.05 -7.81 32.71
CA VAL E 73 -0.60 -7.83 34.03
C VAL E 73 -0.19 -9.07 34.80
N ARG E 74 -0.16 -10.21 34.10
CA ARG E 74 0.31 -11.46 34.70
C ARG E 74 1.74 -11.39 35.21
N LYS E 75 2.64 -10.79 34.45
CA LYS E 75 4.05 -10.71 34.84
C LYS E 75 4.35 -9.68 35.93
N LEU E 76 3.57 -8.60 35.97
CA LEU E 76 3.62 -7.68 37.11
C LEU E 76 3.27 -8.39 38.42
N LEU E 77 2.32 -9.32 38.37
CA LEU E 77 1.94 -10.10 39.55
C LEU E 77 3.02 -11.10 39.93
N SER E 78 3.49 -11.87 38.96
CA SER E 78 4.57 -12.84 39.20
C SER E 78 5.90 -12.21 39.64
N GLY E 79 6.09 -10.92 39.33
CA GLY E 79 7.29 -10.18 39.71
C GLY E 79 8.37 -10.26 38.66
N ASP E 80 8.01 -10.53 37.42
CA ASP E 80 8.96 -10.55 36.33
C ASP E 80 8.96 -9.23 35.55
N LEU E 81 7.96 -8.38 35.81
CA LEU E 81 7.97 -6.96 35.40
C LEU E 81 7.82 -6.02 36.61
N ASP E 82 8.28 -4.79 36.46
CA ASP E 82 8.12 -3.77 37.51
C ASP E 82 7.04 -2.74 37.19
N LEU E 83 6.98 -2.34 35.92
CA LEU E 83 6.06 -1.34 35.42
C LEU E 83 5.43 -1.87 34.15
N GLY E 84 4.30 -1.28 33.79
CA GLY E 84 3.60 -1.65 32.57
C GLY E 84 2.59 -0.62 32.12
N ILE E 85 2.36 -0.56 30.82
CA ILE E 85 1.29 0.25 30.24
C ILE E 85 0.29 -0.70 29.61
N VAL E 86 -0.94 -0.65 30.08
CA VAL E 86 -2.03 -1.49 29.60
C VAL E 86 -3.34 -0.77 29.77
N GLY E 87 -4.38 -1.33 29.20
CA GLY E 87 -5.72 -0.82 29.37
C GLY E 87 -6.28 -1.22 30.71
N LEU E 88 -7.06 -0.31 31.30
CA LEU E 88 -7.74 -0.56 32.58
C LEU E 88 -8.70 -1.75 32.50
N ASP E 89 -9.24 -2.03 31.31
CA ASP E 89 -10.01 -3.27 31.11
C ASP E 89 -9.16 -4.50 31.47
N VAL E 90 -8.06 -4.70 30.75
CA VAL E 90 -7.21 -5.87 30.99
C VAL E 90 -6.56 -5.82 32.37
N LEU E 91 -6.30 -4.63 32.92
CA LEU E 91 -5.79 -4.54 34.30
C LEU E 91 -6.80 -5.10 35.30
N THR E 92 -8.05 -4.66 35.21
CA THR E 92 -9.07 -5.04 36.20
C THR E 92 -9.55 -6.48 36.02
N GLU E 93 -9.64 -6.95 34.77
CA GLU E 93 -10.07 -8.33 34.48
C GLU E 93 -9.06 -9.38 34.94
N PHE E 94 -7.77 -9.11 34.78
CA PHE E 94 -6.72 -10.05 35.17
C PHE E 94 -6.07 -9.73 36.52
N GLY E 95 -6.09 -8.47 36.93
CA GLY E 95 -5.58 -8.07 38.24
C GLY E 95 -6.49 -8.54 39.35
N GLN E 96 -7.79 -8.35 39.16
CA GLN E 96 -8.82 -8.75 40.13
C GLN E 96 -8.68 -8.01 41.46
N GLY E 97 -8.40 -6.71 41.39
CA GLY E 97 -8.20 -5.88 42.58
C GLY E 97 -7.02 -6.25 43.46
N ASN E 98 -6.03 -6.92 42.89
CA ASN E 98 -4.83 -7.29 43.62
C ASN E 98 -4.12 -6.01 44.04
N GLU E 99 -3.75 -5.96 45.32
CA GLU E 99 -3.16 -4.76 45.92
C GLU E 99 -1.67 -4.54 45.61
N ASP E 100 -1.01 -5.52 44.99
CA ASP E 100 0.34 -5.31 44.45
C ASP E 100 0.33 -4.38 43.24
N LEU E 101 -0.77 -4.38 42.48
CA LEU E 101 -0.89 -3.51 41.30
C LEU E 101 -1.41 -2.14 41.68
N ILE E 102 -0.73 -1.10 41.21
CA ILE E 102 -1.08 0.28 41.51
C ILE E 102 -1.07 1.08 40.22
N VAL E 103 -2.16 1.80 39.97
CA VAL E 103 -2.28 2.65 38.80
C VAL E 103 -1.63 4.01 39.08
N VAL E 104 -0.57 4.31 38.35
CA VAL E 104 0.23 5.51 38.54
C VAL E 104 -0.36 6.67 37.77
N HIS E 105 -0.77 6.41 36.53
CA HIS E 105 -1.47 7.37 35.68
C HIS E 105 -2.60 6.58 35.00
N GLU E 106 -3.83 6.98 35.30
CA GLU E 106 -5.03 6.26 34.91
C GLU E 106 -5.67 6.77 33.61
N ALA E 107 -4.94 7.58 32.83
CA ALA E 107 -5.50 8.32 31.70
C ALA E 107 -4.44 8.91 30.78
N LEU E 108 -3.86 8.06 29.95
CA LEU E 108 -2.91 8.48 28.93
C LEU E 108 -3.60 8.90 27.60
N GLU E 109 -4.92 8.90 27.57
CA GLU E 109 -5.69 9.51 26.48
C GLU E 109 -5.58 8.81 25.10
N TYR E 110 -5.36 7.50 25.16
CA TYR E 110 -5.54 6.60 24.04
C TYR E 110 -6.01 5.28 24.60
N GLY E 111 -6.31 4.32 23.73
CA GLY E 111 -6.93 3.05 24.14
C GLY E 111 -8.34 3.20 24.67
N ASP E 112 -9.04 4.26 24.27
CA ASP E 112 -10.33 4.60 24.87
C ASP E 112 -11.35 3.59 24.37
N CYS E 113 -12.04 2.98 25.32
CA CYS E 113 -13.16 2.10 25.03
C CYS E 113 -13.95 1.94 26.30
N ARG E 114 -15.10 1.26 26.21
CA ARG E 114 -15.89 0.97 27.39
C ARG E 114 -16.42 -0.46 27.34
N LEU E 115 -16.31 -1.15 28.47
CA LEU E 115 -16.86 -2.48 28.63
C LEU E 115 -18.32 -2.29 28.99
N SER E 116 -19.23 -2.71 28.12
CA SER E 116 -20.65 -2.50 28.34
C SER E 116 -21.47 -3.68 27.85
N ILE E 117 -22.66 -3.81 28.43
CA ILE E 117 -23.62 -4.84 28.03
C ILE E 117 -24.36 -4.35 26.79
N ALA E 118 -24.54 -5.26 25.82
CA ALA E 118 -25.35 -5.01 24.63
C ALA E 118 -26.40 -6.08 24.49
N ILE E 119 -27.58 -5.69 24.00
CA ILE E 119 -28.75 -6.56 23.86
C ILE E 119 -29.38 -6.35 22.48
N PRO E 120 -30.27 -7.27 22.03
CA PRO E 120 -30.97 -7.06 20.74
C PRO E 120 -31.88 -5.82 20.69
N GLN E 121 -32.14 -5.32 19.48
CA GLN E 121 -33.08 -4.22 19.27
C GLN E 121 -34.47 -4.76 18.96
N TYR E 122 -34.55 -5.64 17.97
CA TYR E 122 -35.81 -6.26 17.56
C TYR E 122 -36.41 -7.07 18.71
N GLY E 123 -35.89 -8.29 18.94
CA GLY E 123 -36.54 -9.36 19.73
C GLY E 123 -37.74 -9.01 20.62
N ILE E 124 -37.63 -9.33 21.91
CA ILE E 124 -38.53 -8.81 22.93
C ILE E 124 -37.91 -7.58 23.60
N PHE E 125 -36.78 -7.10 23.06
CA PHE E 125 -35.91 -6.18 23.77
C PHE E 125 -36.07 -4.71 23.30
N GLU E 126 -37.13 -4.40 22.56
CA GLU E 126 -37.33 -3.04 22.03
C GLU E 126 -37.66 -2.00 23.12
N ASN E 127 -38.39 -2.43 24.16
CA ASN E 127 -38.84 -1.54 25.25
C ASN E 127 -38.01 -1.65 26.55
N VAL E 128 -36.78 -2.15 26.43
CA VAL E 128 -35.80 -2.14 27.53
C VAL E 128 -34.59 -1.33 27.08
N ASN E 129 -34.40 -0.17 27.69
CA ASN E 129 -33.22 0.67 27.45
C ASN E 129 -32.52 0.97 28.77
N SER E 130 -32.56 0.00 29.68
CA SER E 130 -31.98 0.13 31.02
C SER E 130 -31.69 -1.27 31.57
N LEU E 131 -30.60 -1.38 32.34
CA LEU E 131 -30.21 -2.69 32.90
C LEU E 131 -31.24 -3.19 33.92
N GLU E 132 -31.78 -2.28 34.74
CA GLU E 132 -32.88 -2.61 35.66
C GLU E 132 -34.18 -2.92 34.92
N GLU E 133 -34.40 -2.29 33.76
CA GLU E 133 -35.54 -2.66 32.90
C GLU E 133 -35.43 -4.06 32.28
N LEU E 134 -34.21 -4.52 32.00
CA LEU E 134 -34.01 -5.92 31.55
C LEU E 134 -33.92 -6.88 32.75
N ALA E 135 -33.44 -6.40 33.90
CA ALA E 135 -33.55 -7.17 35.15
C ALA E 135 -35.01 -7.31 35.63
N LYS E 136 -35.85 -6.32 35.31
CA LYS E 136 -37.29 -6.34 35.61
C LYS E 136 -38.04 -7.42 34.81
N MET E 137 -37.54 -7.76 33.62
CA MET E 137 -38.09 -8.87 32.81
C MET E 137 -38.16 -10.15 33.63
N PRO E 138 -39.37 -10.74 33.80
CA PRO E 138 -39.49 -11.95 34.61
C PRO E 138 -39.23 -13.28 33.87
N GLN E 139 -38.67 -13.24 32.66
CA GLN E 139 -38.37 -14.46 31.90
C GLN E 139 -37.29 -15.32 32.55
N TRP E 140 -36.46 -14.70 33.39
CA TRP E 140 -35.22 -15.32 33.86
C TRP E 140 -35.28 -15.81 35.31
N THR E 141 -35.16 -17.13 35.46
CA THR E 141 -35.25 -17.83 36.74
C THR E 141 -34.03 -18.78 36.85
N GLU E 142 -33.88 -19.45 37.99
CA GLU E 142 -32.83 -20.47 38.19
C GLU E 142 -32.89 -21.65 37.20
N ASP E 143 -34.09 -21.96 36.70
CA ASP E 143 -34.32 -23.03 35.72
C ASP E 143 -33.66 -22.71 34.37
N LYS E 144 -33.90 -21.49 33.89
CA LYS E 144 -33.39 -20.98 32.60
C LYS E 144 -33.03 -19.49 32.76
N PRO E 145 -31.74 -19.21 33.07
CA PRO E 145 -31.32 -17.84 33.40
C PRO E 145 -30.97 -16.98 32.19
N LEU E 146 -30.50 -15.77 32.44
CA LEU E 146 -30.02 -14.87 31.38
C LEU E 146 -28.62 -15.28 30.96
N ARG E 147 -28.51 -15.84 29.76
CA ARG E 147 -27.22 -16.26 29.19
C ARG E 147 -26.55 -15.03 28.61
N VAL E 148 -25.27 -14.84 28.91
CA VAL E 148 -24.52 -13.72 28.38
C VAL E 148 -23.06 -14.15 28.10
N ALA E 149 -22.69 -14.10 26.82
CA ALA E 149 -21.35 -14.45 26.35
C ALA E 149 -20.40 -13.26 26.49
N THR E 150 -19.15 -13.53 26.88
CA THR E 150 -18.18 -12.48 27.15
C THR E 150 -16.76 -13.01 27.21
N GLY E 151 -15.80 -12.15 26.86
CA GLY E 151 -14.39 -12.42 27.13
C GLY E 151 -14.03 -12.23 28.59
N PHE E 152 -14.83 -11.41 29.29
CA PHE E 152 -14.56 -10.99 30.66
C PHE E 152 -15.28 -11.89 31.68
N THR E 153 -14.68 -13.04 31.94
CA THR E 153 -15.31 -14.08 32.76
C THR E 153 -15.28 -13.77 34.26
N TYR E 154 -14.26 -13.04 34.73
CA TYR E 154 -14.18 -12.56 36.13
C TYR E 154 -15.08 -11.35 36.38
N LEU E 155 -15.01 -10.36 35.50
CA LEU E 155 -15.72 -9.09 35.70
C LEU E 155 -17.23 -9.18 35.48
N GLY E 156 -17.70 -10.12 34.64
CA GLY E 156 -19.13 -10.29 34.39
C GLY E 156 -19.94 -10.60 35.64
N PRO E 157 -19.67 -11.76 36.29
CA PRO E 157 -20.29 -12.14 37.57
C PRO E 157 -20.21 -11.05 38.64
N LYS E 158 -19.02 -10.50 38.84
CA LYS E 158 -18.77 -9.44 39.83
C LYS E 158 -19.58 -8.16 39.58
N PHE E 159 -19.86 -7.86 38.32
CA PHE E 159 -20.72 -6.74 37.96
C PHE E 159 -22.18 -7.03 38.25
N MET E 160 -22.62 -8.21 37.82
CA MET E 160 -24.01 -8.65 38.02
C MET E 160 -24.34 -8.85 39.50
N LYS E 161 -23.41 -9.46 40.24
CA LYS E 161 -23.55 -9.58 41.70
C LYS E 161 -23.78 -8.20 42.32
N ASP E 162 -22.90 -7.25 42.03
CA ASP E 162 -22.95 -5.91 42.63
C ASP E 162 -24.19 -5.07 42.22
N ASN E 163 -24.79 -5.38 41.08
CA ASN E 163 -26.06 -4.75 40.66
C ASN E 163 -27.33 -5.53 41.09
N GLY E 164 -27.15 -6.69 41.73
CA GLY E 164 -28.27 -7.45 42.28
C GLY E 164 -29.07 -8.20 41.24
N ILE E 165 -28.39 -9.03 40.45
CA ILE E 165 -29.02 -9.91 39.46
C ILE E 165 -28.36 -11.30 39.56
N LYS E 166 -28.98 -12.22 40.31
CA LYS E 166 -28.42 -13.57 40.52
C LYS E 166 -28.81 -14.59 39.43
N HIS E 167 -29.77 -14.23 38.57
CA HIS E 167 -30.22 -15.12 37.49
C HIS E 167 -29.44 -14.86 36.21
N VAL E 168 -28.15 -15.23 36.21
CA VAL E 168 -27.26 -15.08 35.04
C VAL E 168 -26.23 -16.22 34.98
N ALA E 169 -26.04 -16.77 33.78
CA ALA E 169 -25.01 -17.76 33.52
C ALA E 169 -24.14 -17.26 32.37
N PHE E 170 -22.83 -17.29 32.56
CA PHE E 170 -21.90 -16.76 31.57
C PHE E 170 -21.28 -17.88 30.74
N SER E 171 -21.28 -17.69 29.42
CA SER E 171 -20.44 -18.47 28.52
C SER E 171 -19.23 -17.62 28.15
N THR E 172 -18.21 -18.26 27.60
CA THR E 172 -16.95 -17.62 27.26
C THR E 172 -16.71 -17.76 25.78
N ALA E 173 -16.60 -16.63 25.08
CA ALA E 173 -16.05 -16.65 23.73
C ALA E 173 -14.89 -15.68 23.70
N ASP E 174 -13.91 -16.01 22.86
CA ASP E 174 -12.70 -15.25 22.69
C ASP E 174 -12.76 -14.68 21.27
N GLY E 175 -13.60 -13.67 21.08
CA GLY E 175 -13.80 -13.01 19.79
C GLY E 175 -15.15 -13.27 19.17
N ALA E 176 -15.52 -12.40 18.23
CA ALA E 176 -16.78 -12.49 17.45
C ALA E 176 -18.06 -12.63 18.28
N LEU E 177 -18.14 -11.86 19.36
CA LEU E 177 -19.25 -11.98 20.32
C LEU E 177 -20.56 -11.39 19.83
N GLU E 178 -20.53 -10.51 18.84
CA GLU E 178 -21.77 -9.93 18.28
C GLU E 178 -22.61 -11.00 17.57
N ALA E 179 -21.97 -12.12 17.20
CA ALA E 179 -22.66 -13.30 16.68
C ALA E 179 -23.62 -13.98 17.68
N ALA E 180 -23.18 -14.14 18.92
CA ALA E 180 -23.88 -14.97 19.94
C ALA E 180 -25.41 -14.82 20.11
N PRO E 181 -25.96 -13.60 19.95
CA PRO E 181 -27.42 -13.44 19.94
C PRO E 181 -28.06 -14.04 18.70
N ALA E 182 -27.60 -13.64 17.51
CA ALA E 182 -28.13 -14.16 16.24
C ALA E 182 -27.93 -15.67 16.10
N MET E 183 -26.86 -16.18 16.69
CA MET E 183 -26.55 -17.60 16.69
C MET E 183 -27.42 -18.37 17.67
N GLY E 184 -28.05 -17.66 18.62
CA GLY E 184 -28.94 -18.27 19.61
C GLY E 184 -28.25 -18.74 20.88
N ILE E 185 -26.91 -18.70 20.93
CA ILE E 185 -26.13 -19.22 22.07
C ILE E 185 -26.20 -18.33 23.34
N ALA E 186 -26.60 -17.08 23.20
CA ALA E 186 -26.83 -16.23 24.37
C ALA E 186 -27.84 -15.11 24.12
N ASP E 187 -28.34 -14.54 25.22
CA ASP E 187 -29.38 -13.52 25.21
C ASP E 187 -28.78 -12.13 25.00
N ALA E 188 -27.74 -11.84 25.77
CA ALA E 188 -26.99 -10.58 25.67
C ALA E 188 -25.50 -10.88 25.51
N ILE E 189 -24.70 -9.81 25.44
CA ILE E 189 -23.24 -9.91 25.48
C ILE E 189 -22.67 -8.83 26.39
N LEU E 190 -21.44 -9.05 26.82
CA LEU E 190 -20.67 -8.05 27.57
C LEU E 190 -19.29 -7.92 26.91
N ASP E 191 -19.04 -6.80 26.25
CA ASP E 191 -17.75 -6.60 25.58
C ASP E 191 -17.41 -5.12 25.35
N LEU E 192 -16.30 -4.87 24.65
CA LEU E 192 -15.79 -3.53 24.48
C LEU E 192 -16.45 -2.80 23.33
N VAL E 193 -16.65 -1.48 23.51
CA VAL E 193 -17.20 -0.59 22.48
C VAL E 193 -16.42 0.74 22.48
N SER E 194 -16.19 1.30 21.28
CA SER E 194 -15.53 2.61 21.14
C SER E 194 -16.21 3.51 20.08
N SER E 195 -16.09 3.15 18.80
CA SER E 195 -16.70 3.91 17.70
C SER E 195 -18.23 3.81 17.69
N GLY E 196 -18.77 2.67 18.12
CA GLY E 196 -20.22 2.46 18.27
C GLY E 196 -20.97 1.89 17.06
N THR E 197 -20.28 1.72 15.93
CA THR E 197 -20.92 1.31 14.67
C THR E 197 -21.17 -0.19 14.61
N THR E 198 -20.17 -0.99 14.99
CA THR E 198 -20.19 -2.46 14.81
C THR E 198 -21.44 -3.16 15.36
N LEU E 199 -21.98 -2.69 16.48
CA LEU E 199 -23.13 -3.33 17.13
C LEU E 199 -24.49 -2.80 16.65
N LYS E 200 -24.50 -1.72 15.88
CA LYS E 200 -25.69 -1.33 15.11
C LYS E 200 -25.85 -2.31 13.94
N GLU E 201 -24.74 -2.61 13.26
CA GLU E 201 -24.71 -3.56 12.14
C GLU E 201 -25.11 -5.00 12.50
N ASN E 202 -25.10 -5.36 13.79
CA ASN E 202 -25.59 -6.68 14.24
C ASN E 202 -26.86 -6.60 15.09
N ASN E 203 -27.62 -5.52 14.90
CA ASN E 203 -28.92 -5.31 15.57
C ASN E 203 -28.84 -5.46 17.09
N LEU E 204 -27.90 -4.74 17.67
CA LEU E 204 -27.72 -4.66 19.11
C LEU E 204 -27.65 -3.20 19.54
N LYS E 205 -27.93 -2.99 20.81
CA LYS E 205 -27.93 -1.64 21.38
C LYS E 205 -27.41 -1.68 22.80
N GLU E 206 -26.80 -0.57 23.21
CA GLU E 206 -26.43 -0.38 24.60
C GLU E 206 -27.67 0.08 25.37
N ILE E 207 -27.54 0.06 26.69
CA ILE E 207 -28.62 0.43 27.59
C ILE E 207 -28.05 1.40 28.64
N GLU E 208 -28.93 2.17 29.28
CA GLU E 208 -28.52 3.08 30.36
C GLU E 208 -28.08 2.27 31.58
N GLY E 209 -26.94 2.65 32.15
CA GLY E 209 -26.37 1.98 33.32
C GLY E 209 -25.59 0.70 33.02
N GLY E 210 -25.63 0.24 31.78
CA GLY E 210 -25.01 -1.04 31.39
C GLY E 210 -23.50 -1.00 31.18
N THR E 211 -22.92 0.21 31.15
CA THR E 211 -21.47 0.38 31.08
C THR E 211 -20.81 -0.10 32.38
N VAL E 212 -20.01 -1.16 32.25
CA VAL E 212 -19.33 -1.79 33.38
C VAL E 212 -18.08 -1.01 33.77
N LEU E 213 -17.39 -0.48 32.78
CA LEU E 213 -16.09 0.15 33.00
C LEU E 213 -15.68 0.97 31.77
N GLU E 214 -15.17 2.16 32.01
CA GLU E 214 -14.56 2.99 30.97
C GLU E 214 -13.05 2.83 31.06
N SER E 215 -12.43 2.41 29.97
CA SER E 215 -11.00 2.08 29.97
C SER E 215 -10.22 3.04 29.11
N GLN E 216 -8.95 3.17 29.44
CA GLN E 216 -7.94 3.69 28.52
C GLN E 216 -6.56 3.21 28.96
N ALA E 217 -5.56 3.52 28.16
CA ALA E 217 -4.19 3.17 28.49
C ALA E 217 -3.80 3.79 29.83
N ALA E 218 -3.15 3.00 30.67
CA ALA E 218 -2.76 3.45 32.00
C ALA E 218 -1.36 2.97 32.36
N LEU E 219 -0.66 3.75 33.20
CA LEU E 219 0.67 3.36 33.69
C LEU E 219 0.50 2.68 35.02
N VAL E 220 1.04 1.48 35.13
CA VAL E 220 0.80 0.61 36.27
C VAL E 220 2.13 0.16 36.83
N ALA E 221 2.17 -0.05 38.14
CA ALA E 221 3.38 -0.43 38.83
C ALA E 221 3.13 -1.52 39.84
N SER E 222 4.15 -2.35 40.07
CA SER E 222 4.14 -3.34 41.13
C SER E 222 4.57 -2.67 42.44
N ARG E 223 3.79 -2.87 43.50
CA ARG E 223 4.11 -2.33 44.82
C ARG E 223 5.40 -2.91 45.38
N ARG E 224 5.55 -4.23 45.27
CA ARG E 224 6.79 -4.92 45.68
C ARG E 224 8.03 -4.37 45.00
N SER E 225 7.88 -3.95 43.75
CA SER E 225 8.98 -3.40 42.99
C SER E 225 9.33 -2.00 43.48
N MET E 226 8.32 -1.14 43.64
CA MET E 226 8.57 0.25 44.09
C MET E 226 9.28 0.24 45.43
N ILE E 227 8.69 -0.49 46.38
CA ILE E 227 9.18 -0.58 47.75
C ILE E 227 10.53 -1.26 47.83
N GLY E 228 10.66 -2.42 47.19
CA GLY E 228 11.84 -3.27 47.33
C GLY E 228 12.78 -3.44 46.14
N ARG E 229 12.83 -2.48 45.22
CA ARG E 229 13.83 -2.52 44.14
C ARG E 229 14.35 -1.14 43.81
N LYS E 230 15.67 -1.06 43.69
CA LYS E 230 16.38 0.21 43.55
C LYS E 230 16.20 0.74 42.13
N GLY E 231 15.70 1.97 42.02
CA GLY E 231 15.50 2.65 40.74
C GLY E 231 14.05 2.77 40.32
N VAL E 232 13.20 1.85 40.78
CA VAL E 232 11.83 1.76 40.29
C VAL E 232 11.08 3.04 40.63
N LEU E 233 11.04 3.37 41.91
CA LEU E 233 10.35 4.56 42.40
C LEU E 233 10.88 5.82 41.72
N GLU E 234 12.21 5.91 41.60
CA GLU E 234 12.85 7.01 40.89
C GLU E 234 12.40 7.08 39.43
N THR E 235 12.46 5.96 38.71
CA THR E 235 12.10 5.99 37.28
C THR E 235 10.59 6.19 37.08
N THR E 236 9.76 5.66 37.98
CA THR E 236 8.32 5.94 37.97
C THR E 236 8.03 7.43 38.12
N HIS E 237 8.70 8.07 39.08
CA HIS E 237 8.60 9.51 39.26
C HIS E 237 8.90 10.27 37.97
N GLU E 238 9.99 9.92 37.29
CA GLU E 238 10.41 10.61 36.06
C GLU E 238 9.38 10.38 34.94
N MET E 239 9.00 9.12 34.74
CA MET E 239 7.99 8.76 33.76
C MET E 239 6.69 9.50 34.00
N LEU E 240 6.19 9.44 35.22
CA LEU E 240 4.95 10.11 35.57
C LEU E 240 4.99 11.59 35.19
N GLU E 241 6.09 12.26 35.51
CA GLU E 241 6.18 13.71 35.31
C GLU E 241 6.35 14.08 33.86
N ARG E 242 7.23 13.38 33.15
CA ARG E 242 7.41 13.60 31.71
C ARG E 242 6.11 13.36 30.93
N LEU E 243 5.39 12.31 31.29
CA LEU E 243 4.09 12.00 30.67
C LEU E 243 3.08 13.09 30.93
N GLU E 244 2.86 13.42 32.19
CA GLU E 244 1.85 14.41 32.55
C GLU E 244 2.18 15.80 31.99
N ALA E 245 3.48 16.10 31.80
CA ALA E 245 3.88 17.41 31.29
C ALA E 245 3.48 17.55 29.83
N HIS E 246 3.75 16.49 29.07
CA HIS E 246 3.28 16.41 27.70
C HIS E 246 1.75 16.46 27.62
N LEU E 247 1.06 15.61 28.35
CA LEU E 247 -0.40 15.58 28.34
C LEU E 247 -1.09 16.88 28.75
N ARG E 248 -0.46 17.67 29.62
CA ARG E 248 -1.02 18.95 30.04
C ARG E 248 -0.86 20.00 28.93
N ALA E 249 0.35 20.09 28.38
CA ALA E 249 0.68 20.99 27.24
C ALA E 249 -0.17 20.77 25.97
N MET E 250 -0.67 19.55 25.79
CA MET E 250 -1.56 19.26 24.67
C MET E 250 -2.92 19.95 24.81
N GLY E 251 -3.32 20.25 26.04
CA GLY E 251 -4.53 21.01 26.30
C GLY E 251 -4.39 22.52 26.46
N GLN E 252 -3.18 23.05 26.31
CA GLN E 252 -2.90 24.48 26.50
C GLN E 252 -2.26 25.14 25.30
N PHE E 253 -2.48 26.45 25.18
CA PHE E 253 -1.73 27.36 24.30
C PHE E 253 -1.03 28.42 25.15
N THR E 254 -0.05 29.13 24.58
CA THR E 254 0.33 30.45 25.13
C THR E 254 -0.17 31.55 24.20
N VAL E 255 -0.73 32.57 24.82
CA VAL E 255 -1.37 33.68 24.15
C VAL E 255 -0.60 34.94 24.48
N VAL E 256 -0.30 35.75 23.46
CA VAL E 256 0.32 37.06 23.62
C VAL E 256 -0.62 38.13 23.03
N ALA E 257 -1.40 38.73 23.92
CA ALA E 257 -2.39 39.74 23.59
C ALA E 257 -1.88 41.15 23.87
N ASN E 258 -2.31 42.11 23.05
CA ASN E 258 -1.93 43.52 23.15
C ASN E 258 -3.02 44.41 23.73
N MET E 259 -2.84 44.86 24.96
CA MET E 259 -3.78 45.72 25.68
C MET E 259 -3.42 47.20 25.53
N ARG E 260 -4.46 48.05 25.42
CA ARG E 260 -4.30 49.51 25.45
C ARG E 260 -4.23 49.92 26.90
N GLY E 261 -3.19 50.65 27.26
CA GLY E 261 -2.99 51.06 28.65
C GLY E 261 -1.99 52.18 28.79
N SER E 262 -2.05 52.85 29.92
CA SER E 262 -1.11 53.91 30.27
C SER E 262 0.09 53.34 31.05
N SER E 263 -0.09 52.19 31.71
CA SER E 263 1.01 51.53 32.43
C SER E 263 0.86 50.01 32.44
N ALA E 264 1.98 49.33 32.68
CA ALA E 264 2.03 47.87 32.75
C ALA E 264 1.20 47.29 33.89
N GLU E 265 1.25 47.94 35.05
CA GLU E 265 0.54 47.45 36.24
C GLU E 265 -0.95 47.73 36.19
N GLU E 266 -1.35 48.80 35.50
CA GLU E 266 -2.77 49.07 35.22
C GLU E 266 -3.37 47.93 34.42
N VAL E 267 -2.64 47.48 33.41
CA VAL E 267 -3.08 46.40 32.52
C VAL E 267 -3.24 45.10 33.30
N ALA E 268 -2.19 44.71 34.00
CA ALA E 268 -2.22 43.53 34.87
C ALA E 268 -3.44 43.46 35.78
N GLU E 269 -3.88 44.62 36.29
CA GLU E 269 -5.10 44.68 37.12
C GLU E 269 -6.33 44.31 36.30
N ARG E 270 -6.49 44.96 35.15
CA ARG E 270 -7.67 44.75 34.29
C ARG E 270 -7.85 43.30 33.91
N VAL E 271 -6.74 42.61 33.68
CA VAL E 271 -6.73 41.19 33.30
C VAL E 271 -7.10 40.29 34.49
N LEU E 272 -6.41 40.47 35.61
CA LEU E 272 -6.65 39.63 36.80
C LEU E 272 -8.03 39.83 37.45
N SER E 273 -8.64 40.99 37.22
CA SER E 273 -10.02 41.24 37.67
C SER E 273 -11.08 40.37 36.95
N GLN E 274 -10.70 39.75 35.82
CA GLN E 274 -11.54 38.77 35.15
C GLN E 274 -11.34 37.37 35.75
N PRO E 275 -12.34 36.85 36.51
CA PRO E 275 -12.20 35.49 37.04
C PRO E 275 -12.37 34.41 35.98
N SER E 276 -13.24 34.67 35.00
CA SER E 276 -13.50 33.76 33.87
C SER E 276 -12.31 33.58 32.94
N LEU E 277 -11.40 34.55 32.95
CA LEU E 277 -10.19 34.51 32.13
C LEU E 277 -9.18 33.52 32.71
N ALA E 278 -8.35 32.96 31.84
CA ALA E 278 -7.55 31.75 32.10
C ALA E 278 -6.59 31.76 33.30
N GLY E 279 -6.27 30.54 33.73
CA GLY E 279 -5.46 30.29 34.92
C GLY E 279 -4.05 29.83 34.59
N LEU E 280 -3.26 30.73 34.00
CA LEU E 280 -1.80 30.64 34.09
C LEU E 280 -1.40 31.05 35.52
N GLN E 281 -0.26 30.55 36.00
CA GLN E 281 0.27 30.95 37.31
C GLN E 281 0.41 32.47 37.46
N GLY E 282 0.59 33.16 36.34
CA GLY E 282 0.21 34.57 36.19
C GLY E 282 0.63 35.23 34.88
N PRO E 283 0.09 36.43 34.57
CA PRO E 283 0.48 37.21 33.38
C PRO E 283 1.85 37.90 33.45
N THR E 284 2.44 38.12 32.28
CA THR E 284 3.75 38.73 32.11
C THR E 284 3.56 39.89 31.14
N VAL E 285 3.47 41.09 31.67
CA VAL E 285 3.17 42.27 30.87
C VAL E 285 4.45 43.02 30.55
N SER E 286 4.59 43.44 29.29
CA SER E 286 5.76 44.17 28.78
C SER E 286 5.29 45.21 27.75
N PRO E 287 5.92 46.39 27.72
CA PRO E 287 5.45 47.43 26.80
C PRO E 287 5.81 47.15 25.33
N VAL E 288 4.96 47.62 24.43
CA VAL E 288 5.13 47.43 22.98
C VAL E 288 5.38 48.80 22.35
N PHE E 289 6.54 48.96 21.72
CA PHE E 289 7.00 50.25 21.24
C PHE E 289 6.48 50.62 19.86
N CYS E 290 6.32 51.93 19.64
CA CYS E 290 5.56 52.48 18.50
C CYS E 290 6.33 53.55 17.73
N LYS E 291 6.11 53.59 16.41
CA LYS E 291 6.67 54.63 15.52
C LYS E 291 6.36 56.04 16.04
N GLY E 294 6.35 62.61 15.60
CA GLY E 294 7.31 61.65 15.05
C GLY E 294 7.88 60.70 16.08
N LYS E 295 8.51 61.27 17.10
CA LYS E 295 9.17 60.51 18.18
C LYS E 295 8.13 60.01 19.21
N VAL E 296 7.44 58.92 18.87
CA VAL E 296 6.39 58.31 19.73
C VAL E 296 6.97 57.05 20.42
N SER E 297 6.36 56.62 21.55
CA SER E 297 6.83 55.43 22.30
C SER E 297 5.80 54.81 23.27
N ALA E 298 5.50 53.52 23.06
CA ALA E 298 4.99 52.60 24.11
C ALA E 298 3.48 52.61 24.42
N ASP E 299 2.65 52.65 23.39
CA ASP E 299 1.18 52.75 23.56
C ASP E 299 0.47 51.45 24.00
N TYR E 300 0.72 50.35 23.29
CA TYR E 300 0.21 49.03 23.68
C TYR E 300 1.08 48.35 24.76
N TYR E 301 0.47 47.47 25.55
CA TYR E 301 1.19 46.57 26.48
C TYR E 301 0.84 45.09 26.21
N ALA E 302 1.87 44.24 26.15
CA ALA E 302 1.73 42.84 25.76
C ALA E 302 1.73 41.89 26.95
N ILE E 303 0.54 41.39 27.31
CA ILE E 303 0.43 40.32 28.33
C ILE E 303 0.73 38.96 27.69
N VAL E 304 1.27 38.02 28.47
CA VAL E 304 1.28 36.61 28.05
C VAL E 304 0.62 35.72 29.11
N ILE E 305 -0.57 35.24 28.79
CA ILE E 305 -1.29 34.26 29.60
C ILE E 305 -1.10 32.88 28.95
N CYS E 306 -1.80 31.89 29.48
CA CYS E 306 -1.67 30.53 29.00
C CYS E 306 -3.05 29.86 29.13
N VAL E 307 -3.84 29.95 28.04
CA VAL E 307 -5.25 29.51 28.06
C VAL E 307 -5.39 28.07 27.58
N PRO E 308 -6.43 27.35 28.05
CA PRO E 308 -6.73 26.03 27.47
C PRO E 308 -7.26 26.12 26.05
N LYS E 309 -6.94 25.11 25.25
CA LYS E 309 -7.32 25.09 23.83
C LYS E 309 -8.82 25.11 23.70
N LYS E 310 -9.49 24.42 24.62
CA LYS E 310 -10.95 24.43 24.72
C LYS E 310 -11.51 25.84 24.64
N ALA E 311 -10.96 26.71 25.51
CA ALA E 311 -11.47 28.04 25.74
C ALA E 311 -10.76 29.17 24.97
N LEU E 312 -10.09 28.85 23.86
CA LEU E 312 -9.26 29.85 23.19
C LEU E 312 -10.09 31.02 22.71
N TYR E 313 -11.09 30.74 21.88
CA TYR E 313 -11.84 31.81 21.22
C TYR E 313 -12.59 32.68 22.23
N LYS E 314 -13.23 32.03 23.20
CA LYS E 314 -13.89 32.72 24.29
C LYS E 314 -12.93 33.71 24.95
N SER E 315 -11.75 33.23 25.31
CA SER E 315 -10.74 34.06 25.95
C SER E 315 -10.23 35.23 25.10
N ILE E 316 -10.16 35.04 23.78
CA ILE E 316 -9.85 36.15 22.88
C ILE E 316 -10.96 37.19 22.94
N GLN E 317 -12.21 36.74 22.92
CA GLN E 317 -13.34 37.64 22.99
C GLN E 317 -13.36 38.39 24.33
N GLN E 318 -13.19 37.65 25.43
CA GLN E 318 -13.05 38.26 26.76
C GLN E 318 -11.95 39.32 26.80
N LEU E 319 -10.83 39.06 26.14
CA LEU E 319 -9.69 40.00 26.09
C LEU E 319 -9.99 41.23 25.25
N ARG E 320 -10.71 41.05 24.15
CA ARG E 320 -11.08 42.18 23.30
C ARG E 320 -12.07 43.14 23.98
N ALA E 321 -12.86 42.60 24.91
CA ALA E 321 -13.72 43.41 25.79
C ALA E 321 -12.92 44.40 26.64
N ILE E 322 -11.74 43.98 27.09
CA ILE E 322 -10.84 44.78 27.92
C ILE E 322 -9.84 45.55 27.04
N GLY E 323 -10.28 46.04 25.88
CA GLY E 323 -9.38 46.74 24.94
C GLY E 323 -8.18 45.94 24.40
N GLY E 324 -8.32 44.61 24.34
CA GLY E 324 -7.29 43.76 23.73
C GLY E 324 -7.35 43.83 22.21
N SER E 325 -6.20 43.68 21.56
CA SER E 325 -6.08 43.96 20.12
C SER E 325 -5.57 42.74 19.32
N GLY E 326 -4.30 42.77 18.89
CA GLY E 326 -3.69 41.64 18.21
C GLY E 326 -3.42 40.55 19.22
N VAL E 327 -3.64 39.30 18.81
CA VAL E 327 -3.36 38.14 19.65
C VAL E 327 -2.49 37.18 18.85
N LEU E 328 -1.49 36.62 19.52
CA LEU E 328 -0.61 35.63 18.95
C LEU E 328 -0.71 34.34 19.78
N VAL E 329 -1.04 33.25 19.11
CA VAL E 329 -1.16 31.95 19.75
C VAL E 329 0.00 31.08 19.28
N SER E 330 0.61 30.40 20.24
CA SER E 330 1.79 29.59 19.97
C SER E 330 1.78 28.33 20.84
N PRO E 331 2.48 27.27 20.39
CA PRO E 331 2.40 25.96 21.03
C PRO E 331 3.29 25.75 22.26
N LEU E 332 2.85 24.89 23.17
CA LEU E 332 3.65 24.39 24.28
C LEU E 332 4.02 22.93 24.06
N THR E 333 5.25 22.56 24.38
CA THR E 333 5.70 21.18 24.27
C THR E 333 5.48 20.43 25.59
N TYR E 334 5.89 21.04 26.71
CA TYR E 334 5.66 20.50 28.07
C TYR E 334 5.26 21.60 29.05
N ILE E 335 4.41 21.24 30.01
CA ILE E 335 4.10 22.05 31.17
C ILE E 335 4.39 21.20 32.39
N PHE E 336 5.49 21.53 33.06
CA PHE E 336 5.81 20.92 34.33
C PHE E 336 5.23 21.80 35.41
N ASP E 337 4.26 21.25 36.14
CA ASP E 337 3.78 21.82 37.39
C ASP E 337 4.87 21.54 38.45
N GLU E 338 4.80 22.21 39.60
CA GLU E 338 5.82 22.00 40.63
C GLU E 338 5.71 20.60 41.25
N GLU E 339 4.57 20.28 41.85
CA GLU E 339 4.29 18.91 42.29
C GLU E 339 3.01 18.42 41.62
N THR E 340 3.11 17.24 41.01
CA THR E 340 1.97 16.55 40.45
C THR E 340 1.17 15.95 41.62
N PRO E 341 -0.15 16.22 41.68
CA PRO E 341 -1.04 15.52 42.64
C PRO E 341 -1.10 14.00 42.48
N ARG E 342 -0.89 13.52 41.26
CA ARG E 342 -0.77 12.10 40.99
C ARG E 342 0.39 11.48 41.74
N TRP E 343 1.53 12.16 41.74
CA TRP E 343 2.69 11.73 42.53
C TRP E 343 2.44 11.70 44.04
N ARG E 344 1.79 12.75 44.56
CA ARG E 344 1.37 12.75 45.96
C ARG E 344 0.40 11.62 46.26
N GLN E 345 -0.54 11.38 45.37
CA GLN E 345 -1.50 10.28 45.53
C GLN E 345 -0.84 8.90 45.52
N LEU E 346 0.22 8.75 44.74
CA LEU E 346 0.95 7.48 44.69
C LEU E 346 1.58 7.18 46.03
N LEU E 347 2.35 8.14 46.54
CA LEU E 347 3.05 8.01 47.80
C LEU E 347 2.05 7.68 48.90
N SER E 348 0.88 8.30 48.86
CA SER E 348 -0.21 7.96 49.77
C SER E 348 -0.55 6.47 49.74
N LYS E 349 -0.68 5.91 48.55
CA LYS E 349 -0.97 4.49 48.41
C LYS E 349 0.15 3.57 48.95
N LEU E 350 1.38 4.05 49.01
CA LEU E 350 2.49 3.30 49.64
C LEU E 350 2.59 3.51 51.17
N GLY E 351 1.49 3.96 51.80
CA GLY E 351 1.46 4.21 53.25
C GLY E 351 2.34 5.37 53.69
N LEU E 352 2.66 6.26 52.75
CA LEU E 352 3.73 7.24 52.86
C LEU E 352 3.15 8.66 52.85
N SER F 15 -37.69 29.91 10.38
CA SER F 15 -38.00 28.95 9.27
C SER F 15 -37.26 27.60 9.42
N ARG F 16 -35.93 27.66 9.56
CA ARG F 16 -35.06 26.47 9.79
C ARG F 16 -34.09 26.75 10.93
N GLN F 17 -33.92 25.78 11.82
CA GLN F 17 -33.18 26.00 13.07
C GLN F 17 -31.66 25.96 12.93
N GLU F 18 -31.13 25.08 12.07
CA GLU F 18 -29.68 24.84 12.00
C GLU F 18 -29.04 25.64 10.88
N ILE F 19 -27.75 25.90 11.05
CA ILE F 19 -26.94 26.54 10.04
C ILE F 19 -26.23 25.42 9.28
N ARG F 20 -26.40 25.38 7.97
CA ARG F 20 -25.95 24.26 7.17
C ARG F 20 -24.72 24.61 6.37
N LEU F 21 -23.64 23.87 6.63
CA LEU F 21 -22.37 24.03 5.93
C LEU F 21 -22.21 22.86 4.98
N GLY F 22 -22.04 23.15 3.70
CA GLY F 22 -21.73 22.11 2.71
C GLY F 22 -20.24 21.92 2.51
N LEU F 23 -19.77 20.68 2.60
CA LEU F 23 -18.36 20.37 2.37
C LEU F 23 -18.20 19.34 1.26
N PRO F 24 -17.09 19.38 0.51
CA PRO F 24 -16.83 18.35 -0.48
C PRO F 24 -16.83 16.94 0.13
N SER F 25 -17.43 15.99 -0.61
CA SER F 25 -17.71 14.62 -0.13
C SER F 25 -16.65 13.61 -0.52
N LYS F 26 -16.14 13.74 -1.75
CA LYS F 26 -15.10 12.86 -2.27
C LYS F 26 -13.84 13.63 -2.57
N GLY F 27 -12.71 12.92 -2.55
CA GLY F 27 -11.49 13.37 -3.17
C GLY F 27 -10.49 13.89 -2.18
N ARG F 28 -9.42 14.47 -2.73
CA ARG F 28 -8.40 15.17 -1.95
C ARG F 28 -8.98 16.50 -1.45
N MET F 29 -9.85 17.12 -2.26
CA MET F 29 -10.57 18.32 -1.86
C MET F 29 -11.35 18.08 -0.58
N SER F 30 -11.96 16.90 -0.42
CA SER F 30 -12.69 16.56 0.81
C SER F 30 -11.78 16.49 2.04
N SER F 31 -10.68 15.76 1.93
CA SER F 31 -9.78 15.56 3.07
C SER F 31 -8.96 16.80 3.42
N ASP F 32 -8.47 17.52 2.41
CA ASP F 32 -7.80 18.80 2.64
C ASP F 32 -8.68 19.78 3.40
N THR F 33 -9.96 19.80 3.05
CA THR F 33 -10.95 20.63 3.73
C THR F 33 -11.16 20.21 5.18
N LEU F 34 -11.24 18.92 5.43
CA LEU F 34 -11.38 18.43 6.80
C LEU F 34 -10.14 18.70 7.65
N ASP F 35 -8.97 18.68 7.03
CA ASP F 35 -7.70 18.95 7.70
C ASP F 35 -7.57 20.41 8.06
N LEU F 36 -7.81 21.29 7.11
CA LEU F 36 -7.87 22.72 7.40
C LEU F 36 -8.82 23.04 8.53
N LEU F 37 -9.97 22.38 8.56
CA LEU F 37 -10.96 22.60 9.61
C LEU F 37 -10.49 22.15 10.99
N LYS F 38 -9.83 21.00 11.05
CA LYS F 38 -9.25 20.50 12.31
C LYS F 38 -8.15 21.43 12.83
N ASP F 39 -7.39 22.03 11.92
CA ASP F 39 -6.32 22.97 12.30
C ASP F 39 -6.85 24.26 12.91
N CYS F 40 -8.10 24.61 12.60
CA CYS F 40 -8.73 25.82 13.11
C CYS F 40 -9.66 25.58 14.30
N GLN F 41 -9.55 24.43 14.95
CA GLN F 41 -10.49 23.98 15.99
C GLN F 41 -11.94 23.96 15.52
N LEU F 42 -12.16 23.55 14.27
CA LEU F 42 -13.50 23.36 13.72
C LEU F 42 -13.59 21.92 13.18
N SER F 43 -13.21 20.96 14.01
CA SER F 43 -13.21 19.55 13.61
C SER F 43 -14.60 19.04 13.33
N VAL F 44 -14.75 18.26 12.28
CA VAL F 44 -16.03 17.65 11.93
C VAL F 44 -16.15 16.36 12.73
N LYS F 45 -17.32 16.09 13.29
CA LYS F 45 -17.59 14.84 14.02
C LYS F 45 -18.79 14.15 13.42
N GLN F 46 -18.70 12.83 13.34
CA GLN F 46 -19.71 12.02 12.66
C GLN F 46 -20.08 10.79 13.49
N VAL F 47 -21.26 10.85 14.11
CA VAL F 47 -21.90 9.68 14.77
C VAL F 47 -22.14 8.48 13.82
N ASN F 48 -22.38 8.74 12.53
CA ASN F 48 -22.65 7.71 11.52
C ASN F 48 -21.74 7.93 10.29
N PRO F 49 -20.50 7.41 10.33
CA PRO F 49 -19.47 7.65 9.30
C PRO F 49 -19.80 7.47 7.81
N ARG F 50 -20.72 6.58 7.45
CA ARG F 50 -21.18 6.48 6.04
C ARG F 50 -22.63 6.99 5.84
N GLN F 51 -23.01 7.97 6.66
CA GLN F 51 -24.06 8.92 6.31
C GLN F 51 -23.39 10.22 5.88
N TYR F 52 -24.17 11.13 5.32
CA TYR F 52 -23.64 12.39 4.79
C TYR F 52 -23.86 13.59 5.70
N VAL F 53 -24.62 13.43 6.79
CA VAL F 53 -24.75 14.48 7.78
C VAL F 53 -23.68 14.33 8.85
N ALA F 54 -23.18 15.47 9.32
CA ALA F 54 -22.20 15.50 10.40
C ALA F 54 -22.33 16.84 11.13
N GLN F 55 -21.44 17.10 12.08
CA GLN F 55 -21.49 18.33 12.84
C GLN F 55 -20.10 18.82 13.22
N ILE F 56 -19.99 20.13 13.42
CA ILE F 56 -18.80 20.74 14.03
C ILE F 56 -19.24 21.12 15.45
N PRO F 57 -18.70 20.45 16.48
CA PRO F 57 -19.17 20.74 17.85
C PRO F 57 -18.75 22.10 18.41
N GLN F 58 -17.58 22.60 17.99
CA GLN F 58 -17.09 23.93 18.36
C GLN F 58 -18.16 25.01 18.24
N ILE F 59 -18.91 24.96 17.15
CA ILE F 59 -20.01 25.85 16.90
C ILE F 59 -21.27 25.00 16.89
N SER F 60 -21.95 24.92 18.03
CA SER F 60 -23.25 24.22 18.09
C SER F 60 -24.26 24.90 17.15
N ASN F 61 -25.25 24.13 16.71
CA ASN F 61 -26.21 24.50 15.65
C ASN F 61 -25.65 24.49 14.22
N LEU F 62 -24.38 24.11 14.06
CA LEU F 62 -23.75 24.01 12.74
C LEU F 62 -23.75 22.55 12.29
N GLU F 63 -24.64 22.23 11.35
CA GLU F 63 -24.80 20.91 10.78
C GLU F 63 -24.05 20.92 9.47
N VAL F 64 -23.23 19.90 9.21
CA VAL F 64 -22.51 19.81 7.92
C VAL F 64 -23.14 18.70 7.07
N TRP F 65 -23.06 18.91 5.75
CA TRP F 65 -23.62 18.03 4.76
C TRP F 65 -22.57 17.80 3.69
N PHE F 66 -22.10 16.56 3.59
CA PHE F 66 -21.14 16.18 2.55
C PHE F 66 -21.82 16.04 1.19
N GLN F 67 -21.25 16.73 0.20
CA GLN F 67 -21.88 16.95 -1.08
C GLN F 67 -20.80 17.17 -2.12
N ARG F 68 -21.18 17.04 -3.39
CA ARG F 68 -20.26 17.22 -4.51
C ARG F 68 -20.16 18.72 -4.77
N PRO F 69 -18.96 19.24 -5.06
CA PRO F 69 -18.81 20.69 -5.18
C PRO F 69 -19.95 21.43 -5.89
N LYS F 70 -20.42 20.92 -7.02
CA LYS F 70 -21.50 21.59 -7.75
C LYS F 70 -22.87 21.47 -7.06
N ASP F 71 -23.14 20.33 -6.41
CA ASP F 71 -24.30 20.20 -5.51
C ASP F 71 -24.30 21.25 -4.40
N ILE F 72 -23.12 21.59 -3.87
CA ILE F 72 -22.97 22.63 -2.84
C ILE F 72 -23.40 23.98 -3.42
N VAL F 73 -22.92 24.31 -4.62
CA VAL F 73 -23.32 25.55 -5.29
C VAL F 73 -24.82 25.53 -5.61
N ARG F 74 -25.32 24.39 -6.13
CA ARG F 74 -26.76 24.17 -6.43
C ARG F 74 -27.64 24.37 -5.19
N LYS F 75 -27.23 23.80 -4.06
CA LYS F 75 -28.01 23.90 -2.82
C LYS F 75 -27.88 25.24 -2.07
N LEU F 76 -26.81 25.99 -2.35
CA LEU F 76 -26.69 27.36 -1.87
C LEU F 76 -27.70 28.27 -2.59
N LEU F 77 -27.81 28.07 -3.91
CA LEU F 77 -28.79 28.79 -4.72
C LEU F 77 -30.20 28.35 -4.37
N SER F 78 -30.43 27.04 -4.30
CA SER F 78 -31.76 26.53 -3.96
C SER F 78 -32.16 26.79 -2.50
N GLY F 79 -31.23 27.23 -1.66
CA GLY F 79 -31.53 27.67 -0.30
C GLY F 79 -31.45 26.58 0.75
N ASP F 80 -31.05 25.37 0.36
CA ASP F 80 -30.94 24.25 1.31
C ASP F 80 -29.61 24.22 2.08
N LEU F 81 -28.63 24.99 1.62
CA LEU F 81 -27.41 25.26 2.38
C LEU F 81 -27.25 26.75 2.66
N ASP F 82 -26.52 27.07 3.72
CA ASP F 82 -26.18 28.46 4.12
C ASP F 82 -24.74 28.82 3.82
N LEU F 83 -23.83 27.86 4.00
CA LEU F 83 -22.40 28.05 3.81
C LEU F 83 -21.86 26.92 2.97
N GLY F 84 -20.70 27.13 2.37
CA GLY F 84 -20.02 26.04 1.68
C GLY F 84 -18.55 26.29 1.38
N ILE F 85 -17.80 25.21 1.20
CA ILE F 85 -16.41 25.27 0.78
C ILE F 85 -16.25 24.57 -0.58
N VAL F 86 -15.89 25.34 -1.59
CA VAL F 86 -15.75 24.86 -2.96
C VAL F 86 -14.67 25.64 -3.67
N GLY F 87 -14.20 25.10 -4.78
CA GLY F 87 -13.23 25.78 -5.61
C GLY F 87 -13.90 26.92 -6.33
N LEU F 88 -13.14 27.97 -6.64
CA LEU F 88 -13.68 29.10 -7.38
C LEU F 88 -14.08 28.76 -8.83
N ASP F 89 -13.48 27.71 -9.40
CA ASP F 89 -13.90 27.16 -10.70
C ASP F 89 -15.38 26.76 -10.67
N VAL F 90 -15.74 25.91 -9.71
CA VAL F 90 -17.08 25.36 -9.59
C VAL F 90 -18.06 26.47 -9.22
N LEU F 91 -17.60 27.43 -8.44
CA LEU F 91 -18.43 28.54 -8.02
C LEU F 91 -18.82 29.42 -9.19
N THR F 92 -17.83 29.93 -9.93
CA THR F 92 -18.12 30.85 -11.04
C THR F 92 -18.78 30.17 -12.25
N GLU F 93 -18.58 28.86 -12.40
CA GLU F 93 -19.21 28.10 -13.50
C GLU F 93 -20.71 27.86 -13.29
N PHE F 94 -21.08 27.37 -12.12
CA PHE F 94 -22.46 27.02 -11.79
C PHE F 94 -23.22 28.15 -11.09
N GLY F 95 -22.49 29.09 -10.48
CA GLY F 95 -23.11 30.26 -9.87
C GLY F 95 -23.55 31.24 -10.93
N GLN F 96 -22.70 31.43 -11.94
CA GLN F 96 -22.99 32.31 -13.08
C GLN F 96 -23.18 33.78 -12.66
N GLY F 97 -22.41 34.22 -11.68
CA GLY F 97 -22.48 35.60 -11.21
C GLY F 97 -23.70 35.98 -10.41
N ASN F 98 -24.43 34.98 -9.91
CA ASN F 98 -25.57 35.23 -9.01
C ASN F 98 -25.14 36.11 -7.84
N GLU F 99 -25.90 37.15 -7.57
CA GLU F 99 -25.57 38.12 -6.52
C GLU F 99 -25.68 37.54 -5.11
N ASP F 100 -26.46 36.47 -4.94
CA ASP F 100 -26.60 35.81 -3.64
C ASP F 100 -25.34 35.06 -3.16
N LEU F 101 -24.53 34.57 -4.10
CA LEU F 101 -23.31 33.88 -3.73
C LEU F 101 -22.21 34.90 -3.41
N ILE F 102 -21.68 34.83 -2.18
CA ILE F 102 -20.65 35.72 -1.69
C ILE F 102 -19.45 34.89 -1.28
N VAL F 103 -18.26 35.18 -1.81
CA VAL F 103 -17.04 34.55 -1.28
C VAL F 103 -16.65 35.25 0.02
N VAL F 104 -16.51 34.48 1.09
CA VAL F 104 -16.15 35.00 2.40
C VAL F 104 -14.64 34.99 2.56
N HIS F 105 -14.02 33.87 2.20
CA HIS F 105 -12.56 33.77 2.11
C HIS F 105 -12.24 33.21 0.75
N GLU F 106 -11.46 33.96 -0.02
CA GLU F 106 -11.17 33.61 -1.42
C GLU F 106 -9.92 32.76 -1.63
N ALA F 107 -9.31 32.26 -0.55
CA ALA F 107 -7.97 31.66 -0.61
C ALA F 107 -7.63 30.86 0.64
N LEU F 108 -8.10 29.61 0.66
CA LEU F 108 -7.78 28.67 1.74
C LEU F 108 -6.48 27.89 1.46
N GLU F 109 -5.81 28.22 0.36
CA GLU F 109 -4.48 27.71 0.06
C GLU F 109 -4.45 26.19 -0.14
N TYR F 110 -5.51 25.68 -0.77
CA TYR F 110 -5.52 24.33 -1.32
C TYR F 110 -6.52 24.28 -2.49
N GLY F 111 -6.47 23.18 -3.23
CA GLY F 111 -7.21 23.06 -4.48
C GLY F 111 -6.72 24.04 -5.52
N ASP F 112 -5.42 24.34 -5.51
CA ASP F 112 -4.86 25.33 -6.42
C ASP F 112 -4.87 24.76 -7.84
N CYS F 113 -5.50 25.49 -8.75
CA CYS F 113 -5.48 25.17 -10.16
C CYS F 113 -5.87 26.41 -10.95
N ARG F 114 -5.64 26.38 -12.26
CA ARG F 114 -6.15 27.44 -13.13
C ARG F 114 -6.89 26.87 -14.34
N LEU F 115 -7.93 27.60 -14.73
CA LEU F 115 -8.71 27.28 -15.91
C LEU F 115 -8.13 28.11 -17.04
N SER F 116 -7.60 27.42 -18.03
CA SER F 116 -6.85 28.05 -19.10
C SER F 116 -7.05 27.35 -20.44
N ILE F 117 -6.69 28.08 -21.50
CA ILE F 117 -6.74 27.59 -22.87
C ILE F 117 -5.46 26.83 -23.20
N ALA F 118 -5.63 25.68 -23.85
CA ALA F 118 -4.53 24.94 -24.45
C ALA F 118 -4.80 24.73 -25.94
N ILE F 119 -3.73 24.77 -26.72
CA ILE F 119 -3.78 24.61 -28.16
C ILE F 119 -2.64 23.68 -28.56
N PRO F 120 -2.64 23.15 -29.80
CA PRO F 120 -1.51 22.30 -30.19
C PRO F 120 -0.22 23.12 -30.35
N GLN F 121 0.92 22.49 -30.07
CA GLN F 121 2.23 23.04 -30.42
C GLN F 121 2.37 22.90 -31.94
N TYR F 122 2.07 21.69 -32.40
CA TYR F 122 2.31 21.17 -33.76
C TYR F 122 2.47 22.17 -34.93
N GLY F 123 1.48 22.28 -35.82
CA GLY F 123 1.72 22.76 -37.18
C GLY F 123 1.31 24.21 -37.39
N ILE F 124 0.00 24.42 -37.39
CA ILE F 124 -0.58 25.73 -37.75
C ILE F 124 -0.48 26.70 -36.54
N PHE F 125 -0.18 26.18 -35.35
CA PHE F 125 -0.13 26.97 -34.12
C PHE F 125 1.29 27.24 -33.60
N GLU F 126 2.31 26.97 -34.41
CA GLU F 126 3.69 26.88 -33.93
C GLU F 126 4.30 28.21 -33.46
N ASN F 127 3.99 29.29 -34.17
CA ASN F 127 4.44 30.65 -33.77
C ASN F 127 3.33 31.44 -33.04
N VAL F 128 2.39 30.74 -32.41
CA VAL F 128 1.24 31.36 -31.75
C VAL F 128 1.35 31.07 -30.25
N ASN F 129 1.70 32.12 -29.49
CA ASN F 129 1.91 32.02 -28.04
C ASN F 129 1.17 33.15 -27.30
N SER F 130 -0.01 33.47 -27.78
CA SER F 130 -0.81 34.54 -27.23
C SER F 130 -2.25 34.42 -27.73
N LEU F 131 -3.18 34.86 -26.88
CA LEU F 131 -4.59 34.94 -27.24
C LEU F 131 -4.82 36.00 -28.33
N GLU F 132 -4.06 37.10 -28.27
CA GLU F 132 -3.95 38.09 -29.36
C GLU F 132 -3.65 37.39 -30.69
N GLU F 133 -2.55 36.63 -30.70
CA GLU F 133 -2.07 35.95 -31.91
C GLU F 133 -2.99 34.79 -32.36
N LEU F 134 -3.63 34.12 -31.40
CA LEU F 134 -4.66 33.12 -31.69
C LEU F 134 -5.87 33.77 -32.37
N ALA F 135 -6.34 34.88 -31.79
CA ALA F 135 -7.44 35.67 -32.37
C ALA F 135 -7.08 36.28 -33.73
N LYS F 136 -5.80 36.61 -33.92
CA LYS F 136 -5.28 37.22 -35.16
C LYS F 136 -5.38 36.35 -36.44
N MET F 137 -5.51 35.02 -36.29
CA MET F 137 -5.46 34.11 -37.44
C MET F 137 -6.60 34.30 -38.45
N PRO F 138 -6.30 34.16 -39.77
CA PRO F 138 -7.33 34.26 -40.80
C PRO F 138 -8.26 33.04 -40.91
N GLN F 139 -7.91 31.92 -40.29
CA GLN F 139 -8.63 30.65 -40.48
C GLN F 139 -10.08 30.63 -39.96
N TRP F 140 -10.49 31.61 -39.16
CA TRP F 140 -11.78 31.55 -38.45
C TRP F 140 -12.71 32.73 -38.74
N THR F 141 -13.77 32.44 -39.53
CA THR F 141 -14.95 33.30 -39.67
C THR F 141 -16.17 32.48 -39.20
N GLU F 142 -17.34 33.12 -39.13
CA GLU F 142 -18.57 32.49 -38.60
C GLU F 142 -18.94 31.12 -39.19
N ASP F 143 -18.57 30.88 -40.45
CA ASP F 143 -18.86 29.61 -41.11
C ASP F 143 -17.99 28.47 -40.53
N LYS F 144 -16.67 28.65 -40.55
CA LYS F 144 -15.71 27.71 -39.95
C LYS F 144 -15.03 28.39 -38.75
N PRO F 145 -15.66 28.34 -37.55
CA PRO F 145 -15.15 29.08 -36.40
C PRO F 145 -14.09 28.31 -35.63
N LEU F 146 -13.50 28.95 -34.62
CA LEU F 146 -12.55 28.29 -33.72
C LEU F 146 -13.31 27.34 -32.80
N ARG F 147 -13.24 26.04 -33.11
CA ARG F 147 -13.90 25.04 -32.28
C ARG F 147 -13.07 24.77 -31.04
N VAL F 148 -13.71 24.79 -29.87
CA VAL F 148 -13.01 24.64 -28.58
C VAL F 148 -13.84 23.79 -27.61
N ALA F 149 -13.24 22.66 -27.19
CA ALA F 149 -13.89 21.70 -26.31
C ALA F 149 -13.64 22.08 -24.86
N THR F 150 -14.69 21.99 -24.04
CA THR F 150 -14.61 22.37 -22.63
C THR F 150 -15.68 21.67 -21.78
N GLY F 151 -15.44 21.66 -20.47
CA GLY F 151 -16.49 21.37 -19.48
C GLY F 151 -17.14 22.64 -18.97
N PHE F 152 -16.45 23.77 -19.14
CA PHE F 152 -16.92 25.08 -18.70
C PHE F 152 -17.70 25.75 -19.81
N THR F 153 -18.93 25.25 -19.97
CA THR F 153 -19.83 25.66 -21.03
C THR F 153 -20.39 27.07 -20.78
N TYR F 154 -20.37 27.51 -19.53
CA TYR F 154 -20.72 28.89 -19.18
C TYR F 154 -19.52 29.83 -19.33
N LEU F 155 -18.42 29.51 -18.64
CA LEU F 155 -17.26 30.43 -18.55
C LEU F 155 -16.48 30.61 -19.85
N GLY F 156 -16.53 29.62 -20.74
CA GLY F 156 -15.85 29.72 -22.03
C GLY F 156 -16.39 30.84 -22.89
N PRO F 157 -17.68 30.76 -23.27
CA PRO F 157 -18.37 31.84 -23.97
C PRO F 157 -18.13 33.23 -23.38
N LYS F 158 -18.41 33.38 -22.08
CA LYS F 158 -18.27 34.66 -21.38
C LYS F 158 -16.85 35.25 -21.53
N PHE F 159 -15.84 34.39 -21.43
CA PHE F 159 -14.43 34.81 -21.52
C PHE F 159 -14.07 35.30 -22.92
N MET F 160 -14.59 34.60 -23.93
CA MET F 160 -14.30 34.95 -25.34
C MET F 160 -15.00 36.23 -25.76
N LYS F 161 -16.28 36.37 -25.41
CA LYS F 161 -17.03 37.61 -25.64
C LYS F 161 -16.33 38.78 -24.96
N ASP F 162 -16.02 38.61 -23.67
CA ASP F 162 -15.32 39.64 -22.88
C ASP F 162 -13.92 40.01 -23.43
N ASN F 163 -13.28 39.09 -24.16
CA ASN F 163 -12.05 39.39 -24.90
C ASN F 163 -12.26 39.57 -26.43
N GLY F 164 -13.45 40.01 -26.82
CA GLY F 164 -13.74 40.44 -28.19
C GLY F 164 -13.53 39.47 -29.35
N ILE F 165 -13.61 38.17 -29.09
CA ILE F 165 -13.52 37.15 -30.14
C ILE F 165 -14.94 36.63 -30.41
N LYS F 166 -15.42 36.84 -31.63
CA LYS F 166 -16.80 36.53 -32.00
C LYS F 166 -16.95 35.11 -32.58
N HIS F 167 -15.93 34.63 -33.29
CA HIS F 167 -16.02 33.39 -34.06
C HIS F 167 -15.48 32.17 -33.31
N VAL F 168 -16.26 31.68 -32.34
CA VAL F 168 -15.94 30.44 -31.59
C VAL F 168 -17.20 29.57 -31.42
N ALA F 169 -16.99 28.25 -31.42
CA ALA F 169 -18.07 27.27 -31.20
C ALA F 169 -17.61 26.23 -30.18
N PHE F 170 -18.34 26.13 -29.07
CA PHE F 170 -17.99 25.23 -27.97
C PHE F 170 -18.69 23.88 -28.05
N SER F 171 -17.91 22.81 -28.12
CA SER F 171 -18.40 21.46 -27.86
C SER F 171 -18.14 21.13 -26.39
N THR F 172 -19.01 20.31 -25.81
CA THR F 172 -18.94 19.93 -24.41
C THR F 172 -18.37 18.52 -24.29
N ALA F 173 -17.55 18.31 -23.27
CA ALA F 173 -17.17 16.97 -22.85
C ALA F 173 -17.02 16.95 -21.33
N ASP F 174 -17.30 15.78 -20.76
CA ASP F 174 -17.39 15.58 -19.33
C ASP F 174 -16.12 14.88 -18.86
N GLY F 175 -14.96 15.40 -19.27
CA GLY F 175 -13.67 14.79 -18.95
C GLY F 175 -12.85 14.41 -20.17
N ALA F 176 -11.55 14.18 -19.94
CA ALA F 176 -10.59 13.74 -20.98
C ALA F 176 -10.51 14.66 -22.20
N LEU F 177 -10.49 15.96 -21.97
CA LEU F 177 -10.52 16.97 -23.04
C LEU F 177 -9.28 16.94 -23.93
N GLU F 178 -8.16 16.46 -23.40
CA GLU F 178 -6.90 16.42 -24.14
C GLU F 178 -7.03 15.61 -25.43
N ALA F 179 -7.94 14.65 -25.44
CA ALA F 179 -8.23 13.83 -26.62
C ALA F 179 -8.77 14.61 -27.83
N ALA F 180 -9.55 15.67 -27.58
CA ALA F 180 -10.29 16.36 -28.63
C ALA F 180 -9.46 16.84 -29.85
N PRO F 181 -8.33 17.56 -29.64
CA PRO F 181 -7.51 17.96 -30.80
C PRO F 181 -6.88 16.80 -31.59
N ALA F 182 -6.40 15.78 -30.90
CA ALA F 182 -5.91 14.55 -31.57
C ALA F 182 -7.04 13.83 -32.31
N MET F 183 -8.22 13.83 -31.70
CA MET F 183 -9.41 13.20 -32.27
C MET F 183 -10.01 14.02 -33.42
N GLY F 184 -9.66 15.29 -33.52
CA GLY F 184 -10.12 16.16 -34.60
C GLY F 184 -11.47 16.80 -34.35
N ILE F 185 -12.04 16.58 -33.17
CA ILE F 185 -13.37 17.11 -32.78
C ILE F 185 -13.29 18.57 -32.28
N ALA F 186 -12.08 19.09 -32.10
CA ALA F 186 -11.88 20.52 -31.80
C ALA F 186 -10.44 20.96 -32.09
N ASP F 187 -10.24 22.29 -32.11
CA ASP F 187 -8.94 22.90 -32.39
C ASP F 187 -8.19 23.22 -31.10
N ALA F 188 -8.87 23.86 -30.17
CA ALA F 188 -8.33 24.20 -28.85
C ALA F 188 -9.15 23.54 -27.73
N ILE F 189 -8.68 23.65 -26.49
CA ILE F 189 -9.47 23.26 -25.32
C ILE F 189 -9.43 24.32 -24.23
N LEU F 190 -10.36 24.21 -23.28
CA LEU F 190 -10.43 25.07 -22.11
C LEU F 190 -10.66 24.16 -20.91
N ASP F 191 -9.63 23.95 -20.10
CA ASP F 191 -9.66 22.94 -19.06
C ASP F 191 -8.78 23.36 -17.91
N LEU F 192 -8.99 22.73 -16.75
CA LEU F 192 -8.18 22.95 -15.56
C LEU F 192 -6.77 22.40 -15.69
N VAL F 193 -5.81 23.14 -15.14
CA VAL F 193 -4.41 22.71 -15.00
C VAL F 193 -3.95 23.10 -13.61
N SER F 194 -3.13 22.26 -12.98
CA SER F 194 -2.50 22.60 -11.68
C SER F 194 -0.98 22.35 -11.65
N SER F 195 -0.56 21.18 -12.12
CA SER F 195 0.86 20.81 -12.21
C SER F 195 1.49 21.14 -13.57
N GLY F 196 0.70 21.03 -14.64
CA GLY F 196 1.17 21.24 -16.03
C GLY F 196 1.65 19.99 -16.73
N THR F 197 1.40 18.82 -16.12
CA THR F 197 1.97 17.55 -16.58
C THR F 197 1.37 17.15 -17.91
N THR F 198 0.05 16.90 -17.86
CA THR F 198 -0.71 16.24 -18.92
C THR F 198 -0.53 16.84 -20.30
N LEU F 199 -0.49 18.18 -20.38
CA LEU F 199 -0.70 18.85 -21.66
C LEU F 199 0.53 18.96 -22.55
N LYS F 200 1.75 18.92 -22.01
CA LYS F 200 2.93 18.79 -22.88
C LYS F 200 3.03 17.35 -23.42
N GLU F 201 2.57 16.37 -22.64
CA GLU F 201 2.55 14.96 -23.03
C GLU F 201 1.48 14.61 -24.08
N ASN F 202 0.47 15.47 -24.21
CA ASN F 202 -0.50 15.37 -25.31
C ASN F 202 -0.23 16.40 -26.40
N ASN F 203 1.02 16.87 -26.48
CA ASN F 203 1.44 17.87 -27.46
C ASN F 203 0.54 19.13 -27.52
N LEU F 204 0.26 19.68 -26.34
CA LEU F 204 -0.44 20.96 -26.19
C LEU F 204 0.39 21.95 -25.37
N LYS F 205 0.02 23.21 -25.48
CA LYS F 205 0.74 24.31 -24.83
C LYS F 205 -0.23 25.41 -24.39
N GLU F 206 0.09 26.08 -23.29
CA GLU F 206 -0.66 27.27 -22.89
C GLU F 206 -0.19 28.48 -23.69
N ILE F 207 -0.91 29.59 -23.53
CA ILE F 207 -0.61 30.84 -24.23
C ILE F 207 -0.83 32.04 -23.32
N GLU F 208 -0.11 33.13 -23.57
CA GLU F 208 -0.29 34.37 -22.79
C GLU F 208 -1.73 34.85 -22.88
N GLY F 209 -2.30 35.24 -21.74
CA GLY F 209 -3.70 35.64 -21.66
C GLY F 209 -4.69 34.52 -21.92
N GLY F 210 -4.24 33.28 -21.82
CA GLY F 210 -5.08 32.10 -21.97
C GLY F 210 -5.82 31.79 -20.69
N THR F 211 -5.25 32.19 -19.56
CA THR F 211 -5.82 31.90 -18.25
C THR F 211 -7.12 32.64 -17.99
N VAL F 212 -8.20 31.89 -17.80
CA VAL F 212 -9.53 32.44 -17.55
C VAL F 212 -9.72 32.79 -16.08
N LEU F 213 -9.30 31.89 -15.19
CA LEU F 213 -9.16 32.22 -13.77
C LEU F 213 -8.29 31.23 -13.02
N GLU F 214 -7.73 31.69 -11.90
CA GLU F 214 -6.92 30.87 -11.02
C GLU F 214 -7.76 30.52 -9.80
N SER F 215 -8.04 29.23 -9.63
CA SER F 215 -8.98 28.76 -8.63
C SER F 215 -8.25 28.29 -7.37
N GLN F 216 -8.94 28.39 -6.25
CA GLN F 216 -8.63 27.57 -5.09
C GLN F 216 -9.87 27.41 -4.21
N ALA F 217 -9.76 26.61 -3.16
CA ALA F 217 -10.87 26.38 -2.25
C ALA F 217 -11.23 27.71 -1.60
N ALA F 218 -12.52 27.90 -1.36
CA ALA F 218 -13.05 29.16 -0.87
C ALA F 218 -14.17 28.91 0.09
N LEU F 219 -14.32 29.76 1.10
CA LEU F 219 -15.51 29.77 1.94
C LEU F 219 -16.53 30.66 1.26
N VAL F 220 -17.73 30.13 1.05
CA VAL F 220 -18.80 30.80 0.32
C VAL F 220 -20.04 30.80 1.20
N ALA F 221 -20.89 31.81 1.01
CA ALA F 221 -22.14 31.90 1.75
C ALA F 221 -23.27 32.52 0.92
N SER F 222 -24.49 32.08 1.20
CA SER F 222 -25.70 32.74 0.69
C SER F 222 -25.89 34.09 1.40
N ARG F 223 -25.99 35.14 0.59
CA ARG F 223 -26.27 36.47 1.11
C ARG F 223 -27.60 36.50 1.88
N ARG F 224 -28.65 35.95 1.28
CA ARG F 224 -29.97 35.92 1.92
C ARG F 224 -29.94 35.22 3.29
N SER F 225 -29.17 34.14 3.39
CA SER F 225 -28.97 33.45 4.68
C SER F 225 -28.32 34.33 5.75
N MET F 226 -27.28 35.06 5.37
CA MET F 226 -26.50 35.86 6.31
C MET F 226 -27.19 37.12 6.77
N ILE F 227 -27.79 37.86 5.85
CA ILE F 227 -28.55 39.06 6.19
C ILE F 227 -29.83 38.70 6.93
N GLY F 228 -30.35 37.50 6.66
CA GLY F 228 -31.58 37.02 7.27
C GLY F 228 -31.50 36.58 8.72
N ARG F 229 -30.47 35.83 9.10
CA ARG F 229 -30.39 35.24 10.44
C ARG F 229 -29.07 35.63 11.12
N LYS F 230 -29.17 36.08 12.37
CA LYS F 230 -28.01 36.56 13.10
C LYS F 230 -27.00 35.44 13.35
N GLY F 231 -27.51 34.24 13.65
CA GLY F 231 -26.67 33.06 13.86
C GLY F 231 -25.81 32.69 12.66
N VAL F 232 -26.36 32.88 11.47
CA VAL F 232 -25.59 32.63 10.25
C VAL F 232 -24.48 33.67 10.09
N LEU F 233 -24.77 34.93 10.37
CA LEU F 233 -23.78 36.00 10.28
C LEU F 233 -22.68 35.83 11.32
N GLU F 234 -23.07 35.44 12.52
CA GLU F 234 -22.12 35.20 13.60
C GLU F 234 -21.21 34.01 13.36
N THR F 235 -21.74 32.90 12.86
CA THR F 235 -20.89 31.72 12.64
C THR F 235 -19.94 31.97 11.48
N THR F 236 -20.42 32.62 10.41
CA THR F 236 -19.54 33.02 9.32
C THR F 236 -18.36 33.86 9.82
N HIS F 237 -18.65 34.76 10.74
CA HIS F 237 -17.63 35.64 11.30
C HIS F 237 -16.61 34.82 12.08
N GLU F 238 -17.08 33.89 12.92
CA GLU F 238 -16.20 33.00 13.69
C GLU F 238 -15.31 32.20 12.76
N MET F 239 -15.91 31.58 11.75
CA MET F 239 -15.18 30.78 10.78
C MET F 239 -14.11 31.59 10.06
N LEU F 240 -14.48 32.76 9.57
CA LEU F 240 -13.54 33.65 8.90
C LEU F 240 -12.35 33.93 9.78
N GLU F 241 -12.63 34.34 11.02
CA GLU F 241 -11.56 34.68 11.97
C GLU F 241 -10.67 33.51 12.30
N ARG F 242 -11.27 32.36 12.58
CA ARG F 242 -10.51 31.14 12.86
C ARG F 242 -9.69 30.65 11.66
N LEU F 243 -10.25 30.77 10.45
CA LEU F 243 -9.55 30.36 9.24
C LEU F 243 -8.39 31.29 8.92
N GLU F 244 -8.62 32.59 8.90
CA GLU F 244 -7.53 33.53 8.59
C GLU F 244 -6.45 33.57 9.69
N ALA F 245 -6.85 33.30 10.94
CA ALA F 245 -5.90 33.25 12.04
C ALA F 245 -4.89 32.14 11.81
N HIS F 246 -5.40 31.00 11.35
CA HIS F 246 -4.56 29.87 11.00
C HIS F 246 -3.68 30.19 9.80
N LEU F 247 -4.29 30.67 8.72
CA LEU F 247 -3.57 30.93 7.47
C LEU F 247 -2.48 32.00 7.63
N ARG F 248 -2.77 33.07 8.37
CA ARG F 248 -1.79 34.11 8.65
C ARG F 248 -0.58 33.56 9.38
N ALA F 249 -0.83 32.83 10.47
CA ALA F 249 0.22 32.20 11.29
C ALA F 249 1.14 31.26 10.52
N MET F 250 0.58 30.53 9.55
CA MET F 250 1.37 29.65 8.70
C MET F 250 2.36 30.39 7.82
N GLY F 251 2.22 31.69 7.65
CA GLY F 251 3.17 32.51 6.91
C GLY F 251 4.05 33.41 7.77
N GLN F 252 4.04 33.21 9.09
CA GLN F 252 4.80 34.05 10.04
C GLN F 252 5.62 33.19 11.01
N PHE F 253 6.75 33.76 11.45
CA PHE F 253 7.52 33.28 12.60
C PHE F 253 7.49 34.34 13.67
N THR F 254 7.76 33.96 14.91
CA THR F 254 8.15 34.96 15.92
C THR F 254 9.66 34.89 16.01
N VAL F 255 10.27 36.08 16.02
CA VAL F 255 11.71 36.21 16.01
C VAL F 255 12.10 36.89 17.31
N VAL F 256 13.15 36.37 17.95
CA VAL F 256 13.73 36.95 19.16
C VAL F 256 15.19 37.21 18.89
N ALA F 257 15.55 38.47 18.66
CA ALA F 257 16.92 38.88 18.35
C ALA F 257 17.55 39.65 19.53
N ASN F 258 18.84 39.40 19.77
CA ASN F 258 19.61 40.09 20.81
C ASN F 258 20.42 41.25 20.23
N MET F 259 20.04 42.46 20.61
CA MET F 259 20.62 43.72 20.10
C MET F 259 21.51 44.39 21.15
N ARG F 260 22.56 45.06 20.69
CA ARG F 260 23.47 45.82 21.55
C ARG F 260 22.88 47.22 21.78
N GLY F 261 23.08 47.77 22.97
CA GLY F 261 22.58 49.11 23.30
C GLY F 261 22.54 49.38 24.77
N SER F 262 22.63 50.67 25.13
CA SER F 262 22.66 51.10 26.52
C SER F 262 21.30 50.92 27.22
N SER F 263 20.22 51.33 26.54
CA SER F 263 18.87 51.22 27.10
C SER F 263 17.95 50.42 26.19
N ALA F 264 16.81 50.00 26.75
CA ALA F 264 15.77 49.30 25.99
C ALA F 264 15.15 50.17 24.91
N GLU F 265 14.97 51.45 25.22
CA GLU F 265 14.27 52.39 24.33
C GLU F 265 15.15 52.82 23.16
N GLU F 266 16.46 52.92 23.40
CA GLU F 266 17.44 53.18 22.35
C GLU F 266 17.35 52.12 21.26
N VAL F 267 17.37 50.86 21.68
CA VAL F 267 17.27 49.69 20.79
C VAL F 267 15.98 49.77 19.98
N ALA F 268 14.87 49.85 20.69
CA ALA F 268 13.52 49.95 20.11
C ALA F 268 13.45 50.91 18.91
N GLU F 269 14.10 52.07 19.03
CA GLU F 269 14.14 53.07 17.95
C GLU F 269 14.82 52.53 16.71
N ARG F 270 16.08 52.10 16.85
CA ARG F 270 16.88 51.60 15.72
C ARG F 270 16.11 50.57 14.90
N VAL F 271 15.45 49.66 15.61
CA VAL F 271 14.56 48.70 15.02
C VAL F 271 13.42 49.43 14.33
N LEU F 272 12.72 50.27 15.09
CA LEU F 272 11.57 51.02 14.56
C LEU F 272 11.89 52.01 13.42
N SER F 273 13.16 52.43 13.29
CA SER F 273 13.63 53.25 12.16
C SER F 273 13.60 52.50 10.84
N GLN F 274 14.14 51.28 10.84
CA GLN F 274 14.22 50.46 9.64
C GLN F 274 12.83 50.19 9.05
N PRO F 275 12.53 50.78 7.86
CA PRO F 275 11.22 50.53 7.25
C PRO F 275 11.09 49.13 6.64
N SER F 276 12.19 48.60 6.10
CA SER F 276 12.23 47.24 5.54
C SER F 276 11.94 46.18 6.60
N LEU F 277 12.44 46.40 7.81
CA LEU F 277 12.26 45.47 8.92
C LEU F 277 10.78 45.23 9.16
N ALA F 278 10.43 43.96 9.38
CA ALA F 278 9.05 43.50 9.35
C ALA F 278 8.16 44.06 10.45
N GLY F 279 7.00 44.57 10.03
CA GLY F 279 5.97 45.07 10.91
C GLY F 279 5.11 43.94 11.46
N LEU F 280 4.38 44.26 12.51
CA LEU F 280 3.54 43.30 13.21
C LEU F 280 2.50 44.17 13.95
N GLN F 281 2.42 44.07 15.28
CA GLN F 281 1.85 45.14 16.11
C GLN F 281 2.97 46.07 16.58
N GLY F 282 4.03 45.48 17.14
CA GLY F 282 5.28 46.21 17.39
C GLY F 282 6.28 45.41 18.23
N PRO F 283 7.53 45.90 18.32
CA PRO F 283 8.54 45.21 19.13
C PRO F 283 8.31 45.31 20.63
N THR F 284 8.72 44.26 21.32
CA THR F 284 8.81 44.21 22.76
C THR F 284 10.30 44.14 22.97
N VAL F 285 10.81 44.70 24.06
CA VAL F 285 12.23 44.52 24.40
C VAL F 285 12.52 44.42 25.90
N SER F 286 13.12 43.28 26.28
CA SER F 286 13.50 42.97 27.65
C SER F 286 15.01 42.70 27.70
N PRO F 287 15.63 42.79 28.89
CA PRO F 287 17.09 42.82 28.93
C PRO F 287 17.70 41.43 29.09
N VAL F 288 18.83 41.22 28.41
CA VAL F 288 19.55 39.94 28.47
C VAL F 288 20.71 40.09 29.45
N PHE F 289 20.63 39.34 30.56
CA PHE F 289 21.60 39.46 31.64
C PHE F 289 22.87 38.63 31.47
N CYS F 290 23.91 39.02 32.20
CA CYS F 290 25.19 38.29 32.28
C CYS F 290 25.95 38.65 33.57
N LYS F 291 26.93 37.82 33.91
CA LYS F 291 27.61 37.82 35.24
C LYS F 291 28.90 38.63 35.22
N ARG F 292 28.91 39.75 35.95
CA ARG F 292 30.08 40.64 36.11
C ARG F 292 30.24 41.09 37.57
N SER F 297 26.22 42.31 33.73
CA SER F 297 24.83 42.71 33.87
C SER F 297 24.33 43.57 32.69
N ALA F 298 23.48 42.97 31.83
CA ALA F 298 22.70 43.67 30.78
C ALA F 298 23.48 43.95 29.48
N ASP F 299 24.09 42.90 28.95
CA ASP F 299 24.94 42.96 27.74
C ASP F 299 24.16 43.15 26.42
N TYR F 300 23.04 42.45 26.27
CA TYR F 300 22.13 42.62 25.12
C TYR F 300 20.70 42.98 25.56
N TYR F 301 19.90 43.41 24.59
CA TYR F 301 18.47 43.62 24.77
C TYR F 301 17.68 42.79 23.74
N ALA F 302 16.72 42.02 24.24
CA ALA F 302 15.99 41.02 23.45
C ALA F 302 14.71 41.60 22.84
N ILE F 303 14.81 42.00 21.56
CA ILE F 303 13.61 42.38 20.79
C ILE F 303 12.79 41.15 20.34
N VAL F 304 11.47 41.28 20.36
CA VAL F 304 10.52 40.22 20.04
C VAL F 304 9.56 40.72 18.97
N ILE F 305 9.95 40.50 17.73
CA ILE F 305 9.14 40.90 16.59
C ILE F 305 8.60 39.65 15.91
N CYS F 306 7.90 39.88 14.81
CA CYS F 306 7.10 38.85 14.20
C CYS F 306 7.15 39.08 12.69
N VAL F 307 7.83 38.15 12.01
CA VAL F 307 8.37 38.38 10.66
C VAL F 307 7.76 37.36 9.68
N PRO F 308 7.52 37.76 8.40
CA PRO F 308 7.05 36.76 7.42
C PRO F 308 8.12 35.74 7.05
N LYS F 309 7.68 34.51 6.81
CA LYS F 309 8.58 33.41 6.53
C LYS F 309 9.39 33.68 5.28
N LYS F 310 8.74 34.29 4.29
CA LYS F 310 9.38 34.65 3.03
C LYS F 310 10.65 35.49 3.19
N ALA F 311 10.60 36.44 4.11
CA ALA F 311 11.70 37.36 4.33
C ALA F 311 12.35 37.16 5.70
N LEU F 312 12.56 35.92 6.10
CA LEU F 312 13.20 35.65 7.39
C LEU F 312 14.67 35.98 7.35
N TYR F 313 15.38 35.48 6.34
CA TYR F 313 16.83 35.64 6.28
C TYR F 313 17.21 37.07 5.99
N LYS F 314 16.50 37.71 5.06
CA LYS F 314 16.63 39.15 4.83
C LYS F 314 16.57 39.93 6.15
N SER F 315 15.55 39.62 6.97
CA SER F 315 15.34 40.33 8.24
C SER F 315 16.45 40.08 9.23
N ILE F 316 16.91 38.85 9.29
CA ILE F 316 18.09 38.50 10.08
C ILE F 316 19.35 39.27 9.62
N GLN F 317 19.53 39.41 8.30
CA GLN F 317 20.66 40.18 7.74
C GLN F 317 20.58 41.67 8.10
N GLN F 318 19.40 42.25 7.90
CA GLN F 318 19.13 43.66 8.20
C GLN F 318 19.45 44.02 9.63
N LEU F 319 18.97 43.20 10.55
CA LEU F 319 19.08 43.52 11.97
C LEU F 319 20.40 43.03 12.58
N ARG F 320 21.19 42.31 11.79
CA ARG F 320 22.63 42.14 12.07
C ARG F 320 23.43 43.40 11.81
N ALA F 321 23.07 44.12 10.76
CA ALA F 321 23.67 45.43 10.44
C ALA F 321 23.43 46.47 11.54
N ILE F 322 22.30 46.35 12.24
CA ILE F 322 21.87 47.25 13.33
C ILE F 322 22.35 46.71 14.72
N GLY F 323 23.43 45.93 14.71
CA GLY F 323 24.05 45.43 15.94
C GLY F 323 23.32 44.28 16.60
N GLY F 324 22.72 43.42 15.79
CA GLY F 324 22.09 42.20 16.27
C GLY F 324 23.05 41.02 16.27
N SER F 325 22.70 40.00 17.04
CA SER F 325 23.59 38.87 17.29
C SER F 325 22.85 37.53 17.15
N GLY F 326 22.37 36.97 18.25
CA GLY F 326 21.71 35.66 18.26
C GLY F 326 20.23 35.83 17.97
N VAL F 327 19.72 35.09 16.98
CA VAL F 327 18.32 35.15 16.61
C VAL F 327 17.67 33.79 16.89
N LEU F 328 16.49 33.83 17.52
CA LEU F 328 15.71 32.65 17.86
C LEU F 328 14.36 32.70 17.16
N VAL F 329 14.20 31.84 16.18
CA VAL F 329 12.95 31.73 15.43
C VAL F 329 12.11 30.62 16.04
N SER F 330 10.84 30.93 16.31
CA SER F 330 9.89 29.97 16.86
C SER F 330 8.54 30.09 16.11
N PRO F 331 7.72 29.03 16.12
CA PRO F 331 6.51 29.00 15.32
C PRO F 331 5.31 29.67 15.98
N LEU F 332 4.35 30.06 15.15
CA LEU F 332 3.03 30.53 15.59
C LEU F 332 1.95 29.54 15.16
N THR F 333 0.94 29.38 16.00
CA THR F 333 -0.22 28.54 15.70
C THR F 333 -1.29 29.39 15.06
N TYR F 334 -1.63 30.51 15.70
CA TYR F 334 -2.64 31.46 15.18
C TYR F 334 -2.21 32.91 15.37
N ILE F 335 -2.72 33.77 14.49
CA ILE F 335 -2.60 35.21 14.62
C ILE F 335 -3.99 35.80 14.42
N PHE F 336 -4.59 36.28 15.51
CA PHE F 336 -5.90 36.95 15.45
C PHE F 336 -5.70 38.45 15.42
N ASP F 337 -5.90 39.06 14.26
CA ASP F 337 -5.95 40.50 14.16
C ASP F 337 -7.32 40.95 14.68
N GLU F 338 -7.37 42.09 15.37
CA GLU F 338 -8.60 42.57 16.02
C GLU F 338 -9.81 42.73 15.10
N GLU F 339 -9.59 43.27 13.91
CA GLU F 339 -10.61 43.23 12.89
C GLU F 339 -9.96 43.03 11.52
N THR F 340 -10.37 41.94 10.87
CA THR F 340 -9.85 41.54 9.56
C THR F 340 -10.38 42.47 8.49
N PRO F 341 -9.52 42.82 7.51
CA PRO F 341 -10.02 43.47 6.29
C PRO F 341 -11.11 42.71 5.55
N ARG F 342 -11.12 41.38 5.65
CA ARG F 342 -12.16 40.55 5.00
C ARG F 342 -13.54 40.70 5.60
N TRP F 343 -13.60 40.91 6.91
CA TRP F 343 -14.88 41.12 7.58
C TRP F 343 -15.52 42.43 7.11
N ARG F 344 -14.73 43.50 7.07
CA ARG F 344 -15.16 44.76 6.47
C ARG F 344 -15.65 44.56 5.04
N GLN F 345 -14.82 43.90 4.25
CA GLN F 345 -15.14 43.60 2.86
C GLN F 345 -16.42 42.79 2.71
N LEU F 346 -16.67 41.87 3.64
CA LEU F 346 -17.84 41.00 3.60
C LEU F 346 -19.11 41.79 3.84
N LEU F 347 -19.10 42.64 4.87
CA LEU F 347 -20.24 43.53 5.12
C LEU F 347 -20.52 44.41 3.91
N SER F 348 -19.45 44.88 3.29
CA SER F 348 -19.55 45.67 2.07
C SER F 348 -20.15 44.89 0.89
N LYS F 349 -19.79 43.62 0.75
CA LYS F 349 -20.38 42.73 -0.25
C LYS F 349 -21.83 42.37 0.05
N LEU F 350 -22.21 42.38 1.32
CA LEU F 350 -23.59 42.11 1.70
C LEU F 350 -24.50 43.29 1.31
N GLY F 351 -24.07 44.51 1.63
CA GLY F 351 -24.80 45.73 1.27
C GLY F 351 -25.13 45.84 -0.23
N LEU F 352 -26.41 45.63 -0.57
CA LEU F 352 -26.89 45.56 -1.95
C LEU F 352 -26.27 44.40 -2.76
#